data_2PRT
# 
_entry.id   2PRT 
# 
_audit_conform.dict_name       mmcif_pdbx.dic 
_audit_conform.dict_version    5.377 
_audit_conform.dict_location   http://mmcif.pdb.org/dictionaries/ascii/mmcif_pdbx.dic 
# 
loop_
_database_2.database_id 
_database_2.database_code 
_database_2.pdbx_database_accession 
_database_2.pdbx_DOI 
PDB   2PRT         pdb_00002prt 10.2210/pdb2prt/pdb 
NDB   PD1019       ?            ?                   
RCSB  RCSB042711   ?            ?                   
WWPDB D_1000042711 ?            ?                   
# 
_pdbx_database_status.status_code                     REL 
_pdbx_database_status.entry_id                        2PRT 
_pdbx_database_status.recvd_initial_deposition_date   2007-05-04 
_pdbx_database_status.deposit_site                    RCSB 
_pdbx_database_status.process_site                    RCSB 
_pdbx_database_status.status_code_sf                  ? 
_pdbx_database_status.status_code_mr                  ? 
_pdbx_database_status.SG_entry                        ? 
_pdbx_database_status.pdb_format_compatible           Y 
_pdbx_database_status.status_code_cs                  ? 
_pdbx_database_status.status_code_nmr_data            ? 
_pdbx_database_status.methods_development_category    ? 
# 
loop_
_audit_author.name 
_audit_author.pdbx_ordinal 
'Stoll, R.'    1 
'Lee, B.M.'    2 
'Debler, E.W.' 3 
'Laity, J.H.'  4 
'Wilson, I.A.' 5 
'Dyson, H.J.'  6 
'Wright, P.E.' 7 
# 
_citation.id                        primary 
_citation.title                     'Structure of the Wilms tumor suppressor protein zinc finger domain bound to DNA' 
_citation.journal_abbrev            J.Mol.Biol. 
_citation.journal_volume            372 
_citation.page_first                1227 
_citation.page_last                 1245 
_citation.year                      2007 
_citation.journal_id_ASTM           JMOBAK 
_citation.country                   UK 
_citation.journal_id_ISSN           0022-2836 
_citation.journal_id_CSD            0070 
_citation.book_publisher            ? 
_citation.pdbx_database_id_PubMed   17716689 
_citation.pdbx_database_id_DOI      10.1016/j.jmb.2007.07.017 
# 
loop_
_citation_author.citation_id 
_citation_author.name 
_citation_author.ordinal 
_citation_author.identifier_ORCID 
primary 'Stoll, R.'    1 ? 
primary 'Lee, B.M.'    2 ? 
primary 'Debler, E.W.' 3 ? 
primary 'Laity, J.H.'  4 ? 
primary 'Wilson, I.A.' 5 ? 
primary 'Dyson, H.J.'  6 ? 
primary 'Wright, P.E.' 7 ? 
# 
_cell.entry_id           2PRT 
_cell.length_a           86.879 
_cell.length_b           86.879 
_cell.length_c           171.202 
_cell.angle_alpha        90.00 
_cell.angle_beta         90.00 
_cell.angle_gamma        120.00 
_cell.Z_PDB              12 
_cell.pdbx_unique_axis   ? 
_cell.length_a_esd       ? 
_cell.length_b_esd       ? 
_cell.length_c_esd       ? 
_cell.angle_alpha_esd    ? 
_cell.angle_beta_esd     ? 
_cell.angle_gamma_esd    ? 
# 
_symmetry.entry_id                         2PRT 
_symmetry.space_group_name_H-M             'P 61 2 2' 
_symmetry.pdbx_full_space_group_name_H-M   ? 
_symmetry.cell_setting                     ? 
_symmetry.Int_Tables_number                178 
_symmetry.space_group_name_Hall            ? 
# 
loop_
_entity.id 
_entity.type 
_entity.src_method 
_entity.pdbx_description 
_entity.formula_weight 
_entity.pdbx_number_of_molecules 
_entity.pdbx_ec 
_entity.pdbx_mutation 
_entity.pdbx_fragment 
_entity.details 
1 polymer     syn 
;DNA (5'-D(*CP*GP*CP*GP*GP*GP*GP*GP*CP*GP*TP*CP*TP*G)-3')
;
4353.801  1 ? ? ?                  ? 
2 polymer     syn 
;DNA (5'-D(*CP*AP*GP*AP*CP*GP*CP*CP*CP*CP*CP*GP*CP*G)-3')
;
4211.734  1 ? ? ?                  ? 
3 polymer     man 'Wilms tumor 1'                                            14488.708 1 ? ? 'residues 174-291' ? 
4 non-polymer syn 'ZINC ION'                                                 65.409    4 ? ? ?                  ? 
# 
loop_
_entity_poly.entity_id 
_entity_poly.type 
_entity_poly.nstd_linkage 
_entity_poly.nstd_monomer 
_entity_poly.pdbx_seq_one_letter_code 
_entity_poly.pdbx_seq_one_letter_code_can 
_entity_poly.pdbx_strand_id 
_entity_poly.pdbx_target_identifier 
1 polydeoxyribonucleotide no no '(DC)(DG)(DC)(DG)(DG)(DG)(DG)(DG)(DC)(DG)(DT)(DC)(DT)(DG)' CGCGGGGGCGTCTG B ? 
2 polydeoxyribonucleotide no no '(DC)(DA)(DG)(DA)(DC)(DG)(DC)(DC)(DC)(DC)(DC)(DG)(DC)(DG)' CAGACGCCCCCGCG C ? 
3 'polypeptide(L)'        no no 
;ASEKRPFMCAYPGCNKRYFKLSHLQMHSRKHTGEKPYQCDFKDCERRFSRSDQLKRHQRRHTGVKPFQCKTCQRKFSRSD
HLKTHTRTHTGEKPFSCRWPSCQKKFARSDELVRHHNMH
;
;ASEKRPFMCAYPGCNKRYFKLSHLQMHSRKHTGEKPYQCDFKDCERRFSRSDQLKRHQRRHTGVKPFQCKTCQRKFSRSD
HLKTHTRTHTGEKPFSCRWPSCQKKFARSDELVRHHNMH
;
A ? 
# 
loop_
_entity_poly_seq.entity_id 
_entity_poly_seq.num 
_entity_poly_seq.mon_id 
_entity_poly_seq.hetero 
1 1   DC  n 
1 2   DG  n 
1 3   DC  n 
1 4   DG  n 
1 5   DG  n 
1 6   DG  n 
1 7   DG  n 
1 8   DG  n 
1 9   DC  n 
1 10  DG  n 
1 11  DT  n 
1 12  DC  n 
1 13  DT  n 
1 14  DG  n 
2 1   DC  n 
2 2   DA  n 
2 3   DG  n 
2 4   DA  n 
2 5   DC  n 
2 6   DG  n 
2 7   DC  n 
2 8   DC  n 
2 9   DC  n 
2 10  DC  n 
2 11  DC  n 
2 12  DG  n 
2 13  DC  n 
2 14  DG  n 
3 1   ALA n 
3 2   SER n 
3 3   GLU n 
3 4   LYS n 
3 5   ARG n 
3 6   PRO n 
3 7   PHE n 
3 8   MET n 
3 9   CYS n 
3 10  ALA n 
3 11  TYR n 
3 12  PRO n 
3 13  GLY n 
3 14  CYS n 
3 15  ASN n 
3 16  LYS n 
3 17  ARG n 
3 18  TYR n 
3 19  PHE n 
3 20  LYS n 
3 21  LEU n 
3 22  SER n 
3 23  HIS n 
3 24  LEU n 
3 25  GLN n 
3 26  MET n 
3 27  HIS n 
3 28  SER n 
3 29  ARG n 
3 30  LYS n 
3 31  HIS n 
3 32  THR n 
3 33  GLY n 
3 34  GLU n 
3 35  LYS n 
3 36  PRO n 
3 37  TYR n 
3 38  GLN n 
3 39  CYS n 
3 40  ASP n 
3 41  PHE n 
3 42  LYS n 
3 43  ASP n 
3 44  CYS n 
3 45  GLU n 
3 46  ARG n 
3 47  ARG n 
3 48  PHE n 
3 49  SER n 
3 50  ARG n 
3 51  SER n 
3 52  ASP n 
3 53  GLN n 
3 54  LEU n 
3 55  LYS n 
3 56  ARG n 
3 57  HIS n 
3 58  GLN n 
3 59  ARG n 
3 60  ARG n 
3 61  HIS n 
3 62  THR n 
3 63  GLY n 
3 64  VAL n 
3 65  LYS n 
3 66  PRO n 
3 67  PHE n 
3 68  GLN n 
3 69  CYS n 
3 70  LYS n 
3 71  THR n 
3 72  CYS n 
3 73  GLN n 
3 74  ARG n 
3 75  LYS n 
3 76  PHE n 
3 77  SER n 
3 78  ARG n 
3 79  SER n 
3 80  ASP n 
3 81  HIS n 
3 82  LEU n 
3 83  LYS n 
3 84  THR n 
3 85  HIS n 
3 86  THR n 
3 87  ARG n 
3 88  THR n 
3 89  HIS n 
3 90  THR n 
3 91  GLY n 
3 92  GLU n 
3 93  LYS n 
3 94  PRO n 
3 95  PHE n 
3 96  SER n 
3 97  CYS n 
3 98  ARG n 
3 99  TRP n 
3 100 PRO n 
3 101 SER n 
3 102 CYS n 
3 103 GLN n 
3 104 LYS n 
3 105 LYS n 
3 106 PHE n 
3 107 ALA n 
3 108 ARG n 
3 109 SER n 
3 110 ASP n 
3 111 GLU n 
3 112 LEU n 
3 113 VAL n 
3 114 ARG n 
3 115 HIS n 
3 116 HIS n 
3 117 ASN n 
3 118 MET n 
3 119 HIS n 
# 
_entity_src_gen.entity_id                          3 
_entity_src_gen.pdbx_src_id                        1 
_entity_src_gen.pdbx_alt_source_flag               sample 
_entity_src_gen.pdbx_seq_type                      ? 
_entity_src_gen.pdbx_beg_seq_num                   ? 
_entity_src_gen.pdbx_end_seq_num                   ? 
_entity_src_gen.gene_src_common_name               human 
_entity_src_gen.gene_src_genus                     Homo 
_entity_src_gen.pdbx_gene_src_gene                 WT1 
_entity_src_gen.gene_src_species                   ? 
_entity_src_gen.gene_src_strain                    ? 
_entity_src_gen.gene_src_tissue                    ? 
_entity_src_gen.gene_src_tissue_fraction           ? 
_entity_src_gen.gene_src_details                   ? 
_entity_src_gen.pdbx_gene_src_fragment             ? 
_entity_src_gen.pdbx_gene_src_scientific_name      'Homo sapiens' 
_entity_src_gen.pdbx_gene_src_ncbi_taxonomy_id     9606 
_entity_src_gen.pdbx_gene_src_variant              ? 
_entity_src_gen.pdbx_gene_src_cell_line            ? 
_entity_src_gen.pdbx_gene_src_atcc                 ? 
_entity_src_gen.pdbx_gene_src_organ                ? 
_entity_src_gen.pdbx_gene_src_organelle            ? 
_entity_src_gen.pdbx_gene_src_cell                 ? 
_entity_src_gen.pdbx_gene_src_cellular_location    ? 
_entity_src_gen.host_org_common_name               ? 
_entity_src_gen.pdbx_host_org_scientific_name      'Escherichia coli' 
_entity_src_gen.pdbx_host_org_ncbi_taxonomy_id     562 
_entity_src_gen.host_org_genus                     Escherichia 
_entity_src_gen.pdbx_host_org_gene                 ? 
_entity_src_gen.pdbx_host_org_organ                ? 
_entity_src_gen.host_org_species                   ? 
_entity_src_gen.pdbx_host_org_tissue               ? 
_entity_src_gen.pdbx_host_org_tissue_fraction      ? 
_entity_src_gen.pdbx_host_org_strain               ? 
_entity_src_gen.pdbx_host_org_variant              ? 
_entity_src_gen.pdbx_host_org_cell_line            ? 
_entity_src_gen.pdbx_host_org_atcc                 ? 
_entity_src_gen.pdbx_host_org_culture_collection   ? 
_entity_src_gen.pdbx_host_org_cell                 ? 
_entity_src_gen.pdbx_host_org_organelle            ? 
_entity_src_gen.pdbx_host_org_cellular_location    ? 
_entity_src_gen.pdbx_host_org_vector_type          ? 
_entity_src_gen.pdbx_host_org_vector               ? 
_entity_src_gen.host_org_details                   ? 
_entity_src_gen.expression_system_id               ? 
_entity_src_gen.plasmid_name                       ? 
_entity_src_gen.plasmid_details                    ? 
_entity_src_gen.pdbx_description                   ? 
# 
loop_
_struct_ref.id 
_struct_ref.db_name 
_struct_ref.db_code 
_struct_ref.pdbx_db_accession 
_struct_ref.entity_id 
_struct_ref.pdbx_seq_one_letter_code 
_struct_ref.pdbx_align_begin 
_struct_ref.pdbx_db_isoform 
1 UNP Q4VXV4_HUMAN Q4VXV4 3 
;SEKRPFMCAYPGCNKRYFKLSHLQMHSRKHTGEKPYQCDFKDCERRFSRSDQLKRHQRRHTGVKPFQCKTCQRKFSRSDH
LKTHTRTHTGEKPFSCRWPSCQKKFARSDELVRHHNMH
;
174 ? 
2 PDB 2PRT         2PRT   1 ? ?   ? 
3 PDB 2PRT         2PRT   2 ? ?   ? 
# 
loop_
_struct_ref_seq.align_id 
_struct_ref_seq.ref_id 
_struct_ref_seq.pdbx_PDB_id_code 
_struct_ref_seq.pdbx_strand_id 
_struct_ref_seq.seq_align_beg 
_struct_ref_seq.pdbx_seq_align_beg_ins_code 
_struct_ref_seq.seq_align_end 
_struct_ref_seq.pdbx_seq_align_end_ins_code 
_struct_ref_seq.pdbx_db_accession 
_struct_ref_seq.db_align_beg 
_struct_ref_seq.pdbx_db_align_beg_ins_code 
_struct_ref_seq.db_align_end 
_struct_ref_seq.pdbx_db_align_end_ins_code 
_struct_ref_seq.pdbx_auth_seq_align_beg 
_struct_ref_seq.pdbx_auth_seq_align_end 
1 1 2PRT A 2 ? 119 ? Q4VXV4 174 ? 291 ? 318 435 
2 2 2PRT B 1 ? 14  ? 2PRT   1   ? 14  ? 1   14  
3 3 2PRT C 1 ? 14  ? 2PRT   49  ? 62  ? 49  62  
# 
_struct_ref_seq_dif.align_id                     1 
_struct_ref_seq_dif.pdbx_pdb_id_code             2PRT 
_struct_ref_seq_dif.mon_id                       ALA 
_struct_ref_seq_dif.pdbx_pdb_strand_id           A 
_struct_ref_seq_dif.seq_num                      1 
_struct_ref_seq_dif.pdbx_pdb_ins_code            ? 
_struct_ref_seq_dif.pdbx_seq_db_name             UNP 
_struct_ref_seq_dif.pdbx_seq_db_accession_code   Q4VXV4 
_struct_ref_seq_dif.db_mon_id                    ? 
_struct_ref_seq_dif.pdbx_seq_db_seq_num          ? 
_struct_ref_seq_dif.details                      'expression tag' 
_struct_ref_seq_dif.pdbx_auth_seq_num            317 
_struct_ref_seq_dif.pdbx_ordinal                 1 
# 
loop_
_chem_comp.id 
_chem_comp.type 
_chem_comp.mon_nstd_flag 
_chem_comp.name 
_chem_comp.pdbx_synonyms 
_chem_comp.formula 
_chem_comp.formula_weight 
ALA 'L-peptide linking' y ALANINE                              ? 'C3 H7 N O2'      89.093  
ARG 'L-peptide linking' y ARGININE                             ? 'C6 H15 N4 O2 1'  175.209 
ASN 'L-peptide linking' y ASPARAGINE                           ? 'C4 H8 N2 O3'     132.118 
ASP 'L-peptide linking' y 'ASPARTIC ACID'                      ? 'C4 H7 N O4'      133.103 
CYS 'L-peptide linking' y CYSTEINE                             ? 'C3 H7 N O2 S'    121.158 
DA  'DNA linking'       y "2'-DEOXYADENOSINE-5'-MONOPHOSPHATE" ? 'C10 H14 N5 O6 P' 331.222 
DC  'DNA linking'       y "2'-DEOXYCYTIDINE-5'-MONOPHOSPHATE"  ? 'C9 H14 N3 O7 P'  307.197 
DG  'DNA linking'       y "2'-DEOXYGUANOSINE-5'-MONOPHOSPHATE" ? 'C10 H14 N5 O7 P' 347.221 
DT  'DNA linking'       y "THYMIDINE-5'-MONOPHOSPHATE"         ? 'C10 H15 N2 O8 P' 322.208 
GLN 'L-peptide linking' y GLUTAMINE                            ? 'C5 H10 N2 O3'    146.144 
GLU 'L-peptide linking' y 'GLUTAMIC ACID'                      ? 'C5 H9 N O4'      147.129 
GLY 'peptide linking'   y GLYCINE                              ? 'C2 H5 N O2'      75.067  
HIS 'L-peptide linking' y HISTIDINE                            ? 'C6 H10 N3 O2 1'  156.162 
LEU 'L-peptide linking' y LEUCINE                              ? 'C6 H13 N O2'     131.173 
LYS 'L-peptide linking' y LYSINE                               ? 'C6 H15 N2 O2 1'  147.195 
MET 'L-peptide linking' y METHIONINE                           ? 'C5 H11 N O2 S'   149.211 
PHE 'L-peptide linking' y PHENYLALANINE                        ? 'C9 H11 N O2'     165.189 
PRO 'L-peptide linking' y PROLINE                              ? 'C5 H9 N O2'      115.130 
SER 'L-peptide linking' y SERINE                               ? 'C3 H7 N O3'      105.093 
THR 'L-peptide linking' y THREONINE                            ? 'C4 H9 N O3'      119.119 
TRP 'L-peptide linking' y TRYPTOPHAN                           ? 'C11 H12 N2 O2'   204.225 
TYR 'L-peptide linking' y TYROSINE                             ? 'C9 H11 N O3'     181.189 
VAL 'L-peptide linking' y VALINE                               ? 'C5 H11 N O2'     117.146 
ZN  non-polymer         . 'ZINC ION'                           ? 'Zn 2'            65.409  
# 
_exptl.entry_id          2PRT 
_exptl.method            'X-RAY DIFFRACTION' 
_exptl.crystals_number   1 
# 
_exptl_crystal.id                    1 
_exptl_crystal.density_meas          ? 
_exptl_crystal.density_Matthews      3.97 
_exptl_crystal.density_percent_sol   69.04 
_exptl_crystal.description           ? 
_exptl_crystal.F_000                 ? 
_exptl_crystal.preparation           ? 
# 
_exptl_crystal_grow.crystal_id      1 
_exptl_crystal_grow.method          ? 
_exptl_crystal_grow.temp            277 
_exptl_crystal_grow.temp_details    ? 
_exptl_crystal_grow.pH              6.70 
_exptl_crystal_grow.pdbx_details    
'10 mM d11-Tris/HCl, 20 mM KCl, 5uM ZnSO4, 2mM NaN3, 10% D2O, pH 6.7, SMALL TUBES, temperature 277K, pH 6.70' 
_exptl_crystal_grow.pdbx_pH_range   . 
# 
loop_
_exptl_crystal_grow_comp.crystal_id 
_exptl_crystal_grow_comp.id 
_exptl_crystal_grow_comp.sol_id 
_exptl_crystal_grow_comp.name 
_exptl_crystal_grow_comp.volume 
_exptl_crystal_grow_comp.conc 
_exptl_crystal_grow_comp.details 
1 1 1 d11-Tris/HCl ? ? ? 
1 2 2 d11-Tris/HCl ? ? ? 
1 3 1 KCl          ? ? ? 
1 4 2 KCl          ? ? ? 
1 5 1 ZnSO4        ? ? ? 
1 6 2 ZnSO4        ? ? ? 
1 7 1 NaN3         ? ? ? 
1 8 2 NaN3         ? ? ? 
# 
_diffrn.id                     1 
_diffrn.ambient_temp           97 
_diffrn.ambient_temp_details   ? 
_diffrn.crystal_id             1 
# 
_diffrn_detector.diffrn_id              1 
_diffrn_detector.detector               ? 
_diffrn_detector.type                   ? 
_diffrn_detector.pdbx_collection_date   2002-02-01 
_diffrn_detector.details                ? 
# 
_diffrn_radiation.diffrn_id                        1 
_diffrn_radiation.wavelength_id                    1 
_diffrn_radiation.pdbx_monochromatic_or_laue_m_l   M 
_diffrn_radiation.monochromator                    ? 
_diffrn_radiation.pdbx_diffrn_protocol             'SINGLE WAVELENGTH' 
_diffrn_radiation.pdbx_scattering_type             x-ray 
# 
_diffrn_radiation_wavelength.id           1 
_diffrn_radiation_wavelength.wavelength   1.1921 
_diffrn_radiation_wavelength.wt           1.0 
# 
_diffrn_source.diffrn_id                   1 
_diffrn_source.source                      SYNCHROTRON 
_diffrn_source.type                        'SSRL BEAMLINE BL9-2' 
_diffrn_source.pdbx_synchrotron_site       SSRL 
_diffrn_source.pdbx_synchrotron_beamline   BL9-2 
_diffrn_source.pdbx_wavelength             1.1921 
_diffrn_source.pdbx_wavelength_list        ? 
# 
_reflns.entry_id                     2PRT 
_reflns.observed_criterion_sigma_I   ? 
_reflns.observed_criterion_sigma_F   ? 
_reflns.d_resolution_low             42.8 
_reflns.d_resolution_high            3.150 
_reflns.number_obs                   7166 
_reflns.number_all                   ? 
_reflns.percent_possible_obs         99.1 
_reflns.pdbx_Rmerge_I_obs            ? 
_reflns.pdbx_Rsym_value              0.085 
_reflns.pdbx_netI_over_sigmaI        22.9 
_reflns.B_iso_Wilson_estimate        ? 
_reflns.pdbx_redundancy              11.2 
_reflns.R_free_details               ? 
_reflns.pdbx_chi_squared             ? 
_reflns.pdbx_scaling_rejects         ? 
_reflns.limit_h_max                  ? 
_reflns.limit_h_min                  ? 
_reflns.limit_k_max                  ? 
_reflns.limit_k_min                  ? 
_reflns.limit_l_max                  ? 
_reflns.limit_l_min                  ? 
_reflns.observed_criterion_F_max     ? 
_reflns.observed_criterion_F_min     ? 
_reflns.pdbx_diffrn_id               1 
_reflns.pdbx_ordinal                 1 
# 
_reflns_shell.d_res_high             3.150 
_reflns_shell.d_res_low              ? 
_reflns_shell.percent_possible_all   100.0 
_reflns_shell.Rmerge_I_obs           ? 
_reflns_shell.pdbx_Rsym_value        0.435 
_reflns_shell.meanI_over_sigI_obs    5.3 
_reflns_shell.pdbx_redundancy        11.7 
_reflns_shell.percent_possible_obs   ? 
_reflns_shell.number_unique_all      ? 
_reflns_shell.number_measured_all    ? 
_reflns_shell.number_measured_obs    ? 
_reflns_shell.number_unique_obs      ? 
_reflns_shell.pdbx_chi_squared       ? 
_reflns_shell.pdbx_diffrn_id         ? 
_reflns_shell.pdbx_ordinal           1 
# 
_refine.entry_id                                 2PRT 
_refine.ls_number_reflns_obs                     6530 
_refine.ls_number_reflns_all                     ? 
_refine.pdbx_ls_sigma_I                          ? 
_refine.pdbx_ls_sigma_F                          ? 
_refine.pdbx_data_cutoff_high_absF               ? 
_refine.pdbx_data_cutoff_low_absF                ? 
_refine.pdbx_data_cutoff_high_rms_absF           ? 
_refine.ls_d_res_low                             ? 
_refine.ls_d_res_high                            3.15 
_refine.ls_percent_reflns_obs                    ? 
_refine.ls_R_factor_obs                          0.236 
_refine.ls_R_factor_all                          ? 
_refine.ls_R_factor_R_work                       0.236 
_refine.ls_R_factor_R_free                       0.277 
_refine.ls_R_factor_R_free_error                 ? 
_refine.ls_R_factor_R_free_error_details         ? 
_refine.ls_percent_reflns_R_free                 ? 
_refine.ls_number_reflns_R_free                  ? 
_refine.ls_number_parameters                     ? 
_refine.ls_number_restraints                     ? 
_refine.occupancy_min                            ? 
_refine.occupancy_max                            ? 
_refine.correlation_coeff_Fo_to_Fc               ? 
_refine.correlation_coeff_Fo_to_Fc_free          ? 
_refine.B_iso_mean                               ? 
_refine.aniso_B[1][1]                            ? 
_refine.aniso_B[2][2]                            ? 
_refine.aniso_B[3][3]                            ? 
_refine.aniso_B[1][2]                            ? 
_refine.aniso_B[1][3]                            ? 
_refine.aniso_B[2][3]                            ? 
_refine.solvent_model_details                    ? 
_refine.solvent_model_param_ksol                 ? 
_refine.solvent_model_param_bsol                 ? 
_refine.pdbx_solvent_vdw_probe_radii             ? 
_refine.pdbx_solvent_ion_probe_radii             ? 
_refine.pdbx_solvent_shrinkage_radii             ? 
_refine.pdbx_ls_cross_valid_method               ? 
_refine.details                                  ? 
_refine.pdbx_starting_model                      'PDB entry 1AAY' 
_refine.pdbx_method_to_determine_struct          'MOLECULAR REPLACEMENT' 
_refine.pdbx_isotropic_thermal_model             ? 
_refine.pdbx_stereochemistry_target_values       ? 
_refine.pdbx_stereochem_target_val_spec_case     ? 
_refine.pdbx_R_Free_selection_details            ? 
_refine.pdbx_overall_ESU_R                       ? 
_refine.pdbx_overall_ESU_R_Free                  ? 
_refine.overall_SU_ML                            ? 
_refine.overall_SU_B                             ? 
_refine.ls_redundancy_reflns_obs                 ? 
_refine.overall_SU_R_Cruickshank_DPI             ? 
_refine.overall_SU_R_free                        ? 
_refine.ls_wR_factor_R_free                      ? 
_refine.ls_wR_factor_R_work                      ? 
_refine.overall_FOM_free_R_set                   ? 
_refine.overall_FOM_work_R_set                   ? 
_refine.pdbx_overall_phase_error                 ? 
_refine.B_iso_min                                ? 
_refine.B_iso_max                                ? 
_refine.pdbx_refine_id                           'X-RAY DIFFRACTION' 
_refine.pdbx_diffrn_id                           1 
_refine.pdbx_TLS_residual_ADP_flag               ? 
_refine.pdbx_overall_SU_R_free_Cruickshank_DPI   ? 
_refine.pdbx_overall_SU_R_Blow_DPI               ? 
_refine.pdbx_overall_SU_R_free_Blow_DPI          ? 
# 
_refine_hist.pdbx_refine_id                   'X-RAY DIFFRACTION' 
_refine_hist.cycle_id                         LAST 
_refine_hist.pdbx_number_atoms_protein        983 
_refine_hist.pdbx_number_atoms_nucleic_acid   526 
_refine_hist.pdbx_number_atoms_ligand         4 
_refine_hist.number_atoms_solvent             0 
_refine_hist.number_atoms_total               1513 
_refine_hist.d_res_high                       3.15 
_refine_hist.d_res_low                        . 
# 
_refine_ls_shell.pdbx_total_number_of_bins_used   ? 
_refine_ls_shell.d_res_high                       3.15 
_refine_ls_shell.d_res_low                        ? 
_refine_ls_shell.number_reflns_R_work             ? 
_refine_ls_shell.R_factor_R_work                  0.376 
_refine_ls_shell.percent_reflns_obs               ? 
_refine_ls_shell.R_factor_R_free                  0.405 
_refine_ls_shell.R_factor_R_free_error            ? 
_refine_ls_shell.percent_reflns_R_free            ? 
_refine_ls_shell.number_reflns_R_free             ? 
_refine_ls_shell.number_reflns_all                ? 
_refine_ls_shell.R_factor_all                     ? 
_refine_ls_shell.redundancy_reflns_obs            ? 
_refine_ls_shell.number_reflns_obs                ? 
_refine_ls_shell.pdbx_refine_id                   'X-RAY DIFFRACTION' 
# 
_struct.entry_id                  2PRT 
_struct.title                     'Structure of the Wilms Tumor Suppressor Protein Zinc Finger Domain Bound to DNA' 
_struct.pdbx_model_details        ? 
_struct.pdbx_CASP_flag            ? 
_struct.pdbx_model_type_details   ? 
# 
_struct_keywords.entry_id        2PRT 
_struct_keywords.pdbx_keywords   TRANSCRIPTION/DNA 
_struct_keywords.text            'Protein-DNA complex, TRANSCRIPTION-DNA COMPLEX' 
# 
loop_
_struct_asym.id 
_struct_asym.pdbx_blank_PDB_chainid_flag 
_struct_asym.pdbx_modified 
_struct_asym.entity_id 
_struct_asym.details 
A N N 1 ? 
B N N 2 ? 
C N N 3 ? 
D N N 4 ? 
E N N 4 ? 
F N N 4 ? 
G N N 4 ? 
# 
loop_
_struct_conf.conf_type_id 
_struct_conf.id 
_struct_conf.pdbx_PDB_helix_id 
_struct_conf.beg_label_comp_id 
_struct_conf.beg_label_asym_id 
_struct_conf.beg_label_seq_id 
_struct_conf.pdbx_beg_PDB_ins_code 
_struct_conf.end_label_comp_id 
_struct_conf.end_label_asym_id 
_struct_conf.end_label_seq_id 
_struct_conf.pdbx_end_PDB_ins_code 
_struct_conf.beg_auth_comp_id 
_struct_conf.beg_auth_asym_id 
_struct_conf.beg_auth_seq_id 
_struct_conf.end_auth_comp_id 
_struct_conf.end_auth_asym_id 
_struct_conf.end_auth_seq_id 
_struct_conf.pdbx_PDB_helix_class 
_struct_conf.details 
_struct_conf.pdbx_PDB_helix_length 
HELX_P HELX_P1 1 LEU C 21  ? ARG C 29  ? LEU A 337 ARG A 345 1 ? 9  
HELX_P HELX_P2 2 LYS C 30  ? GLU C 34  ? LYS A 346 GLU A 350 5 ? 5  
HELX_P HELX_P3 3 ARG C 50  ? GLY C 63  ? ARG A 366 GLY A 379 1 ? 14 
HELX_P HELX_P4 4 ARG C 78  ? GLY C 91  ? ARG A 394 GLY A 407 1 ? 14 
HELX_P HELX_P5 5 ARG C 108 ? ASN C 117 ? ARG A 424 ASN A 433 1 ? 10 
# 
_struct_conf_type.id          HELX_P 
_struct_conf_type.criteria    ? 
_struct_conf_type.reference   ? 
# 
loop_
_struct_conn.id 
_struct_conn.conn_type_id 
_struct_conn.pdbx_leaving_atom_flag 
_struct_conn.pdbx_PDB_id 
_struct_conn.ptnr1_label_asym_id 
_struct_conn.ptnr1_label_comp_id 
_struct_conn.ptnr1_label_seq_id 
_struct_conn.ptnr1_label_atom_id 
_struct_conn.pdbx_ptnr1_label_alt_id 
_struct_conn.pdbx_ptnr1_PDB_ins_code 
_struct_conn.pdbx_ptnr1_standard_comp_id 
_struct_conn.ptnr1_symmetry 
_struct_conn.ptnr2_label_asym_id 
_struct_conn.ptnr2_label_comp_id 
_struct_conn.ptnr2_label_seq_id 
_struct_conn.ptnr2_label_atom_id 
_struct_conn.pdbx_ptnr2_label_alt_id 
_struct_conn.pdbx_ptnr2_PDB_ins_code 
_struct_conn.ptnr1_auth_asym_id 
_struct_conn.ptnr1_auth_comp_id 
_struct_conn.ptnr1_auth_seq_id 
_struct_conn.ptnr2_auth_asym_id 
_struct_conn.ptnr2_auth_comp_id 
_struct_conn.ptnr2_auth_seq_id 
_struct_conn.ptnr2_symmetry 
_struct_conn.pdbx_ptnr3_label_atom_id 
_struct_conn.pdbx_ptnr3_label_seq_id 
_struct_conn.pdbx_ptnr3_label_comp_id 
_struct_conn.pdbx_ptnr3_label_asym_id 
_struct_conn.pdbx_ptnr3_label_alt_id 
_struct_conn.pdbx_ptnr3_PDB_ins_code 
_struct_conn.details 
_struct_conn.pdbx_dist_value 
_struct_conn.pdbx_value_order 
_struct_conn.pdbx_role 
metalc1  metalc ? ? D ZN .  ZN ? ? ? 1_555 C CYS 9   SG  ? ? A ZN 201 A CYS 325 1_555 ? ? ? ? ? ? ?            2.799 ? ? 
metalc2  metalc ? ? D ZN .  ZN ? ? ? 1_555 C CYS 14  SG  ? ? A ZN 201 A CYS 330 1_555 ? ? ? ? ? ? ?            2.443 ? ? 
metalc3  metalc ? ? D ZN .  ZN ? ? ? 1_555 C HIS 27  NE2 ? ? A ZN 201 A HIS 343 1_555 ? ? ? ? ? ? ?            2.216 ? ? 
metalc4  metalc ? ? D ZN .  ZN ? ? ? 1_555 C HIS 31  NE2 ? ? A ZN 201 A HIS 347 1_555 ? ? ? ? ? ? ?            2.292 ? ? 
metalc5  metalc ? ? E ZN .  ZN ? ? ? 1_555 C CYS 39  SG  ? ? A ZN 202 A CYS 355 1_555 ? ? ? ? ? ? ?            2.520 ? ? 
metalc6  metalc ? ? E ZN .  ZN ? ? ? 1_555 C CYS 44  SG  ? ? A ZN 202 A CYS 360 1_555 ? ? ? ? ? ? ?            2.367 ? ? 
metalc7  metalc ? ? E ZN .  ZN ? ? ? 1_555 C HIS 57  NE2 ? ? A ZN 202 A HIS 373 1_555 ? ? ? ? ? ? ?            2.213 ? ? 
metalc8  metalc ? ? E ZN .  ZN ? ? ? 1_555 C HIS 61  NE2 ? ? A ZN 202 A HIS 377 1_555 ? ? ? ? ? ? ?            2.293 ? ? 
metalc9  metalc ? ? F ZN .  ZN ? ? ? 1_555 C CYS 69  SG  ? ? A ZN 203 A CYS 385 1_555 ? ? ? ? ? ? ?            2.393 ? ? 
metalc10 metalc ? ? F ZN .  ZN ? ? ? 1_555 C CYS 72  SG  ? ? A ZN 203 A CYS 388 1_555 ? ? ? ? ? ? ?            2.274 ? ? 
metalc11 metalc ? ? F ZN .  ZN ? ? ? 1_555 C HIS 85  NE2 ? ? A ZN 203 A HIS 401 1_555 ? ? ? ? ? ? ?            2.316 ? ? 
metalc12 metalc ? ? F ZN .  ZN ? ? ? 1_555 C HIS 89  NE2 ? ? A ZN 203 A HIS 405 1_555 ? ? ? ? ? ? ?            1.976 ? ? 
metalc13 metalc ? ? G ZN .  ZN ? ? ? 1_555 C CYS 97  SG  ? ? A ZN 204 A CYS 413 1_555 ? ? ? ? ? ? ?            2.235 ? ? 
metalc14 metalc ? ? G ZN .  ZN ? ? ? 1_555 C CYS 102 SG  ? ? A ZN 204 A CYS 418 1_555 ? ? ? ? ? ? ?            2.459 ? ? 
metalc15 metalc ? ? G ZN .  ZN ? ? ? 1_555 C HIS 115 NE2 ? ? A ZN 204 A HIS 431 1_555 ? ? ? ? ? ? ?            2.177 ? ? 
metalc16 metalc ? ? G ZN .  ZN ? ? ? 1_555 C HIS 119 NE2 ? ? A ZN 204 A HIS 435 1_555 ? ? ? ? ? ? ?            2.317 ? ? 
hydrog1  hydrog ? ? A DC 1  N3 ? ? ? 1_555 B DG  14  N1  ? ? B DC 1   C DG  62  1_555 ? ? ? ? ? ? WATSON-CRICK ?     ? ? 
hydrog2  hydrog ? ? A DC 1  N4 ? ? ? 1_555 B DG  14  O6  ? ? B DC 1   C DG  62  1_555 ? ? ? ? ? ? WATSON-CRICK ?     ? ? 
hydrog3  hydrog ? ? A DC 1  O2 ? ? ? 1_555 B DG  14  N2  ? ? B DC 1   C DG  62  1_555 ? ? ? ? ? ? WATSON-CRICK ?     ? ? 
hydrog4  hydrog ? ? A DG 2  N1 ? ? ? 1_555 B DC  13  N3  ? ? B DG 2   C DC  61  1_555 ? ? ? ? ? ? WATSON-CRICK ?     ? ? 
hydrog5  hydrog ? ? A DG 2  N2 ? ? ? 1_555 B DC  13  O2  ? ? B DG 2   C DC  61  1_555 ? ? ? ? ? ? WATSON-CRICK ?     ? ? 
hydrog6  hydrog ? ? A DG 2  O6 ? ? ? 1_555 B DC  13  N4  ? ? B DG 2   C DC  61  1_555 ? ? ? ? ? ? WATSON-CRICK ?     ? ? 
hydrog7  hydrog ? ? A DC 3  N3 ? ? ? 1_555 B DG  12  N1  ? ? B DC 3   C DG  60  1_555 ? ? ? ? ? ? WATSON-CRICK ?     ? ? 
hydrog8  hydrog ? ? A DC 3  N4 ? ? ? 1_555 B DG  12  O6  ? ? B DC 3   C DG  60  1_555 ? ? ? ? ? ? WATSON-CRICK ?     ? ? 
hydrog9  hydrog ? ? A DC 3  O2 ? ? ? 1_555 B DG  12  N2  ? ? B DC 3   C DG  60  1_555 ? ? ? ? ? ? WATSON-CRICK ?     ? ? 
hydrog10 hydrog ? ? A DG 4  N1 ? ? ? 1_555 B DC  11  N3  ? ? B DG 4   C DC  59  1_555 ? ? ? ? ? ? WATSON-CRICK ?     ? ? 
hydrog11 hydrog ? ? A DG 4  N2 ? ? ? 1_555 B DC  11  O2  ? ? B DG 4   C DC  59  1_555 ? ? ? ? ? ? WATSON-CRICK ?     ? ? 
hydrog12 hydrog ? ? A DG 4  O6 ? ? ? 1_555 B DC  11  N4  ? ? B DG 4   C DC  59  1_555 ? ? ? ? ? ? WATSON-CRICK ?     ? ? 
hydrog13 hydrog ? ? A DG 5  N1 ? ? ? 1_555 B DC  10  N3  ? ? B DG 5   C DC  58  1_555 ? ? ? ? ? ? WATSON-CRICK ?     ? ? 
hydrog14 hydrog ? ? A DG 5  N2 ? ? ? 1_555 B DC  10  O2  ? ? B DG 5   C DC  58  1_555 ? ? ? ? ? ? WATSON-CRICK ?     ? ? 
hydrog15 hydrog ? ? A DG 5  O6 ? ? ? 1_555 B DC  10  N4  ? ? B DG 5   C DC  58  1_555 ? ? ? ? ? ? WATSON-CRICK ?     ? ? 
hydrog16 hydrog ? ? A DG 6  N1 ? ? ? 1_555 B DC  9   N3  ? ? B DG 6   C DC  57  1_555 ? ? ? ? ? ? WATSON-CRICK ?     ? ? 
hydrog17 hydrog ? ? A DG 6  N2 ? ? ? 1_555 B DC  9   O2  ? ? B DG 6   C DC  57  1_555 ? ? ? ? ? ? WATSON-CRICK ?     ? ? 
hydrog18 hydrog ? ? A DG 6  O6 ? ? ? 1_555 B DC  9   N4  ? ? B DG 6   C DC  57  1_555 ? ? ? ? ? ? WATSON-CRICK ?     ? ? 
hydrog19 hydrog ? ? A DG 7  N1 ? ? ? 1_555 B DC  8   N3  ? ? B DG 7   C DC  56  1_555 ? ? ? ? ? ? WATSON-CRICK ?     ? ? 
hydrog20 hydrog ? ? A DG 7  N2 ? ? ? 1_555 B DC  8   O2  ? ? B DG 7   C DC  56  1_555 ? ? ? ? ? ? WATSON-CRICK ?     ? ? 
hydrog21 hydrog ? ? A DG 7  O6 ? ? ? 1_555 B DC  8   N4  ? ? B DG 7   C DC  56  1_555 ? ? ? ? ? ? WATSON-CRICK ?     ? ? 
hydrog22 hydrog ? ? A DG 8  N1 ? ? ? 1_555 B DC  7   N3  ? ? B DG 8   C DC  55  1_555 ? ? ? ? ? ? WATSON-CRICK ?     ? ? 
hydrog23 hydrog ? ? A DG 8  N2 ? ? ? 1_555 B DC  7   O2  ? ? B DG 8   C DC  55  1_555 ? ? ? ? ? ? WATSON-CRICK ?     ? ? 
hydrog24 hydrog ? ? A DG 8  O6 ? ? ? 1_555 B DC  7   N4  ? ? B DG 8   C DC  55  1_555 ? ? ? ? ? ? WATSON-CRICK ?     ? ? 
hydrog25 hydrog ? ? A DC 9  N3 ? ? ? 1_555 B DG  6   N1  ? ? B DC 9   C DG  54  1_555 ? ? ? ? ? ? WATSON-CRICK ?     ? ? 
hydrog26 hydrog ? ? A DC 9  N4 ? ? ? 1_555 B DG  6   O6  ? ? B DC 9   C DG  54  1_555 ? ? ? ? ? ? WATSON-CRICK ?     ? ? 
hydrog27 hydrog ? ? A DC 9  O2 ? ? ? 1_555 B DG  6   N2  ? ? B DC 9   C DG  54  1_555 ? ? ? ? ? ? WATSON-CRICK ?     ? ? 
hydrog28 hydrog ? ? A DG 10 N1 ? ? ? 1_555 B DC  5   N3  ? ? B DG 10  C DC  53  1_555 ? ? ? ? ? ? WATSON-CRICK ?     ? ? 
hydrog29 hydrog ? ? A DG 10 N2 ? ? ? 1_555 B DC  5   O2  ? ? B DG 10  C DC  53  1_555 ? ? ? ? ? ? WATSON-CRICK ?     ? ? 
hydrog30 hydrog ? ? A DG 10 O6 ? ? ? 1_555 B DC  5   N4  ? ? B DG 10  C DC  53  1_555 ? ? ? ? ? ? WATSON-CRICK ?     ? ? 
hydrog31 hydrog ? ? A DT 11 N3 ? ? ? 1_555 B DA  4   N1  ? ? B DT 11  C DA  52  1_555 ? ? ? ? ? ? WATSON-CRICK ?     ? ? 
hydrog32 hydrog ? ? A DT 11 O4 ? ? ? 1_555 B DA  4   N6  ? ? B DT 11  C DA  52  1_555 ? ? ? ? ? ? WATSON-CRICK ?     ? ? 
hydrog33 hydrog ? ? A DC 12 N3 ? ? ? 1_555 B DG  3   N1  ? ? B DC 12  C DG  51  1_555 ? ? ? ? ? ? WATSON-CRICK ?     ? ? 
hydrog34 hydrog ? ? A DC 12 N4 ? ? ? 1_555 B DG  3   O6  ? ? B DC 12  C DG  51  1_555 ? ? ? ? ? ? WATSON-CRICK ?     ? ? 
hydrog35 hydrog ? ? A DC 12 O2 ? ? ? 1_555 B DG  3   N2  ? ? B DC 12  C DG  51  1_555 ? ? ? ? ? ? WATSON-CRICK ?     ? ? 
# 
loop_
_struct_conn_type.id 
_struct_conn_type.criteria 
_struct_conn_type.reference 
metalc ? ? 
hydrog ? ? 
# 
loop_
_struct_sheet.id 
_struct_sheet.type 
_struct_sheet.number_strands 
_struct_sheet.details 
A ? 2 ? 
B ? 2 ? 
C ? 2 ? 
D ? 2 ? 
# 
loop_
_struct_sheet_order.sheet_id 
_struct_sheet_order.range_id_1 
_struct_sheet_order.range_id_2 
_struct_sheet_order.offset 
_struct_sheet_order.sense 
A 1 2 ? anti-parallel 
B 1 2 ? anti-parallel 
C 1 2 ? anti-parallel 
D 1 2 ? anti-parallel 
# 
loop_
_struct_sheet_range.sheet_id 
_struct_sheet_range.id 
_struct_sheet_range.beg_label_comp_id 
_struct_sheet_range.beg_label_asym_id 
_struct_sheet_range.beg_label_seq_id 
_struct_sheet_range.pdbx_beg_PDB_ins_code 
_struct_sheet_range.end_label_comp_id 
_struct_sheet_range.end_label_asym_id 
_struct_sheet_range.end_label_seq_id 
_struct_sheet_range.pdbx_end_PDB_ins_code 
_struct_sheet_range.beg_auth_comp_id 
_struct_sheet_range.beg_auth_asym_id 
_struct_sheet_range.beg_auth_seq_id 
_struct_sheet_range.end_auth_comp_id 
_struct_sheet_range.end_auth_asym_id 
_struct_sheet_range.end_auth_seq_id 
A 1 PHE C 7   ? MET C 8   ? PHE A 323 MET A 324 
A 2 ARG C 17  ? TYR C 18  ? ARG A 333 TYR A 334 
B 1 TYR C 37  ? GLN C 38  ? TYR A 353 GLN A 354 
B 2 ARG C 47  ? PHE C 48  ? ARG A 363 PHE A 364 
C 1 PHE C 67  ? GLN C 68  ? PHE A 383 GLN A 384 
C 2 LYS C 75  ? PHE C 76  ? LYS A 391 PHE A 392 
D 1 PHE C 95  ? SER C 96  ? PHE A 411 SER A 412 
D 2 LYS C 105 ? PHE C 106 ? LYS A 421 PHE A 422 
# 
loop_
_pdbx_struct_sheet_hbond.sheet_id 
_pdbx_struct_sheet_hbond.range_id_1 
_pdbx_struct_sheet_hbond.range_id_2 
_pdbx_struct_sheet_hbond.range_1_label_atom_id 
_pdbx_struct_sheet_hbond.range_1_label_comp_id 
_pdbx_struct_sheet_hbond.range_1_label_asym_id 
_pdbx_struct_sheet_hbond.range_1_label_seq_id 
_pdbx_struct_sheet_hbond.range_1_PDB_ins_code 
_pdbx_struct_sheet_hbond.range_1_auth_atom_id 
_pdbx_struct_sheet_hbond.range_1_auth_comp_id 
_pdbx_struct_sheet_hbond.range_1_auth_asym_id 
_pdbx_struct_sheet_hbond.range_1_auth_seq_id 
_pdbx_struct_sheet_hbond.range_2_label_atom_id 
_pdbx_struct_sheet_hbond.range_2_label_comp_id 
_pdbx_struct_sheet_hbond.range_2_label_asym_id 
_pdbx_struct_sheet_hbond.range_2_label_seq_id 
_pdbx_struct_sheet_hbond.range_2_PDB_ins_code 
_pdbx_struct_sheet_hbond.range_2_auth_atom_id 
_pdbx_struct_sheet_hbond.range_2_auth_comp_id 
_pdbx_struct_sheet_hbond.range_2_auth_asym_id 
_pdbx_struct_sheet_hbond.range_2_auth_seq_id 
A 1 2 N PHE C 7  ? N PHE A 323 O TYR C 18  ? O TYR A 334 
B 1 2 N TYR C 37 ? N TYR A 353 O PHE C 48  ? O PHE A 364 
C 1 2 N PHE C 67 ? N PHE A 383 O PHE C 76  ? O PHE A 392 
D 1 2 N PHE C 95 ? N PHE A 411 O PHE C 106 ? O PHE A 422 
# 
loop_
_struct_site.id 
_struct_site.pdbx_evidence_code 
_struct_site.pdbx_auth_asym_id 
_struct_site.pdbx_auth_comp_id 
_struct_site.pdbx_auth_seq_id 
_struct_site.pdbx_auth_ins_code 
_struct_site.pdbx_num_residues 
_struct_site.details 
AC1 Software A ZN 201 ? 4 'BINDING SITE FOR RESIDUE ZN A 201' 
AC2 Software A ZN 202 ? 4 'BINDING SITE FOR RESIDUE ZN A 202' 
AC3 Software A ZN 203 ? 4 'BINDING SITE FOR RESIDUE ZN A 203' 
AC4 Software A ZN 204 ? 4 'BINDING SITE FOR RESIDUE ZN A 204' 
# 
loop_
_struct_site_gen.id 
_struct_site_gen.site_id 
_struct_site_gen.pdbx_num_res 
_struct_site_gen.label_comp_id 
_struct_site_gen.label_asym_id 
_struct_site_gen.label_seq_id 
_struct_site_gen.pdbx_auth_ins_code 
_struct_site_gen.auth_comp_id 
_struct_site_gen.auth_asym_id 
_struct_site_gen.auth_seq_id 
_struct_site_gen.label_atom_id 
_struct_site_gen.label_alt_id 
_struct_site_gen.symmetry 
_struct_site_gen.details 
1  AC1 4 CYS C 9   ? CYS A 325 . ? 1_555 ? 
2  AC1 4 CYS C 14  ? CYS A 330 . ? 1_555 ? 
3  AC1 4 HIS C 27  ? HIS A 343 . ? 1_555 ? 
4  AC1 4 HIS C 31  ? HIS A 347 . ? 1_555 ? 
5  AC2 4 CYS C 39  ? CYS A 355 . ? 1_555 ? 
6  AC2 4 CYS C 44  ? CYS A 360 . ? 1_555 ? 
7  AC2 4 HIS C 57  ? HIS A 373 . ? 1_555 ? 
8  AC2 4 HIS C 61  ? HIS A 377 . ? 1_555 ? 
9  AC3 4 CYS C 69  ? CYS A 385 . ? 1_555 ? 
10 AC3 4 CYS C 72  ? CYS A 388 . ? 1_555 ? 
11 AC3 4 HIS C 85  ? HIS A 401 . ? 1_555 ? 
12 AC3 4 HIS C 89  ? HIS A 405 . ? 1_555 ? 
13 AC4 4 CYS C 97  ? CYS A 413 . ? 1_555 ? 
14 AC4 4 CYS C 102 ? CYS A 418 . ? 1_555 ? 
15 AC4 4 HIS C 115 ? HIS A 431 . ? 1_555 ? 
16 AC4 4 HIS C 119 ? HIS A 435 . ? 1_555 ? 
# 
_atom_sites.entry_id                    2PRT 
_atom_sites.fract_transf_matrix[1][1]   -0.00394117 
_atom_sites.fract_transf_matrix[1][2]   -0.00688232 
_atom_sites.fract_transf_matrix[1][3]   0.01066475 
_atom_sites.fract_transf_matrix[2][1]   -0.00109904 
_atom_sites.fract_transf_matrix[2][2]   -0.01322894 
_atom_sites.fract_transf_matrix[2][3]   -0.00066186 
_atom_sites.fract_transf_matrix[3][1]   0.00556071 
_atom_sites.fract_transf_matrix[3][2]   -0.00054712 
_atom_sites.fract_transf_matrix[3][3]   0.00170189 
_atom_sites.fract_transf_vector[1]      0.111088 
_atom_sites.fract_transf_vector[2]      0.431288 
_atom_sites.fract_transf_vector[3]      0.492910 
# 
loop_
_atom_type.symbol 
C  
N  
O  
P  
S  
ZN 
# 
loop_
_atom_site.group_PDB 
_atom_site.id 
_atom_site.type_symbol 
_atom_site.label_atom_id 
_atom_site.label_alt_id 
_atom_site.label_comp_id 
_atom_site.label_asym_id 
_atom_site.label_entity_id 
_atom_site.label_seq_id 
_atom_site.pdbx_PDB_ins_code 
_atom_site.Cartn_x 
_atom_site.Cartn_y 
_atom_site.Cartn_z 
_atom_site.occupancy 
_atom_site.B_iso_or_equiv 
_atom_site.pdbx_formal_charge 
_atom_site.auth_seq_id 
_atom_site.auth_comp_id 
_atom_site.auth_asym_id 
_atom_site.auth_atom_id 
_atom_site.pdbx_PDB_model_num 
ATOM   1    O  "O5'" . DC  A 1 1   ? -2.922  26.897  -10.858 1.00 91.79  ? 1   DC  B "O5'" 1 
ATOM   2    C  "C5'" . DC  A 1 1   ? -2.232  26.073  -9.908  1.00 91.79  ? 1   DC  B "C5'" 1 
ATOM   3    C  "C4'" . DC  A 1 1   ? -3.234  25.322  -9.064  1.00 91.79  ? 1   DC  B "C4'" 1 
ATOM   4    O  "O4'" . DC  A 1 1   ? -4.017  24.429  -9.888  1.00 91.79  ? 1   DC  B "O4'" 1 
ATOM   5    C  "C3'" . DC  A 1 1   ? -2.643  24.441  -7.971  1.00 91.79  ? 1   DC  B "C3'" 1 
ATOM   6    O  "O3'" . DC  A 1 1   ? -3.605  24.367  -6.927  1.00 91.79  ? 1   DC  B "O3'" 1 
ATOM   7    C  "C2'" . DC  A 1 1   ? -2.564  23.086  -8.641  1.00 91.79  ? 1   DC  B "C2'" 1 
ATOM   8    C  "C1'" . DC  A 1 1   ? -3.872  23.097  -9.407  1.00 91.79  ? 1   DC  B "C1'" 1 
ATOM   9    N  N1    . DC  A 1 1   ? -3.955  22.201  -10.567 1.00 43.46  ? 1   DC  B N1    1 
ATOM   10   C  C2    . DC  A 1 1   ? -5.228  21.818  -11.019 1.00 43.46  ? 1   DC  B C2    1 
ATOM   11   O  O2    . DC  A 1 1   ? -6.226  22.151  -10.352 1.00 43.46  ? 1   DC  B O2    1 
ATOM   12   N  N3    . DC  A 1 1   ? -5.332  21.094  -12.155 1.00 43.46  ? 1   DC  B N3    1 
ATOM   13   C  C4    . DC  A 1 1   ? -4.229  20.735  -12.820 1.00 43.46  ? 1   DC  B C4    1 
ATOM   14   N  N4    . DC  A 1 1   ? -4.380  20.075  -13.975 1.00 43.46  ? 1   DC  B N4    1 
ATOM   15   C  C5    . DC  A 1 1   ? -2.918  21.049  -12.339 1.00 43.46  ? 1   DC  B C5    1 
ATOM   16   C  C6    . DC  A 1 1   ? -2.829  21.777  -11.219 1.00 43.46  ? 1   DC  B C6    1 
ATOM   17   P  P     . DG  A 1 2   ? -3.124  24.125  -5.423  1.00 78.24  ? 2   DG  B P     1 
ATOM   18   O  OP1   . DG  A 1 2   ? -3.153  25.447  -4.733  1.00 47.77  ? 2   DG  B OP1   1 
ATOM   19   O  OP2   . DG  A 1 2   ? -1.872  23.300  -5.451  1.00 47.77  ? 2   DG  B OP2   1 
ATOM   20   O  "O5'" . DG  A 1 2   ? -4.260  23.211  -4.789  1.00 78.24  ? 2   DG  B "O5'" 1 
ATOM   21   C  "C5'" . DG  A 1 2   ? -5.605  23.644  -4.777  1.00 78.24  ? 2   DG  B "C5'" 1 
ATOM   22   C  "C4'" . DG  A 1 2   ? -6.530  22.455  -4.816  1.00 78.24  ? 2   DG  B "C4'" 1 
ATOM   23   O  "O4'" . DG  A 1 2   ? -6.373  21.745  -6.063  1.00 78.24  ? 2   DG  B "O4'" 1 
ATOM   24   C  "C3'" . DG  A 1 2   ? -6.294  21.423  -3.721  1.00 78.24  ? 2   DG  B "C3'" 1 
ATOM   25   O  "O3'" . DG  A 1 2   ? -7.569  20.919  -3.353  1.00 78.24  ? 2   DG  B "O3'" 1 
ATOM   26   C  "C2'" . DG  A 1 2   ? -5.496  20.347  -4.429  1.00 78.24  ? 2   DG  B "C2'" 1 
ATOM   27   C  "C1'" . DG  A 1 2   ? -6.133  20.379  -5.797  1.00 78.24  ? 2   DG  B "C1'" 1 
ATOM   28   N  N9    . DG  A 1 2   ? -5.317  19.861  -6.884  1.00 47.77  ? 2   DG  B N9    1 
ATOM   29   C  C8    . DG  A 1 2   ? -3.950  19.894  -6.982  1.00 47.77  ? 2   DG  B C8    1 
ATOM   30   N  N7    . DG  A 1 2   ? -3.507  19.392  -8.104  1.00 47.77  ? 2   DG  B N7    1 
ATOM   31   C  C5    . DG  A 1 2   ? -4.654  18.997  -8.781  1.00 47.77  ? 2   DG  B C5    1 
ATOM   32   C  C6    . DG  A 1 2   ? -4.806  18.385  -10.046 1.00 47.77  ? 2   DG  B C6    1 
ATOM   33   O  O6    . DG  A 1 2   ? -3.938  18.055  -10.849 1.00 47.77  ? 2   DG  B O6    1 
ATOM   34   N  N1    . DG  A 1 2   ? -6.131  18.150  -10.341 1.00 47.77  ? 2   DG  B N1    1 
ATOM   35   C  C2    . DG  A 1 2   ? -7.177  18.440  -9.522  1.00 47.77  ? 2   DG  B C2    1 
ATOM   36   N  N2    . DG  A 1 2   ? -8.383  18.102  -9.983  1.00 47.77  ? 2   DG  B N2    1 
ATOM   37   N  N3    . DG  A 1 2   ? -7.058  19.010  -8.337  1.00 47.77  ? 2   DG  B N3    1 
ATOM   38   C  C4    . DG  A 1 2   ? -5.776  19.262  -8.034  1.00 47.77  ? 2   DG  B C4    1 
ATOM   39   P  P     . DC  A 1 3   ? -7.719  20.021  -2.045  1.00 58.51  ? 3   DC  B P     1 
ATOM   40   O  OP1   . DC  A 1 3   ? -8.997  20.397  -1.392  1.00 52.02  ? 3   DC  B OP1   1 
ATOM   41   O  OP2   . DC  A 1 3   ? -6.442  20.115  -1.296  1.00 52.02  ? 3   DC  B OP2   1 
ATOM   42   O  "O5'" . DC  A 1 3   ? -7.927  18.558  -2.623  1.00 58.51  ? 3   DC  B "O5'" 1 
ATOM   43   C  "C5'" . DC  A 1 3   ? -9.083  18.275  -3.388  1.00 58.51  ? 3   DC  B "C5'" 1 
ATOM   44   C  "C4'" . DC  A 1 3   ? -8.924  16.969  -4.124  1.00 58.51  ? 3   DC  B "C4'" 1 
ATOM   45   O  "O4'" . DC  A 1 3   ? -7.996  17.080  -5.237  1.00 58.51  ? 3   DC  B "O4'" 1 
ATOM   46   C  "C3'" . DC  A 1 3   ? -8.424  15.807  -3.261  1.00 58.51  ? 3   DC  B "C3'" 1 
ATOM   47   O  "O3'" . DC  A 1 3   ? -9.072  14.613  -3.702  1.00 58.51  ? 3   DC  B "O3'" 1 
ATOM   48   C  "C2'" . DC  A 1 3   ? -6.976  15.697  -3.686  1.00 58.51  ? 3   DC  B "C2'" 1 
ATOM   49   C  "C1'" . DC  A 1 3   ? -7.158  15.951  -5.166  1.00 58.51  ? 3   DC  B "C1'" 1 
ATOM   50   N  N1    . DC  A 1 3   ? -5.942  16.173  -5.953  1.00 52.02  ? 3   DC  B N1    1 
ATOM   51   C  C2    . DC  A 1 3   ? -5.960  15.815  -7.290  1.00 52.02  ? 3   DC  B C2    1 
ATOM   52   O  O2    . DC  A 1 3   ? -7.038  15.502  -7.795  1.00 52.02  ? 3   DC  B O2    1 
ATOM   53   N  N3    . DC  A 1 3   ? -4.810  15.828  -7.998  1.00 52.02  ? 3   DC  B N3    1 
ATOM   54   C  C4    . DC  A 1 3   ? -3.676  16.222  -7.413  1.00 52.02  ? 3   DC  B C4    1 
ATOM   55   N  N4    . DC  A 1 3   ? -2.547  16.161  -8.120  1.00 52.02  ? 3   DC  B N4    1 
ATOM   56   C  C5    . DC  A 1 3   ? -3.647  16.684  -6.066  1.00 52.02  ? 3   DC  B C5    1 
ATOM   57   C  C6    . DC  A 1 3   ? -4.795  16.649  -5.380  1.00 52.02  ? 3   DC  B C6    1 
ATOM   58   P  P     . DG  A 1 4   ? -9.809  13.652  -2.653  1.00 51.92  ? 4   DG  B P     1 
ATOM   59   O  OP1   . DG  A 1 4   ? -10.933 14.388  -2.026  1.00 59.82  ? 4   DG  B OP1   1 
ATOM   60   O  OP2   . DG  A 1 4   ? -8.784  13.000  -1.791  1.00 59.82  ? 4   DG  B OP2   1 
ATOM   61   O  "O5'" . DG  A 1 4   ? -10.425 12.569  -3.624  1.00 51.92  ? 4   DG  B "O5'" 1 
ATOM   62   C  "C5'" . DG  A 1 4   ? -11.243 12.983  -4.694  1.00 51.92  ? 4   DG  B "C5'" 1 
ATOM   63   C  "C4'" . DG  A 1 4   ? -11.008 12.092  -5.882  1.00 51.92  ? 4   DG  B "C4'" 1 
ATOM   64   O  "O4'" . DG  A 1 4   ? -9.796  12.499  -6.542  1.00 51.92  ? 4   DG  B "O4'" 1 
ATOM   65   C  "C3'" . DG  A 1 4   ? -10.822 10.625  -5.501  1.00 51.92  ? 4   DG  B "C3'" 1 
ATOM   66   O  "O3'" . DG  A 1 4   ? -11.489 9.793   -6.453  1.00 51.92  ? 4   DG  B "O3'" 1 
ATOM   67   C  "C2'" . DG  A 1 4   ? -9.319  10.431  -5.563  1.00 51.92  ? 4   DG  B "C2'" 1 
ATOM   68   C  "C1'" . DG  A 1 4   ? -8.929  11.390  -6.680  1.00 51.92  ? 4   DG  B "C1'" 1 
ATOM   69   N  N9    . DG  A 1 4   ? -7.559  11.883  -6.583  1.00 59.82  ? 4   DG  B N9    1 
ATOM   70   C  C8    . DG  A 1 4   ? -7.039  12.648  -5.573  1.00 59.82  ? 4   DG  B C8    1 
ATOM   71   N  N7    . DG  A 1 4   ? -5.770  12.901  -5.724  1.00 59.82  ? 4   DG  B N7    1 
ATOM   72   C  C5    . DG  A 1 4   ? -5.431  12.273  -6.912  1.00 59.82  ? 4   DG  B C5    1 
ATOM   73   C  C6    . DG  A 1 4   ? -4.190  12.193  -7.573  1.00 59.82  ? 4   DG  B C6    1 
ATOM   74   O  O6    . DG  A 1 4   ? -3.107  12.677  -7.231  1.00 59.82  ? 4   DG  B O6    1 
ATOM   75   N  N1    . DG  A 1 4   ? -4.284  11.461  -8.752  1.00 59.82  ? 4   DG  B N1    1 
ATOM   76   C  C2    . DG  A 1 4   ? -5.429  10.892  -9.238  1.00 59.82  ? 4   DG  B C2    1 
ATOM   77   N  N2    . DG  A 1 4   ? -5.311  10.241  -10.409 1.00 59.82  ? 4   DG  B N2    1 
ATOM   78   N  N3    . DG  A 1 4   ? -6.604  10.957  -8.626  1.00 59.82  ? 4   DG  B N3    1 
ATOM   79   C  C4    . DG  A 1 4   ? -6.528  11.656  -7.469  1.00 59.82  ? 4   DG  B C4    1 
ATOM   80   P  P     . DG  A 1 5   ? -12.000 8.345   -6.015  1.00 54.02  ? 5   DG  B P     1 
ATOM   81   O  OP1   . DG  A 1 5   ? -13.213 8.031   -6.804  1.00 65.84  ? 5   DG  B OP1   1 
ATOM   82   O  OP2   . DG  A 1 5   ? -12.055 8.340   -4.534  1.00 65.84  ? 5   DG  B OP2   1 
ATOM   83   O  "O5'" . DG  A 1 5   ? -10.816 7.407   -6.487  1.00 54.02  ? 5   DG  B "O5'" 1 
ATOM   84   C  "C5'" . DG  A 1 5   ? -10.598 7.174   -7.871  1.00 54.02  ? 5   DG  B "C5'" 1 
ATOM   85   C  "C4'" . DG  A 1 5   ? -9.273  6.485   -8.091  1.00 54.02  ? 5   DG  B "C4'" 1 
ATOM   86   O  "O4'" . DG  A 1 5   ? -8.177  7.408   -7.867  1.00 54.02  ? 5   DG  B "O4'" 1 
ATOM   87   C  "C3'" . DG  A 1 5   ? -9.015  5.285   -7.171  1.00 54.02  ? 5   DG  B "C3'" 1 
ATOM   88   O  "O3'" . DG  A 1 5   ? -8.425  4.220   -7.920  1.00 54.02  ? 5   DG  B "O3'" 1 
ATOM   89   C  "C2'" . DG  A 1 5   ? -7.997  5.823   -6.177  1.00 54.02  ? 5   DG  B "C2'" 1 
ATOM   90   C  "C1'" . DG  A 1 5   ? -7.213  6.738   -7.084  1.00 54.02  ? 5   DG  B "C1'" 1 
ATOM   91   N  N9    . DG  A 1 5   ? -6.345  7.716   -6.439  1.00 65.84  ? 5   DG  B N9    1 
ATOM   92   C  C8    . DG  A 1 5   ? -6.545  8.405   -5.267  1.00 65.84  ? 5   DG  B C8    1 
ATOM   93   N  N7    . DG  A 1 5   ? -5.508  9.116   -4.910  1.00 65.84  ? 5   DG  B N7    1 
ATOM   94   C  C5    . DG  A 1 5   ? -4.585  8.899   -5.924  1.00 65.84  ? 5   DG  B C5    1 
ATOM   95   C  C6    . DG  A 1 5   ? -3.268  9.373   -6.084  1.00 65.84  ? 5   DG  B C6    1 
ATOM   96   O  O6    . DG  A 1 5   ? -2.612  10.073  -5.323  1.00 65.84  ? 5   DG  B O6    1 
ATOM   97   N  N1    . DG  A 1 5   ? -2.704  8.932   -7.271  1.00 65.84  ? 5   DG  B N1    1 
ATOM   98   C  C2    . DG  A 1 5   ? -3.321  8.121   -8.182  1.00 65.84  ? 5   DG  B C2    1 
ATOM   99   N  N2    . DG  A 1 5   ? -2.620  7.833   -9.279  1.00 65.84  ? 5   DG  B N2    1 
ATOM   100  N  N3    . DG  A 1 5   ? -4.533  7.637   -8.033  1.00 65.84  ? 5   DG  B N3    1 
ATOM   101  C  C4    . DG  A 1 5   ? -5.105  8.069   -6.891  1.00 65.84  ? 5   DG  B C4    1 
ATOM   102  P  P     . DG  A 1 6   ? -8.776  2.688   -7.563  1.00 97.75  ? 6   DG  B P     1 
ATOM   103  O  OP1   . DG  A 1 6   ? -9.931  2.321   -8.425  1.00 55.83  ? 6   DG  B OP1   1 
ATOM   104  O  OP2   . DG  A 1 6   ? -8.847  2.471   -6.090  1.00 55.83  ? 6   DG  B OP2   1 
ATOM   105  O  "O5'" . DG  A 1 6   ? -7.497  1.906   -8.084  1.00 97.75  ? 6   DG  B "O5'" 1 
ATOM   106  C  "C5'" . DG  A 1 6   ? -7.059  2.061   -9.429  1.00 97.75  ? 6   DG  B "C5'" 1 
ATOM   107  C  "C4'" . DG  A 1 6   ? -5.561  1.905   -9.507  1.00 97.75  ? 6   DG  B "C4'" 1 
ATOM   108  O  "O4'" . DG  A 1 6   ? -4.914  3.157   -9.159  1.00 97.75  ? 6   DG  B "O4'" 1 
ATOM   109  C  "C3'" . DG  A 1 6   ? -5.013  0.843   -8.549  1.00 97.75  ? 6   DG  B "C3'" 1 
ATOM   110  O  "O3'" . DG  A 1 6   ? -4.101  -0.046  -9.198  1.00 97.75  ? 6   DG  B "O3'" 1 
ATOM   111  C  "C2'" . DG  A 1 6   ? -4.270  1.654   -7.511  1.00 97.75  ? 6   DG  B "C2'" 1 
ATOM   112  C  "C1'" . DG  A 1 6   ? -3.839  2.880   -8.291  1.00 97.75  ? 6   DG  B "C1'" 1 
ATOM   113  N  N9    . DG  A 1 6   ? -3.662  4.003   -7.381  1.00 55.83  ? 6   DG  B N9    1 
ATOM   114  C  C8    . DG  A 1 6   ? -4.581  4.455   -6.468  1.00 55.83  ? 6   DG  B C8    1 
ATOM   115  N  N7    . DG  A 1 6   ? -4.086  5.331   -5.635  1.00 55.83  ? 6   DG  B N7    1 
ATOM   116  C  C5    . DG  A 1 6   ? -2.776  5.504   -6.057  1.00 55.83  ? 6   DG  B C5    1 
ATOM   117  C  C6    . DG  A 1 6   ? -1.750  6.306   -5.522  1.00 55.83  ? 6   DG  B C6    1 
ATOM   118  O  O6    . DG  A 1 6   ? -1.776  7.017   -4.516  1.00 55.83  ? 6   DG  B O6    1 
ATOM   119  N  N1    . DG  A 1 6   ? -0.589  6.209   -6.268  1.00 55.83  ? 6   DG  B N1    1 
ATOM   120  C  C2    . DG  A 1 6   ? -0.429  5.422   -7.376  1.00 55.83  ? 6   DG  B C2    1 
ATOM   121  N  N2    . DG  A 1 6   ? 0.775   5.473   -7.951  1.00 55.83  ? 6   DG  B N2    1 
ATOM   122  N  N3    . DG  A 1 6   ? -1.373  4.645   -7.877  1.00 55.83  ? 6   DG  B N3    1 
ATOM   123  C  C4    . DG  A 1 6   ? -2.515  4.735   -7.171  1.00 55.83  ? 6   DG  B C4    1 
ATOM   124  P  P     . DG  A 1 7   ? -3.295  -1.138  -8.331  1.00 77.13  ? 7   DG  B P     1 
ATOM   125  O  OP1   . DG  A 1 7   ? -3.323  -2.419  -9.067  1.00 69.22  ? 7   DG  B OP1   1 
ATOM   126  O  OP2   . DG  A 1 7   ? -3.738  -1.103  -6.919  1.00 69.22  ? 7   DG  B OP2   1 
ATOM   127  O  "O5'" . DG  A 1 7   ? -1.813  -0.575  -8.360  1.00 77.13  ? 7   DG  B "O5'" 1 
ATOM   128  C  "C5'" . DG  A 1 7   ? -1.176  -0.273  -9.593  1.00 77.13  ? 7   DG  B "C5'" 1 
ATOM   129  C  "C4'" . DG  A 1 7   ? 0.319   -0.271  -9.399  1.00 77.13  ? 7   DG  B "C4'" 1 
ATOM   130  O  "O4'" . DG  A 1 7   ? 0.729   0.989   -8.809  1.00 77.13  ? 7   DG  B "O4'" 1 
ATOM   131  C  "C3'" . DG  A 1 7   ? 0.775   -1.377  -8.449  1.00 77.13  ? 7   DG  B "C3'" 1 
ATOM   132  O  "O3'" . DG  A 1 7   ? 1.890   -2.098  -8.962  1.00 77.13  ? 7   DG  B "O3'" 1 
ATOM   133  C  "C2'" . DG  A 1 7   ? 1.111   -0.653  -7.155  1.00 77.13  ? 7   DG  B "C2'" 1 
ATOM   134  C  "C1'" . DG  A 1 7   ? 1.385   0.787   -7.564  1.00 77.13  ? 7   DG  B "C1'" 1 
ATOM   135  N  N9    . DG  A 1 7   ? 0.795   1.720   -6.612  1.00 69.22  ? 7   DG  B N9    1 
ATOM   136  C  C8    . DG  A 1 7   ? -0.542  1.815   -6.312  1.00 69.22  ? 7   DG  B C8    1 
ATOM   137  N  N7    . DG  A 1 7   ? -0.802  2.702   -5.395  1.00 69.22  ? 7   DG  B N7    1 
ATOM   138  C  C5    . DG  A 1 7   ? 0.434   3.236   -5.075  1.00 69.22  ? 7   DG  B C5    1 
ATOM   139  C  C6    . DG  A 1 7   ? 0.769   4.234   -4.150  1.00 69.22  ? 7   DG  B C6    1 
ATOM   140  O  O6    . DG  A 1 7   ? 0.012   4.874   -3.414  1.00 69.22  ? 7   DG  B O6    1 
ATOM   141  N  N1    . DG  A 1 7   ? 2.137   4.476   -4.129  1.00 69.22  ? 7   DG  B N1    1 
ATOM   142  C  C2    . DG  A 1 7   ? 3.058   3.843   -4.911  1.00 69.22  ? 7   DG  B C2    1 
ATOM   143  N  N2    . DG  A 1 7   ? 4.316   4.230   -4.737  1.00 69.22  ? 7   DG  B N2    1 
ATOM   144  N  N3    . DG  A 1 7   ? 2.758   2.904   -5.796  1.00 69.22  ? 7   DG  B N3    1 
ATOM   145  C  C4    . DG  A 1 7   ? 1.433   2.648   -5.823  1.00 69.22  ? 7   DG  B C4    1 
ATOM   146  P  P     . DG  A 1 8   ? 2.625   -3.176  -8.032  1.00 93.33  ? 8   DG  B P     1 
ATOM   147  O  OP1   . DG  A 1 8   ? 3.548   -3.977  -8.871  1.00 77.06  ? 8   DG  B OP1   1 
ATOM   148  O  OP2   . DG  A 1 8   ? 1.603   -3.866  -7.200  1.00 77.06  ? 8   DG  B OP2   1 
ATOM   149  O  "O5'" . DG  A 1 8   ? 3.525   -2.246  -7.118  1.00 93.33  ? 8   DG  B "O5'" 1 
ATOM   150  C  "C5'" . DG  A 1 8   ? 4.532   -1.445  -7.714  1.00 93.33  ? 8   DG  B "C5'" 1 
ATOM   151  C  "C4'" . DG  A 1 8   ? 5.585   -1.118  -6.690  1.00 93.33  ? 8   DG  B "C4'" 1 
ATOM   152  O  "O4'" . DG  A 1 8   ? 5.108   -0.055  -5.835  1.00 93.33  ? 8   DG  B "O4'" 1 
ATOM   153  C  "C3'" . DG  A 1 8   ? 5.888   -2.299  -5.774  1.00 93.33  ? 8   DG  B "C3'" 1 
ATOM   154  O  "O3'" . DG  A 1 8   ? 7.282   -2.353  -5.493  1.00 93.33  ? 8   DG  B "O3'" 1 
ATOM   155  C  "C2'" . DG  A 1 8   ? 5.082   -1.996  -4.526  1.00 93.33  ? 8   DG  B "C2'" 1 
ATOM   156  C  "C1'" . DG  A 1 8   ? 5.078   -0.480  -4.487  1.00 93.33  ? 8   DG  B "C1'" 1 
ATOM   157  N  N9    . DG  A 1 8   ? 3.875   0.077   -3.879  1.00 77.06  ? 8   DG  B N9    1 
ATOM   158  C  C8    . DG  A 1 8   ? 2.577   -0.286  -4.146  1.00 77.06  ? 8   DG  B C8    1 
ATOM   159  N  N7    . DG  A 1 8   ? 1.705   0.361   -3.420  1.00 77.06  ? 8   DG  B N7    1 
ATOM   160  C  C5    . DG  A 1 8   ? 2.474   1.208   -2.632  1.00 77.06  ? 8   DG  B C5    1 
ATOM   161  C  C6    . DG  A 1 8   ? 2.084   2.144   -1.642  1.00 77.06  ? 8   DG  B C6    1 
ATOM   162  O  O6    . DG  A 1 8   ? 0.951   2.401   -1.236  1.00 77.06  ? 8   DG  B O6    1 
ATOM   163  N  N1    . DG  A 1 8   ? 3.183   2.810   -1.105  1.00 77.06  ? 8   DG  B N1    1 
ATOM   164  C  C2    . DG  A 1 8   ? 4.488   2.594   -1.467  1.00 77.06  ? 8   DG  B C2    1 
ATOM   165  N  N2    . DG  A 1 8   ? 5.394   3.344   -0.851  1.00 77.06  ? 8   DG  B N2    1 
ATOM   166  N  N3    . DG  A 1 8   ? 4.869   1.709   -2.372  1.00 77.06  ? 8   DG  B N3    1 
ATOM   167  C  C4    . DG  A 1 8   ? 3.816   1.056   -2.914  1.00 77.06  ? 8   DG  B C4    1 
ATOM   168  P  P     . DC  A 1 9   ? 7.834   -3.410  -4.424  1.00 107.46 ? 9   DC  B P     1 
ATOM   169  O  OP1   . DC  A 1 9   ? 9.216   -3.751  -4.847  1.00 92.49  ? 9   DC  B OP1   1 
ATOM   170  O  OP2   . DC  A 1 9   ? 6.825   -4.493  -4.235  1.00 92.49  ? 9   DC  B OP2   1 
ATOM   171  O  "O5'" . DC  A 1 9   ? 7.904   -2.546  -3.094  1.00 107.46 ? 9   DC  B "O5'" 1 
ATOM   172  C  "C5'" . DC  A 1 9   ? 8.598   -1.304  -3.081  1.00 107.46 ? 9   DC  B "C5'" 1 
ATOM   173  C  "C4'" . DC  A 1 9   ? 8.775   -0.849  -1.656  1.00 107.46 ? 9   DC  B "C4'" 1 
ATOM   174  O  "O4'" . DC  A 1 9   ? 7.546   -0.269  -1.164  1.00 107.46 ? 9   DC  B "O4'" 1 
ATOM   175  C  "C3'" . DC  A 1 9   ? 9.080   -2.028  -0.740  1.00 107.46 ? 9   DC  B "C3'" 1 
ATOM   176  O  "O3'" . DC  A 1 9   ? 9.968   -1.622  0.288   1.00 107.46 ? 9   DC  B "O3'" 1 
ATOM   177  C  "C2'" . DC  A 1 9   ? 7.724   -2.378  -0.162  1.00 107.46 ? 9   DC  B "C2'" 1 
ATOM   178  C  "C1'" . DC  A 1 9   ? 7.076   -1.011  -0.049  1.00 107.46 ? 9   DC  B "C1'" 1 
ATOM   179  N  N1    . DC  A 1 9   ? 5.604   -1.013  -0.094  1.00 92.49  ? 9   DC  B N1    1 
ATOM   180  C  C2    . DC  A 1 9   ? 4.913   -0.095  0.698   1.00 92.49  ? 9   DC  B C2    1 
ATOM   181  O  O2    . DC  A 1 9   ? 5.565   0.677   1.419   1.00 92.49  ? 9   DC  B O2    1 
ATOM   182  N  N3    . DC  A 1 9   ? 3.559   -0.072  0.657   1.00 92.49  ? 9   DC  B N3    1 
ATOM   183  C  C4    . DC  A 1 9   ? 2.902   -0.920  -0.140  1.00 92.49  ? 9   DC  B C4    1 
ATOM   184  N  N4    . DC  A 1 9   ? 1.573   -0.848  -0.171  1.00 92.49  ? 9   DC  B N4    1 
ATOM   185  C  C5    . DC  A 1 9   ? 3.581   -1.874  -0.946  1.00 92.49  ? 9   DC  B C5    1 
ATOM   186  C  C6    . DC  A 1 9   ? 4.920   -1.886  -0.895  1.00 92.49  ? 9   DC  B C6    1 
ATOM   187  P  P     . DG  A 1 10  ? 10.751  -2.731  1.128   1.00 97.85  ? 10  DG  B P     1 
ATOM   188  O  OP1   . DG  A 1 10  ? 12.131  -2.859  0.605   1.00 67.90  ? 10  DG  B OP1   1 
ATOM   189  O  OP2   . DG  A 1 10  ? 9.875   -3.928  1.202   1.00 67.90  ? 10  DG  B OP2   1 
ATOM   190  O  "O5'" . DG  A 1 10  ? 10.826  -2.090  2.576   1.00 97.85  ? 10  DG  B "O5'" 1 
ATOM   191  C  "C5'" . DG  A 1 10  ? 11.151  -0.714  2.754   1.00 97.85  ? 10  DG  B "C5'" 1 
ATOM   192  C  "C4'" . DG  A 1 10  ? 10.729  -0.274  4.136   1.00 97.85  ? 10  DG  B "C4'" 1 
ATOM   193  O  "O4'" . DG  A 1 10  ? 9.309   0.027   4.163   1.00 97.85  ? 10  DG  B "O4'" 1 
ATOM   194  C  "C3'" . DG  A 1 10  ? 10.952  -1.371  5.173   1.00 97.85  ? 10  DG  B "C3'" 1 
ATOM   195  O  "O3'" . DG  A 1 10  ? 11.484  -0.845  6.384   1.00 97.85  ? 10  DG  B "O3'" 1 
ATOM   196  C  "C2'" . DG  A 1 10  ? 9.567   -1.955  5.387   1.00 97.85  ? 10  DG  B "C2'" 1 
ATOM   197  C  "C1'" . DG  A 1 10  ? 8.656   -0.767  5.139   1.00 97.85  ? 10  DG  B "C1'" 1 
ATOM   198  N  N9    . DG  A 1 10  ? 7.358   -1.154  4.602   1.00 67.90  ? 10  DG  B N9    1 
ATOM   199  C  C8    . DG  A 1 10  ? 7.127   -1.979  3.526   1.00 67.90  ? 10  DG  B C8    1 
ATOM   200  N  N7    . DG  A 1 10  ? 5.856   -2.182  3.296   1.00 67.90  ? 10  DG  B N7    1 
ATOM   201  C  C5    . DG  A 1 10  ? 5.210   -1.441  4.273   1.00 67.90  ? 10  DG  B C5    1 
ATOM   202  C  C6    . DG  A 1 10  ? 3.833   -1.278  4.525   1.00 67.90  ? 10  DG  B C6    1 
ATOM   203  O  O6    . DG  A 1 10  ? 2.881   -1.778  3.923   1.00 67.90  ? 10  DG  B O6    1 
ATOM   204  N  N1    . DG  A 1 10  ? 3.606   -0.432  5.606   1.00 67.90  ? 10  DG  B N1    1 
ATOM   205  C  C2    . DG  A 1 10  ? 4.588   0.181   6.349   1.00 67.90  ? 10  DG  B C2    1 
ATOM   206  N  N2    . DG  A 1 10  ? 4.163   0.973   7.347   1.00 67.90  ? 10  DG  B N2    1 
ATOM   207  N  N3    . DG  A 1 10  ? 5.888   0.030   6.129   1.00 67.90  ? 10  DG  B N3    1 
ATOM   208  C  C4    . DG  A 1 10  ? 6.123   -0.789  5.082   1.00 67.90  ? 10  DG  B C4    1 
ATOM   209  P  P     . DT  A 1 11  ? 11.449  -1.746  7.704   1.00 113.04 ? 11  DT  B P     1 
ATOM   210  O  OP1   . DT  A 1 11  ? 12.391  -1.161  8.689   1.00 87.86  ? 11  DT  B OP1   1 
ATOM   211  O  OP2   . DT  A 1 11  ? 11.577  -3.174  7.305   1.00 87.86  ? 11  DT  B OP2   1 
ATOM   212  O  "O5'" . DT  A 1 11  ? 9.961   -1.549  8.220   1.00 113.04 ? 11  DT  B "O5'" 1 
ATOM   213  C  "C5'" . DT  A 1 11  ? 9.480   -0.260  8.586   1.00 113.04 ? 11  DT  B "C5'" 1 
ATOM   214  C  "C4'" . DT  A 1 11  ? 8.345   -0.411  9.564   1.00 113.04 ? 11  DT  B "C4'" 1 
ATOM   215  O  "O4'" . DT  A 1 11  ? 7.148   -0.803  8.850   1.00 113.04 ? 11  DT  B "O4'" 1 
ATOM   216  C  "C3'" . DT  A 1 11  ? 8.632   -1.526  10.568  1.00 113.04 ? 11  DT  B "C3'" 1 
ATOM   217  O  "O3'" . DT  A 1 11  ? 8.219   -1.174  11.885  1.00 113.04 ? 11  DT  B "O3'" 1 
ATOM   218  C  "C2'" . DT  A 1 11  ? 7.821   -2.695  10.042  1.00 113.04 ? 11  DT  B "C2'" 1 
ATOM   219  C  "C1'" . DT  A 1 11  ? 6.639   -2.006  9.395   1.00 113.04 ? 11  DT  B "C1'" 1 
ATOM   220  N  N1    . DT  A 1 11  ? 6.008   -2.773  8.308   1.00 87.86  ? 11  DT  B N1    1 
ATOM   221  C  C2    . DT  A 1 11  ? 4.632   -2.777  8.245   1.00 87.86  ? 11  DT  B C2    1 
ATOM   222  O  O2    . DT  A 1 11  ? 3.931   -2.172  9.034   1.00 87.86  ? 11  DT  B O2    1 
ATOM   223  N  N3    . DT  A 1 11  ? 4.101   -3.521  7.223   1.00 87.86  ? 11  DT  B N3    1 
ATOM   224  C  C4    . DT  A 1 11  ? 4.789   -4.250  6.277   1.00 87.86  ? 11  DT  B C4    1 
ATOM   225  O  O4    . DT  A 1 11  ? 4.169   -4.879  5.416   1.00 87.86  ? 11  DT  B O4    1 
ATOM   226  C  C5    . DT  A 1 11  ? 6.236   -4.202  6.398   1.00 87.86  ? 11  DT  B C5    1 
ATOM   227  C  C7    . DT  A 1 11  ? 7.069   -4.969  5.415   1.00 87.86  ? 11  DT  B C7    1 
ATOM   228  C  C6    . DT  A 1 11  ? 6.764   -3.470  7.394   1.00 87.86  ? 11  DT  B C6    1 
ATOM   229  P  P     . DC  A 1 12  ? 8.803   -1.993  13.136  1.00 124.65 ? 12  DC  B P     1 
ATOM   230  O  OP1   . DC  A 1 12  ? 9.750   -1.111  13.873  1.00 81.42  ? 12  DC  B OP1   1 
ATOM   231  O  OP2   . DC  A 1 12  ? 9.285   -3.287  12.597  1.00 81.42  ? 12  DC  B OP2   1 
ATOM   232  O  "O5'" . DC  A 1 12  ? 7.514   -2.286  14.035  1.00 124.65 ? 12  DC  B "O5'" 1 
ATOM   233  C  "C5'" . DC  A 1 12  ? 6.712   -1.220  14.549  1.00 124.65 ? 12  DC  B "C5'" 1 
ATOM   234  C  "C4'" . DC  A 1 12  ? 5.347   -1.728  14.959  1.00 124.65 ? 12  DC  B "C4'" 1 
ATOM   235  O  "O4'" . DC  A 1 12  ? 4.642   -2.203  13.787  1.00 124.65 ? 12  DC  B "O4'" 1 
ATOM   236  C  "C3'" . DC  A 1 12  ? 5.342   -2.892  15.953  1.00 124.65 ? 12  DC  B "C3'" 1 
ATOM   237  O  "O3'" . DC  A 1 12  ? 4.171   -2.882  16.791  1.00 124.65 ? 12  DC  B "O3'" 1 
ATOM   238  C  "C2'" . DC  A 1 12  ? 5.181   -4.099  15.050  1.00 124.65 ? 12  DC  B "C2'" 1 
ATOM   239  C  "C1'" . DC  A 1 12  ? 4.258   -3.554  13.976  1.00 124.65 ? 12  DC  B "C1'" 1 
ATOM   240  N  N1    . DC  A 1 12  ? 4.361   -4.239  12.682  1.00 81.42  ? 12  DC  B N1    1 
ATOM   241  C  C2    . DC  A 1 12  ? 3.179   -4.639  12.027  1.00 81.42  ? 12  DC  B C2    1 
ATOM   242  O  O2    . DC  A 1 12  ? 2.082   -4.372  12.545  1.00 81.42  ? 12  DC  B O2    1 
ATOM   243  N  N3    . DC  A 1 12  ? 3.265   -5.296  10.844  1.00 81.42  ? 12  DC  B N3    1 
ATOM   244  C  C4    . DC  A 1 12  ? 4.462   -5.546  10.308  1.00 81.42  ? 12  DC  B C4    1 
ATOM   245  N  N4    . DC  A 1 12  ? 4.499   -6.191  9.144   1.00 81.42  ? 12  DC  B N4    1 
ATOM   246  C  C5    . DC  A 1 12  ? 5.677   -5.141  10.944  1.00 81.42  ? 12  DC  B C5    1 
ATOM   247  C  C6    . DC  A 1 12  ? 5.580   -4.496  12.118  1.00 81.42  ? 12  DC  B C6    1 
ATOM   248  O  "O5'" . DC  B 2 1   ? -1.873  -18.471 3.187   1.00 128.49 ? 49  DC  C "O5'" 1 
ATOM   249  C  "C5'" . DC  B 2 1   ? -1.732  -17.440 4.160   1.00 128.49 ? 49  DC  C "C5'" 1 
ATOM   250  C  "C4'" . DC  B 2 1   ? -0.488  -17.642 4.991   1.00 128.49 ? 49  DC  C "C4'" 1 
ATOM   251  O  "O4'" . DC  B 2 1   ? 0.675   -17.747 4.127   1.00 128.49 ? 49  DC  C "O4'" 1 
ATOM   252  C  "C3'" . DC  B 2 1   ? -0.188  -16.497 5.959   1.00 128.49 ? 49  DC  C "C3'" 1 
ATOM   253  O  "O3'" . DC  B 2 1   ? 0.344   -17.007 7.176   1.00 128.49 ? 49  DC  C "O3'" 1 
ATOM   254  C  "C2'" . DC  B 2 1   ? 0.925   -15.733 5.265   1.00 128.49 ? 49  DC  C "C2'" 1 
ATOM   255  C  "C1'" . DC  B 2 1   ? 1.687   -16.864 4.602   1.00 128.49 ? 49  DC  C "C1'" 1 
ATOM   256  N  N1    . DC  B 2 1   ? 2.530   -16.423 3.469   1.00 126.74 ? 49  DC  C N1    1 
ATOM   257  C  C2    . DC  B 2 1   ? 2.328   -16.963 2.188   1.00 126.74 ? 49  DC  C C2    1 
ATOM   258  O  O2    . DC  B 2 1   ? 1.479   -17.859 2.032   1.00 126.74 ? 49  DC  C O2    1 
ATOM   259  N  N3    . DC  B 2 1   ? 3.072   -16.493 1.152   1.00 126.74 ? 49  DC  C N3    1 
ATOM   260  C  C4    . DC  B 2 1   ? 3.989   -15.545 1.360   1.00 126.74 ? 49  DC  C C4    1 
ATOM   261  N  N4    . DC  B 2 1   ? 4.672   -15.089 0.307   1.00 126.74 ? 49  DC  C N4    1 
ATOM   262  C  C5    . DC  B 2 1   ? 4.239   -15.016 2.655   1.00 126.74 ? 49  DC  C C5    1 
ATOM   263  C  C6    . DC  B 2 1   ? 3.496   -15.476 3.669   1.00 126.74 ? 49  DC  C C6    1 
ATOM   264  P  P     . DA  B 2 2   ? -0.097  -16.343 8.562   1.00 110.06 ? 50  DA  C P     1 
ATOM   265  O  OP1   . DA  B 2 2   ? 1.017   -16.396 9.554   1.00 70.08  ? 50  DA  C OP1   1 
ATOM   266  O  OP2   . DA  B 2 2   ? -1.393  -17.007 8.866   1.00 70.08  ? 50  DA  C OP2   1 
ATOM   267  O  "O5'" . DA  B 2 2   ? -0.366  -14.809 8.217   1.00 110.06 ? 50  DA  C "O5'" 1 
ATOM   268  C  "C5'" . DA  B 2 2   ? -1.419  -14.115 8.871   1.00 110.06 ? 50  DA  C "C5'" 1 
ATOM   269  C  "C4'" . DA  B 2 2   ? -1.388  -12.643 8.539   1.00 110.06 ? 50  DA  C "C4'" 1 
ATOM   270  O  "O4'" . DA  B 2 2   ? -0.431  -11.909 9.337   1.00 110.06 ? 50  DA  C "O4'" 1 
ATOM   271  C  "C3'" . DA  B 2 2   ? -1.108  -12.271 7.087   1.00 110.06 ? 50  DA  C "C3'" 1 
ATOM   272  O  "O3'" . DA  B 2 2   ? -2.044  -11.262 6.722   1.00 110.06 ? 50  DA  C "O3'" 1 
ATOM   273  C  "C2'" . DA  B 2 2   ? 0.277   -11.652 7.158   1.00 110.06 ? 50  DA  C "C2'" 1 
ATOM   274  C  "C1'" . DA  B 2 2   ? 0.183   -10.957 8.498   1.00 110.06 ? 50  DA  C "C1'" 1 
ATOM   275  N  N9    . DA  B 2 2   ? 1.427   -10.514 9.128   1.00 70.08  ? 50  DA  C N9    1 
ATOM   276  C  C8    . DA  B 2 2   ? 2.718   -10.811 8.780   1.00 70.08  ? 50  DA  C C8    1 
ATOM   277  N  N7    . DA  B 2 2   ? 3.617   -10.238 9.545   1.00 70.08  ? 50  DA  C N7    1 
ATOM   278  C  C5    . DA  B 2 2   ? 2.868   -9.514  10.462  1.00 70.08  ? 50  DA  C C5    1 
ATOM   279  C  C6    . DA  B 2 2   ? 3.229   -8.685  11.550  1.00 70.08  ? 50  DA  C C6    1 
ATOM   280  N  N6    . DA  B 2 2   ? 4.489   -8.433  11.907  1.00 70.08  ? 50  DA  C N6    1 
ATOM   281  N  N1    . DA  B 2 2   ? 2.238   -8.118  12.267  1.00 70.08  ? 50  DA  C N1    1 
ATOM   282  C  C2    . DA  B 2 2   ? 0.978   -8.370  11.915  1.00 70.08  ? 50  DA  C C2    1 
ATOM   283  N  N3    . DA  B 2 2   ? 0.511   -9.126  10.918  1.00 70.08  ? 50  DA  C N3    1 
ATOM   284  C  C4    . DA  B 2 2   ? 1.518   -9.677  10.221  1.00 70.08  ? 50  DA  C C4    1 
ATOM   285  P  P     . DG  B 2 3   ? -3.291  -11.637 5.788   1.00 123.08 ? 51  DG  C P     1 
ATOM   286  O  OP1   . DG  B 2 3   ? -3.531  -13.101 5.840   1.00 74.77  ? 51  DG  C OP1   1 
ATOM   287  O  OP2   . DG  B 2 3   ? -3.061  -10.982 4.479   1.00 74.77  ? 51  DG  C OP2   1 
ATOM   288  O  "O5'" . DG  B 2 3   ? -4.510  -10.880 6.473   1.00 123.08 ? 51  DG  C "O5'" 1 
ATOM   289  C  "C5'" . DG  B 2 3   ? -4.878  -11.143 7.818   1.00 123.08 ? 51  DG  C "C5'" 1 
ATOM   290  C  "C4'" . DG  B 2 3   ? -5.179  -9.845  8.525   1.00 123.08 ? 51  DG  C "C4'" 1 
ATOM   291  O  "O4'" . DG  B 2 3   ? -3.954  -9.219  8.970   1.00 123.08 ? 51  DG  C "O4'" 1 
ATOM   292  C  "C3'" . DG  B 2 3   ? -5.885  -8.821  7.639   1.00 123.08 ? 51  DG  C "C3'" 1 
ATOM   293  O  "O3'" . DG  B 2 3   ? -6.892  -8.130  8.378   1.00 123.08 ? 51  DG  C "O3'" 1 
ATOM   294  C  "C2'" . DG  B 2 3   ? -4.768  -7.888  7.212   1.00 123.08 ? 51  DG  C "C2'" 1 
ATOM   295  C  "C1'" . DG  B 2 3   ? -3.794  -7.939  8.378   1.00 123.08 ? 51  DG  C "C1'" 1 
ATOM   296  N  N9    . DG  B 2 3   ? -2.407  -7.849  7.946   1.00 74.77  ? 51  DG  C N9    1 
ATOM   297  C  C8    . DG  B 2 3   ? -1.880  -8.399  6.806   1.00 74.77  ? 51  DG  C C8    1 
ATOM   298  N  N7    . DG  B 2 3   ? -0.593  -8.216  6.695   1.00 74.77  ? 51  DG  C N7    1 
ATOM   299  C  C5    . DG  B 2 3   ? -0.248  -7.491  7.827   1.00 74.77  ? 51  DG  C C5    1 
ATOM   300  C  C6    . DG  B 2 3   ? 1.023   -7.019  8.266   1.00 74.77  ? 51  DG  C C6    1 
ATOM   301  O  O6    . DG  B 2 3   ? 2.128   -7.168  7.730   1.00 74.77  ? 51  DG  C O6    1 
ATOM   302  N  N1    . DG  B 2 3   ? 0.924   -6.322  9.462   1.00 74.77  ? 51  DG  C N1    1 
ATOM   303  C  C2    . DG  B 2 3   ? -0.238  -6.106  10.152  1.00 74.77  ? 51  DG  C C2    1 
ATOM   304  N  N2    . DG  B 2 3   ? -0.112  -5.397  11.283  1.00 74.77  ? 51  DG  C N2    1 
ATOM   305  N  N3    . DG  B 2 3   ? -1.431  -6.552  9.764   1.00 74.77  ? 51  DG  C N3    1 
ATOM   306  C  C4    . DG  B 2 3   ? -1.360  -7.233  8.601   1.00 74.77  ? 51  DG  C C4    1 
ATOM   307  P  P     . DA  B 2 4   ? -7.530  -6.784  7.783   1.00 129.45 ? 52  DA  C P     1 
ATOM   308  O  OP1   . DA  B 2 4   ? -8.836  -6.559  8.448   1.00 75.71  ? 52  DA  C OP1   1 
ATOM   309  O  OP2   . DA  B 2 4   ? -7.478  -6.899  6.299   1.00 75.71  ? 52  DA  C OP2   1 
ATOM   310  O  "O5'" . DA  B 2 4   ? -6.512  -5.669  8.292   1.00 129.45 ? 52  DA  C "O5'" 1 
ATOM   311  C  "C5'" . DA  B 2 4   ? -6.195  -5.565  9.679   1.00 129.45 ? 52  DA  C "C5'" 1 
ATOM   312  C  "C4'" . DA  B 2 4   ? -5.350  -4.341  9.929   1.00 129.45 ? 52  DA  C "C4'" 1 
ATOM   313  O  "O4'" . DA  B 2 4   ? -3.998  -4.563  9.464   1.00 129.45 ? 52  DA  C "O4'" 1 
ATOM   314  C  "C3'" . DA  B 2 4   ? -5.842  -3.086  9.202   1.00 129.45 ? 52  DA  C "C3'" 1 
ATOM   315  O  "O3'" . DA  B 2 4   ? -5.651  -1.926  10.017  1.00 129.45 ? 52  DA  C "O3'" 1 
ATOM   316  C  "C2'" . DA  B 2 4   ? -4.914  -2.996  8.007   1.00 129.45 ? 52  DA  C "C2'" 1 
ATOM   317  C  "C1'" . DA  B 2 4   ? -3.619  -3.490  8.612   1.00 129.45 ? 52  DA  C "C1'" 1 
ATOM   318  N  N9    . DA  B 2 4   ? -2.653  -3.992  7.633   1.00 75.71  ? 52  DA  C N9    1 
ATOM   319  C  C8    . DA  B 2 4   ? -2.903  -4.764  6.520   1.00 75.71  ? 52  DA  C C8    1 
ATOM   320  N  N7    . DA  B 2 4   ? -1.829  -5.068  5.833   1.00 75.71  ? 52  DA  C N7    1 
ATOM   321  C  C5    . DA  B 2 4   ? -0.801  -4.455  6.536   1.00 75.71  ? 52  DA  C C5    1 
ATOM   322  C  C6    . DA  B 2 4   ? 0.581   -4.408  6.320   1.00 75.71  ? 52  DA  C C6    1 
ATOM   323  N  N6    . DA  B 2 4   ? 1.190   -5.029  5.304   1.00 75.71  ? 52  DA  C N6    1 
ATOM   324  N  N1    . DA  B 2 4   ? 1.329   -3.700  7.199   1.00 75.71  ? 52  DA  C N1    1 
ATOM   325  C  C2    . DA  B 2 4   ? 0.711   -3.093  8.226   1.00 75.71  ? 52  DA  C C2    1 
ATOM   326  N  N3    . DA  B 2 4   ? -0.585  -3.074  8.538   1.00 75.71  ? 52  DA  C N3    1 
ATOM   327  C  C4    . DA  B 2 4   ? -1.294  -3.783  7.643   1.00 75.71  ? 52  DA  C C4    1 
ATOM   328  P  P     . DC  B 2 5   ? -6.162  -0.492  9.494   1.00 122.52 ? 53  DC  C P     1 
ATOM   329  O  OP1   . DC  B 2 5   ? -7.195  -0.004  10.444  1.00 75.30  ? 53  DC  C OP1   1 
ATOM   330  O  OP2   . DC  B 2 5   ? -6.485  -0.594  8.040   1.00 75.30  ? 53  DC  C OP2   1 
ATOM   331  O  "O5'" . DC  B 2 5   ? -4.884  0.437   9.658   1.00 122.52 ? 53  DC  C "O5'" 1 
ATOM   332  C  "C5'" . DC  B 2 5   ? -4.332  0.677   10.943  1.00 122.52 ? 53  DC  C "C5'" 1 
ATOM   333  C  "C4'" . DC  B 2 5   ? -3.122  1.569   10.816  1.00 122.52 ? 53  DC  C "C4'" 1 
ATOM   334  O  "O4'" . DC  B 2 5   ? -2.069  0.835   10.135  1.00 122.52 ? 53  DC  C "O4'" 1 
ATOM   335  C  "C3'" . DC  B 2 5   ? -3.392  2.814   9.972   1.00 122.52 ? 53  DC  C "C3'" 1 
ATOM   336  O  "O3'" . DC  B 2 5   ? -2.762  3.969   10.530  1.00 122.52 ? 53  DC  C "O3'" 1 
ATOM   337  C  "C2'" . DC  B 2 5   ? -2.775  2.469   8.631   1.00 122.52 ? 53  DC  C "C2'" 1 
ATOM   338  C  "C1'" . DC  B 2 5   ? -1.611  1.576   9.022   1.00 122.52 ? 53  DC  C "C1'" 1 
ATOM   339  N  N1    . DC  B 2 5   ? -1.246  0.634   7.953   1.00 75.30  ? 53  DC  C N1    1 
ATOM   340  C  C2    . DC  B 2 5   ? 0.101   0.514   7.567   1.00 75.30  ? 53  DC  C C2    1 
ATOM   341  O  O2    . DC  B 2 5   ? 0.973   1.116   8.218   1.00 75.30  ? 53  DC  C O2    1 
ATOM   342  N  N3    . DC  B 2 5   ? 0.411   -0.260  6.494   1.00 75.30  ? 53  DC  C N3    1 
ATOM   343  C  C4    . DC  B 2 5   ? -0.559  -0.907  5.830   1.00 75.30  ? 53  DC  C C4    1 
ATOM   344  N  N4    . DC  B 2 5   ? -0.227  -1.611  4.750   1.00 75.30  ? 53  DC  C N4    1 
ATOM   345  C  C5    . DC  B 2 5   ? -1.920  -0.847  6.240   1.00 75.30  ? 53  DC  C C5    1 
ATOM   346  C  C6    . DC  B 2 5   ? -2.214  -0.080  7.301   1.00 75.30  ? 53  DC  C C6    1 
ATOM   347  P  P     . DG  B 2 6   ? -2.427  5.216   9.576   1.00 113.65 ? 54  DG  C P     1 
ATOM   348  O  OP1   . DG  B 2 6   ? -2.138  6.428   10.384  1.00 74.71  ? 54  DG  C OP1   1 
ATOM   349  O  OP2   . DG  B 2 6   ? -3.479  5.267   8.534   1.00 74.71  ? 54  DG  C OP2   1 
ATOM   350  O  "O5'" . DG  B 2 6   ? -1.090  4.745   8.861   1.00 113.65 ? 54  DG  C "O5'" 1 
ATOM   351  C  "C5'" . DG  B 2 6   ? 0.107   4.565   9.608   1.00 113.65 ? 54  DG  C "C5'" 1 
ATOM   352  C  "C4'" . DG  B 2 6   ? 1.260   5.145   8.832   1.00 113.65 ? 54  DG  C "C4'" 1 
ATOM   353  O  "O4'" . DG  B 2 6   ? 1.564   4.251   7.737   1.00 113.65 ? 54  DG  C "O4'" 1 
ATOM   354  C  "C3'" . DG  B 2 6   ? 0.847   6.470   8.199   1.00 113.65 ? 54  DG  C "C3'" 1 
ATOM   355  O  "O3'" . DG  B 2 6   ? 1.933   7.382   8.141   1.00 113.65 ? 54  DG  C "O3'" 1 
ATOM   356  C  "C2'" . DG  B 2 6   ? 0.391   6.070   6.812   1.00 113.65 ? 54  DG  C "C2'" 1 
ATOM   357  C  "C1'" . DG  B 2 6   ? 1.282   4.882   6.500   1.00 113.65 ? 54  DG  C "C1'" 1 
ATOM   358  N  N9    . DG  B 2 6   ? 0.657   3.902   5.614   1.00 74.71  ? 54  DG  C N9    1 
ATOM   359  C  C8    . DG  B 2 6   ? -0.690  3.679   5.439   1.00 74.71  ? 54  DG  C C8    1 
ATOM   360  N  N7    . DG  B 2 6   ? -0.947  2.804   4.502   1.00 74.71  ? 54  DG  C N7    1 
ATOM   361  C  C5    . DG  B 2 6   ? 0.306   2.408   4.047   1.00 74.71  ? 54  DG  C C5    1 
ATOM   362  C  C6    . DG  B 2 6   ? 0.671   1.499   3.011   1.00 74.71  ? 54  DG  C C6    1 
ATOM   363  O  O6    . DG  B 2 6   ? -0.065  0.844   2.261   1.00 74.71  ? 54  DG  C O6    1 
ATOM   364  N  N1    . DG  B 2 6   ? 2.050   1.404   2.881   1.00 74.71  ? 54  DG  C N1    1 
ATOM   365  C  C2    . DG  B 2 6   ? 2.962   2.095   3.640   1.00 74.71  ? 54  DG  C C2    1 
ATOM   366  N  N2    . DG  B 2 6   ? 4.248   1.880   3.358   1.00 74.71  ? 54  DG  C N2    1 
ATOM   367  N  N3    . DG  B 2 6   ? 2.641   2.940   4.600   1.00 74.71  ? 54  DG  C N3    1 
ATOM   368  C  C4    . DG  B 2 6   ? 1.306   3.054   4.745   1.00 74.71  ? 54  DG  C C4    1 
ATOM   369  P  P     . DC  B 2 7   ? 1.682   8.863   7.582   1.00 81.63  ? 55  DC  C P     1 
ATOM   370  O  OP1   . DC  B 2 7   ? 2.071   9.858   8.621   1.00 62.06  ? 55  DC  C OP1   1 
ATOM   371  O  OP2   . DC  B 2 7   ? 0.305   8.879   6.998   1.00 62.06  ? 55  DC  C OP2   1 
ATOM   372  O  "O5'" . DC  B 2 7   ? 2.711   8.981   6.380   1.00 81.63  ? 55  DC  C "O5'" 1 
ATOM   373  C  "C5'" . DC  B 2 7   ? 2.968   7.854   5.566   1.00 81.63  ? 55  DC  C "C5'" 1 
ATOM   374  C  "C4'" . DC  B 2 7   ? 4.234   8.059   4.780   1.00 81.63  ? 55  DC  C "C4'" 1 
ATOM   375  O  "O4'" . DC  B 2 7   ? 4.447   6.835   4.061   1.00 81.63  ? 55  DC  C "O4'" 1 
ATOM   376  C  "C3'" . DC  B 2 7   ? 4.123   9.160   3.732   1.00 81.63  ? 55  DC  C "C3'" 1 
ATOM   377  O  "O3'" . DC  B 2 7   ? 5.373   9.818   3.515   1.00 81.63  ? 55  DC  C "O3'" 1 
ATOM   378  C  "C2'" . DC  B 2 7   ? 3.665   8.424   2.494   1.00 81.63  ? 55  DC  C "C2'" 1 
ATOM   379  C  "C1'" . DC  B 2 7   ? 4.129   6.989   2.699   1.00 81.63  ? 55  DC  C "C1'" 1 
ATOM   380  N  N1    . DC  B 2 7   ? 3.031   6.074   2.411   1.00 62.06  ? 55  DC  C N1    1 
ATOM   381  C  C2    . DC  B 2 7   ? 3.248   4.973   1.579   1.00 62.06  ? 55  DC  C C2    1 
ATOM   382  O  O2    . DC  B 2 7   ? 4.391   4.724   1.197   1.00 62.06  ? 55  DC  C O2    1 
ATOM   383  N  N3    . DC  B 2 7   ? 2.202   4.206   1.215   1.00 62.06  ? 55  DC  C N3    1 
ATOM   384  C  C4    . DC  B 2 7   ? 0.980   4.499   1.662   1.00 62.06  ? 55  DC  C C4    1 
ATOM   385  N  N4    . DC  B 2 7   ? -0.034  3.762   1.227   1.00 62.06  ? 55  DC  C N4    1 
ATOM   386  C  C5    . DC  B 2 7   ? 0.745   5.575   2.566   1.00 62.06  ? 55  DC  C C5    1 
ATOM   387  C  C6    . DC  B 2 7   ? 1.789   6.326   2.915   1.00 62.06  ? 55  DC  C C6    1 
ATOM   388  P  P     . DC  B 2 8   ? 5.472   11.019  2.443   1.00 58.48  ? 56  DC  C P     1 
ATOM   389  O  OP1   . DC  B 2 8   ? 6.392   12.055  2.988   1.00 63.33  ? 56  DC  C OP1   1 
ATOM   390  O  OP2   . DC  B 2 8   ? 4.101   11.396  2.021   1.00 63.33  ? 56  DC  C OP2   1 
ATOM   391  O  "O5'" . DC  B 2 8   ? 6.177   10.335  1.196   1.00 58.48  ? 56  DC  C "O5'" 1 
ATOM   392  C  "C5'" . DC  B 2 8   ? 7.310   9.496   1.385   1.00 58.48  ? 56  DC  C "C5'" 1 
ATOM   393  C  "C4'" . DC  B 2 8   ? 7.670   8.825   0.084   1.00 58.48  ? 56  DC  C "C4'" 1 
ATOM   394  O  "O4'" . DC  B 2 8   ? 6.721   7.782   -0.230  1.00 58.48  ? 56  DC  C "O4'" 1 
ATOM   395  C  "C3'" . DC  B 2 8   ? 7.657   9.782   -1.099  1.00 58.48  ? 56  DC  C "C3'" 1 
ATOM   396  O  "O3'" . DC  B 2 8   ? 8.780   9.500   -1.923  1.00 58.48  ? 56  DC  C "O3'" 1 
ATOM   397  C  "C2'" . DC  B 2 8   ? 6.348   9.470   -1.804  1.00 58.48  ? 56  DC  C "C2'" 1 
ATOM   398  C  "C1'" . DC  B 2 8   ? 6.152   7.995   -1.511  1.00 58.48  ? 56  DC  C "C1'" 1 
ATOM   399  N  N1    . DC  B 2 8   ? 4.742   7.596   -1.436  1.00 63.33  ? 56  DC  C N1    1 
ATOM   400  C  C2    . DC  B 2 8   ? 4.268   6.548   -2.246  1.00 63.33  ? 56  DC  C C2    1 
ATOM   401  O  O2    . DC  B 2 8   ? 5.046   5.979   -3.016  1.00 63.33  ? 56  DC  C O2    1 
ATOM   402  N  N3    . DC  B 2 8   ? 2.965   6.190   -2.165  1.00 63.33  ? 56  DC  C N3    1 
ATOM   403  C  C4    . DC  B 2 8   ? 2.146   6.840   -1.333  1.00 63.33  ? 56  DC  C C4    1 
ATOM   404  N  N4    . DC  B 2 8   ? 0.868   6.472   -1.294  1.00 63.33  ? 56  DC  C N4    1 
ATOM   405  C  C5    . DC  B 2 8   ? 2.601   7.901   -0.505  1.00 63.33  ? 56  DC  C C5    1 
ATOM   406  C  C6    . DC  B 2 8   ? 3.893   8.240   -0.585  1.00 63.33  ? 56  DC  C C6    1 
ATOM   407  P  P     . DC  B 2 9   ? 9.024   10.353  -3.252  1.00 74.04  ? 57  DC  C P     1 
ATOM   408  O  OP1   . DC  B 2 9   ? 10.429  10.074  -3.641  1.00 67.21  ? 57  DC  C OP1   1 
ATOM   409  O  OP2   . DC  B 2 9   ? 8.587   11.755  -3.016  1.00 67.21  ? 57  DC  C OP2   1 
ATOM   410  O  "O5'" . DC  B 2 9   ? 8.048   9.649   -4.292  1.00 74.04  ? 57  DC  C "O5'" 1 
ATOM   411  C  "C5'" . DC  B 2 9   ? 8.231   8.279   -4.606  1.00 74.04  ? 57  DC  C "C5'" 1 
ATOM   412  C  "C4'" . DC  B 2 9   ? 7.491   7.929   -5.872  1.00 74.04  ? 57  DC  C "C4'" 1 
ATOM   413  O  "O4'" . DC  B 2 9   ? 6.144   7.504   -5.576  1.00 74.04  ? 57  DC  C "O4'" 1 
ATOM   414  C  "C3'" . DC  B 2 9   ? 7.380   9.050   -6.901  1.00 74.04  ? 57  DC  C "C3'" 1 
ATOM   415  O  "O3'" . DC  B 2 9   ? 7.658   8.510   -8.199  1.00 74.04  ? 57  DC  C "O3'" 1 
ATOM   416  C  "C2'" . DC  B 2 9   ? 5.927   9.489   -6.785  1.00 74.04  ? 57  DC  C "C2'" 1 
ATOM   417  C  "C1'" . DC  B 2 9   ? 5.232   8.190   -6.412  1.00 74.04  ? 57  DC  C "C1'" 1 
ATOM   418  N  N1    . DC  B 2 9   ? 3.983   8.345   -5.655  1.00 67.21  ? 57  DC  C N1    1 
ATOM   419  C  C2    . DC  B 2 9   ? 2.834   7.676   -6.087  1.00 67.21  ? 57  DC  C C2    1 
ATOM   420  O  O2    . DC  B 2 9   ? 2.881   7.004   -7.128  1.00 67.21  ? 57  DC  C O2    1 
ATOM   421  N  N3    . DC  B 2 9   ? 1.701   7.787   -5.359  1.00 67.21  ? 57  DC  C N3    1 
ATOM   422  C  C4    . DC  B 2 9   ? 1.687   8.535   -4.251  1.00 67.21  ? 57  DC  C C4    1 
ATOM   423  N  N4    . DC  B 2 9   ? 0.562   8.596   -3.547  1.00 67.21  ? 57  DC  C N4    1 
ATOM   424  C  C5    . DC  B 2 9   ? 2.831   9.244   -3.810  1.00 67.21  ? 57  DC  C C5    1 
ATOM   425  C  C6    . DC  B 2 9   ? 3.948   9.124   -4.532  1.00 67.21  ? 57  DC  C C6    1 
ATOM   426  P  P     . DC  B 2 10  ? 7.845   9.491   -9.462  1.00 83.37  ? 58  DC  C P     1 
ATOM   427  O  OP1   . DC  B 2 10  ? 9.010   8.997   -10.241 1.00 79.58  ? 58  DC  C OP1   1 
ATOM   428  O  OP2   . DC  B 2 10  ? 7.804   10.915  -9.018  1.00 79.58  ? 58  DC  C OP2   1 
ATOM   429  O  "O5'" . DC  B 2 10  ? 6.532   9.211   -10.303 1.00 83.37  ? 58  DC  C "O5'" 1 
ATOM   430  C  "C5'" . DC  B 2 10  ? 6.103   7.882   -10.513 1.00 83.37  ? 58  DC  C "C5'" 1 
ATOM   431  C  "C4'" . DC  B 2 10  ? 4.731   7.894   -11.124 1.00 83.37  ? 58  DC  C "C4'" 1 
ATOM   432  O  "O4'" . DC  B 2 10  ? 3.715   8.024   -10.100 1.00 83.37  ? 58  DC  C "O4'" 1 
ATOM   433  C  "C3'" . DC  B 2 10  ? 4.538   9.075   -12.076 1.00 83.37  ? 58  DC  C "C3'" 1 
ATOM   434  O  "O3'" . DC  B 2 10  ? 3.825   8.631   -13.227 1.00 83.37  ? 58  DC  C "O3'" 1 
ATOM   435  C  "C2'" . DC  B 2 10  ? 3.666   10.023  -11.271 1.00 83.37  ? 58  DC  C "C2'" 1 
ATOM   436  C  "C1'" . DC  B 2 10  ? 2.811   9.029   -10.513 1.00 83.37  ? 58  DC  C "C1'" 1 
ATOM   437  N  N1    . DC  B 2 10  ? 2.092   9.535   -9.335  1.00 79.58  ? 58  DC  C N1    1 
ATOM   438  C  C2    . DC  B 2 10  ? 0.830   9.015   -9.051  1.00 79.58  ? 58  DC  C C2    1 
ATOM   439  O  O2    . DC  B 2 10  ? 0.360   8.151   -9.801  1.00 79.58  ? 58  DC  C O2    1 
ATOM   440  N  N3    . DC  B 2 10  ? 0.150   9.472   -7.976  1.00 79.58  ? 58  DC  C N3    1 
ATOM   441  C  C4    . DC  B 2 10  ? 0.684   10.418  -7.206  1.00 79.58  ? 58  DC  C C4    1 
ATOM   442  N  N4    . DC  B 2 10  ? -0.019  10.843  -6.164  1.00 79.58  ? 58  DC  C N4    1 
ATOM   443  C  C5    . DC  B 2 10  ? 1.966   10.967  -7.472  1.00 79.58  ? 58  DC  C C5    1 
ATOM   444  C  C6    . DC  B 2 10  ? 2.634   10.498  -8.534  1.00 79.58  ? 58  DC  C C6    1 
ATOM   445  P  P     . DC  B 2 11  ? 3.853   9.501   -14.571 1.00 86.87  ? 59  DC  C P     1 
ATOM   446  O  OP1   . DC  B 2 11  ? 4.714   8.764   -15.524 1.00 76.97  ? 59  DC  C OP1   1 
ATOM   447  O  OP2   . DC  B 2 11  ? 4.132   10.927  -14.257 1.00 76.97  ? 59  DC  C OP2   1 
ATOM   448  O  "O5'" . DC  B 2 11  ? 2.357   9.394   -15.072 1.00 86.87  ? 59  DC  C "O5'" 1 
ATOM   449  C  "C5'" . DC  B 2 11  ? 1.655   8.175   -14.926 1.00 86.87  ? 59  DC  C "C5'" 1 
ATOM   450  C  "C4'" . DC  B 2 11  ? 0.184   8.449   -14.758 1.00 86.87  ? 59  DC  C "C4'" 1 
ATOM   451  O  "O4'" . DC  B 2 11  ? -0.123  8.834   -13.396 1.00 86.87  ? 59  DC  C "O4'" 1 
ATOM   452  C  "C3'" . DC  B 2 11  ? -0.344  9.569   -15.652 1.00 86.87  ? 59  DC  C "C3'" 1 
ATOM   453  O  "O3'" . DC  B 2 11  ? -1.569  9.158   -16.237 1.00 86.87  ? 59  DC  C "O3'" 1 
ATOM   454  C  "C2'" . DC  B 2 11  ? -0.622  10.699  -14.678 1.00 86.87  ? 59  DC  C "C2'" 1 
ATOM   455  C  "C1'" . DC  B 2 11  ? -1.017  9.929   -13.437 1.00 86.87  ? 59  DC  C "C1'" 1 
ATOM   456  N  N1    . DC  B 2 11  ? -0.875  10.681  -12.189 1.00 76.97  ? 59  DC  C N1    1 
ATOM   457  C  C2    . DC  B 2 11  ? -2.010  11.003  -11.465 1.00 76.97  ? 59  DC  C C2    1 
ATOM   458  O  O2    . DC  B 2 11  ? -3.099  10.576  -11.845 1.00 76.97  ? 59  DC  C O2    1 
ATOM   459  N  N3    . DC  B 2 11  ? -1.893  11.757  -10.356 1.00 76.97  ? 59  DC  C N3    1 
ATOM   460  C  C4    . DC  B 2 11  ? -0.688  12.153  -9.945  1.00 76.97  ? 59  DC  C C4    1 
ATOM   461  N  N4    . DC  B 2 11  ? -0.607  12.893  -8.840  1.00 76.97  ? 59  DC  C N4    1 
ATOM   462  C  C5    . DC  B 2 11  ? 0.490   11.805  -10.646 1.00 76.97  ? 59  DC  C C5    1 
ATOM   463  C  C6    . DC  B 2 11  ? 0.354   11.075  -11.754 1.00 76.97  ? 59  DC  C C6    1 
ATOM   464  P  P     . DG  B 2 12  ? -1.963  9.669   -17.698 1.00 76.00  ? 60  DG  C P     1 
ATOM   465  O  OP1   . DG  B 2 12  ? -1.769  8.541   -18.644 1.00 69.34  ? 60  DG  C OP1   1 
ATOM   466  O  OP2   . DG  B 2 12  ? -1.295  10.970  -17.939 1.00 69.34  ? 60  DG  C OP2   1 
ATOM   467  O  "O5'" . DG  B 2 12  ? -3.514  9.946   -17.554 1.00 76.00  ? 60  DG  C "O5'" 1 
ATOM   468  C  "C5'" . DG  B 2 12  ? -4.306  9.088   -16.751 1.00 76.00  ? 60  DG  C "C5'" 1 
ATOM   469  C  "C4'" . DG  B 2 12  ? -5.436  9.866   -16.129 1.00 76.00  ? 60  DG  C "C4'" 1 
ATOM   470  O  "O4'" . DG  B 2 12  ? -5.032  10.523  -14.904 1.00 76.00  ? 60  DG  C "O4'" 1 
ATOM   471  C  "C3'" . DG  B 2 12  ? -5.988  10.955  -17.041 1.00 76.00  ? 60  DG  C "C3'" 1 
ATOM   472  O  "O3'" . DG  B 2 12  ? -7.406  10.872  -17.040 1.00 76.00  ? 60  DG  C "O3'" 1 
ATOM   473  C  "C2'" . DG  B 2 12  ? -5.501  12.244  -16.395 1.00 76.00  ? 60  DG  C "C2'" 1 
ATOM   474  C  "C1'" . DG  B 2 12  ? -5.461  11.872  -14.926 1.00 76.00  ? 60  DG  C "C1'" 1 
ATOM   475  N  N9    . DG  B 2 12  ? -4.534  12.639  -14.100 1.00 69.34  ? 60  DG  C N9    1 
ATOM   476  C  C8    . DG  B 2 12  ? -3.203  12.881  -14.347 1.00 69.34  ? 60  DG  C C8    1 
ATOM   477  N  N7    . DG  B 2 12  ? -2.613  13.544  -13.385 1.00 69.34  ? 60  DG  C N7    1 
ATOM   478  C  C5    . DG  B 2 12  ? -3.622  13.770  -12.452 1.00 69.34  ? 60  DG  C C5    1 
ATOM   479  C  C6    . DG  B 2 12  ? -3.587  14.431  -11.191 1.00 69.34  ? 60  DG  C C6    1 
ATOM   480  O  O6    . DG  B 2 12  ? -2.636  14.975  -10.635 1.00 69.34  ? 60  DG  C O6    1 
ATOM   481  N  N1    . DG  B 2 12  ? -4.829  14.417  -10.573 1.00 69.34  ? 60  DG  C N1    1 
ATOM   482  C  C2    . DG  B 2 12  ? -5.964  13.845  -11.093 1.00 69.34  ? 60  DG  C C2    1 
ATOM   483  N  N2    . DG  B 2 12  ? -7.063  13.917  -10.334 1.00 69.34  ? 60  DG  C N2    1 
ATOM   484  N  N3    . DG  B 2 12  ? -6.017  13.239  -12.269 1.00 69.34  ? 60  DG  C N3    1 
ATOM   485  C  C4    . DG  B 2 12  ? -4.818  13.232  -12.888 1.00 69.34  ? 60  DG  C C4    1 
ATOM   486  P  P     . DC  B 2 13  ? -8.250  11.788  -18.039 1.00 95.45  ? 61  DC  C P     1 
ATOM   487  O  OP1   . DC  B 2 13  ? -9.224  10.918  -18.735 1.00 66.92  ? 61  DC  C OP1   1 
ATOM   488  O  OP2   . DC  B 2 13  ? -7.301  12.614  -18.829 1.00 66.92  ? 61  DC  C OP2   1 
ATOM   489  O  "O5'" . DC  B 2 13  ? -9.037  12.736  -17.041 1.00 95.45  ? 61  DC  C "O5'" 1 
ATOM   490  C  "C5'" . DC  B 2 13  ? -9.758  12.182  -15.957 1.00 95.45  ? 61  DC  C "C5'" 1 
ATOM   491  C  "C4'" . DC  B 2 13  ? -10.334 13.294  -15.126 1.00 95.45  ? 61  DC  C "C4'" 1 
ATOM   492  O  "O4'" . DC  B 2 13  ? -9.311  13.880  -14.296 1.00 95.45  ? 61  DC  C "O4'" 1 
ATOM   493  C  "C3'" . DC  B 2 13  ? -10.878 14.432  -15.982 1.00 95.45  ? 61  DC  C "C3'" 1 
ATOM   494  O  "O3'" . DC  B 2 13  ? -12.013 14.984  -15.333 1.00 95.45  ? 61  DC  C "O3'" 1 
ATOM   495  C  "C2'" . DC  B 2 13  ? -9.754  15.446  -15.953 1.00 95.45  ? 61  DC  C "C2'" 1 
ATOM   496  C  "C1'" . DC  B 2 13  ? -9.268  15.272  -14.534 1.00 95.45  ? 61  DC  C "C1'" 1 
ATOM   497  N  N1    . DC  B 2 13  ? -7.901  15.721  -14.287 1.00 66.92  ? 61  DC  C N1    1 
ATOM   498  C  C2    . DC  B 2 13  ? -7.635  16.419  -13.116 1.00 66.92  ? 61  DC  C C2    1 
ATOM   499  O  O2    . DC  B 2 13  ? -8.568  16.648  -12.337 1.00 66.92  ? 61  DC  C O2    1 
ATOM   500  N  N3    . DC  B 2 13  ? -6.375  16.823  -12.858 1.00 66.92  ? 61  DC  C N3    1 
ATOM   501  C  C4    . DC  B 2 13  ? -5.400  16.552  -13.729 1.00 66.92  ? 61  DC  C C4    1 
ATOM   502  N  N4    . DC  B 2 13  ? -4.168  16.958  -13.436 1.00 66.92  ? 61  DC  C N4    1 
ATOM   503  C  C5    . DC  B 2 13  ? -5.648  15.850  -14.941 1.00 66.92  ? 61  DC  C C5    1 
ATOM   504  C  C6    . DC  B 2 13  ? -6.902  15.455  -15.178 1.00 66.92  ? 61  DC  C C6    1 
ATOM   505  P  P     . DG  B 2 14  ? -13.299 15.387  -16.193 1.00 110.58 ? 62  DG  C P     1 
ATOM   506  O  OP1   . DG  B 2 14  ? -14.304 14.305  -16.033 1.00 58.42  ? 62  DG  C OP1   1 
ATOM   507  O  OP2   . DG  B 2 14  ? -12.820 15.764  -17.557 1.00 58.42  ? 62  DG  C OP2   1 
ATOM   508  O  "O5'" . DG  B 2 14  ? -13.846 16.659  -15.414 1.00 110.58 ? 62  DG  C "O5'" 1 
ATOM   509  C  "C5'" . DG  B 2 14  ? -14.254 16.549  -14.053 1.00 110.58 ? 62  DG  C "C5'" 1 
ATOM   510  C  "C4'" . DG  B 2 14  ? -14.168 17.898  -13.384 1.00 110.58 ? 62  DG  C "C4'" 1 
ATOM   511  O  "O4'" . DG  B 2 14  ? -12.776 18.265  -13.254 1.00 110.58 ? 62  DG  C "O4'" 1 
ATOM   512  C  "C3'" . DG  B 2 14  ? -14.809 19.023  -14.197 1.00 110.58 ? 62  DG  C "C3'" 1 
ATOM   513  O  "O3'" . DG  B 2 14  ? -15.163 20.129  -13.351 1.00 110.58 ? 62  DG  C "O3'" 1 
ATOM   514  C  "C2'" . DG  B 2 14  ? -13.645 19.521  -15.032 1.00 110.58 ? 62  DG  C "C2'" 1 
ATOM   515  C  "C1'" . DG  B 2 14  ? -12.526 19.440  -14.014 1.00 110.58 ? 62  DG  C "C1'" 1 
ATOM   516  N  N9    . DG  B 2 14  ? -11.180 19.336  -14.559 1.00 58.42  ? 62  DG  C N9    1 
ATOM   517  C  C8    . DG  B 2 14  ? -10.792 18.781  -15.757 1.00 58.42  ? 62  DG  C C8    1 
ATOM   518  N  N7    . DG  B 2 14  ? -9.495  18.784  -15.921 1.00 58.42  ? 62  DG  C N7    1 
ATOM   519  C  C5    . DG  B 2 14  ? -9.005  19.385  -14.769 1.00 58.42  ? 62  DG  C C5    1 
ATOM   520  C  C6    . DG  B 2 14  ? -7.681  19.639  -14.365 1.00 58.42  ? 62  DG  C C6    1 
ATOM   521  O  O6    . DG  B 2 14  ? -6.635  19.363  -14.950 1.00 58.42  ? 62  DG  C O6    1 
ATOM   522  N  N1    . DG  B 2 14  ? -7.637  20.273  -13.133 1.00 58.42  ? 62  DG  C N1    1 
ATOM   523  C  C2    . DG  B 2 14  ? -8.731  20.617  -12.382 1.00 58.42  ? 62  DG  C C2    1 
ATOM   524  N  N2    . DG  B 2 14  ? -8.483  21.243  -11.218 1.00 58.42  ? 62  DG  C N2    1 
ATOM   525  N  N3    . DG  B 2 14  ? -9.974  20.373  -12.742 1.00 58.42  ? 62  DG  C N3    1 
ATOM   526  C  C4    . DG  B 2 14  ? -10.035 19.756  -13.935 1.00 58.42  ? 62  DG  C C4    1 
ATOM   527  N  N     . ARG C 3 5   ? 12.966  -31.784 12.463  1.00 126.97 ? 321 ARG A N     1 
ATOM   528  C  CA    . ARG C 3 5   ? 12.458  -30.739 11.525  1.00 126.97 ? 321 ARG A CA    1 
ATOM   529  C  C     . ARG C 3 5   ? 10.964  -30.453 11.721  1.00 126.97 ? 321 ARG A C     1 
ATOM   530  O  O     . ARG C 3 5   ? 10.137  -30.774 10.867  1.00 126.97 ? 321 ARG A O     1 
ATOM   531  C  CB    . ARG C 3 5   ? 12.728  -31.157 10.070  1.00 161.53 ? 321 ARG A CB    1 
ATOM   532  C  CG    . ARG C 3 5   ? 12.258  -32.561 9.717   1.00 161.53 ? 321 ARG A CG    1 
ATOM   533  C  CD    . ARG C 3 5   ? 12.429  -32.877 8.232   1.00 161.53 ? 321 ARG A CD    1 
ATOM   534  N  NE    . ARG C 3 5   ? 13.822  -32.837 7.792   1.00 161.53 ? 321 ARG A NE    1 
ATOM   535  C  CZ    . ARG C 3 5   ? 14.233  -33.222 6.586   1.00 161.53 ? 321 ARG A CZ    1 
ATOM   536  N  NH1   . ARG C 3 5   ? 13.357  -33.679 5.703   1.00 161.53 ? 321 ARG A NH1   1 
ATOM   537  N  NH2   . ARG C 3 5   ? 15.519  -33.151 6.262   1.00 161.53 ? 321 ARG A NH2   1 
ATOM   538  N  N     . PRO C 3 6   ? 10.600  -29.846 12.860  1.00 187.51 ? 322 PRO A N     1 
ATOM   539  C  CA    . PRO C 3 6   ? 9.180   -29.554 13.079  1.00 187.51 ? 322 PRO A CA    1 
ATOM   540  C  C     . PRO C 3 6   ? 8.731   -28.466 12.104  1.00 187.51 ? 322 PRO A C     1 
ATOM   541  O  O     . PRO C 3 6   ? 7.706   -28.588 11.431  1.00 187.51 ? 322 PRO A O     1 
ATOM   542  C  CB    . PRO C 3 6   ? 9.143   -29.062 14.529  1.00 123.03 ? 322 PRO A CB    1 
ATOM   543  C  CG    . PRO C 3 6   ? 10.395  -29.636 15.148  1.00 123.03 ? 322 PRO A CG    1 
ATOM   544  C  CD    . PRO C 3 6   ? 11.400  -29.486 14.044  1.00 123.03 ? 322 PRO A CD    1 
ATOM   545  N  N     . PHE C 3 7   ? 9.543   -27.415 12.039  1.00 141.94 ? 323 PHE A N     1 
ATOM   546  C  CA    . PHE C 3 7   ? 9.326   -26.229 11.212  1.00 141.94 ? 323 PHE A CA    1 
ATOM   547  C  C     . PHE C 3 7   ? 9.055   -26.452 9.725   1.00 141.94 ? 323 PHE A C     1 
ATOM   548  O  O     . PHE C 3 7   ? 9.449   -27.465 9.154   1.00 141.94 ? 323 PHE A O     1 
ATOM   549  C  CB    . PHE C 3 7   ? 10.531  -25.304 11.350  1.00 110.37 ? 323 PHE A CB    1 
ATOM   550  C  CG    . PHE C 3 7   ? 10.949  -25.057 12.770  1.00 110.37 ? 323 PHE A CG    1 
ATOM   551  C  CD1   . PHE C 3 7   ? 10.865  -23.783 13.321  1.00 110.37 ? 323 PHE A CD1   1 
ATOM   552  C  CD2   . PHE C 3 7   ? 11.435  -26.099 13.558  1.00 110.37 ? 323 PHE A CD2   1 
ATOM   553  C  CE1   . PHE C 3 7   ? 11.260  -23.549 14.634  1.00 110.37 ? 323 PHE A CE1   1 
ATOM   554  C  CE2   . PHE C 3 7   ? 11.832  -25.876 14.877  1.00 110.37 ? 323 PHE A CE2   1 
ATOM   555  C  CZ    . PHE C 3 7   ? 11.744  -24.596 15.415  1.00 110.37 ? 323 PHE A CZ    1 
ATOM   556  N  N     . MET C 3 8   ? 8.382   -25.479 9.112   1.00 139.01 ? 324 MET A N     1 
ATOM   557  C  CA    . MET C 3 8   ? 8.063   -25.507 7.685   1.00 139.01 ? 324 MET A CA    1 
ATOM   558  C  C     . MET C 3 8   ? 7.903   -24.075 7.160   1.00 139.01 ? 324 MET A C     1 
ATOM   559  O  O     . MET C 3 8   ? 7.521   -23.172 7.906   1.00 139.01 ? 324 MET A O     1 
ATOM   560  C  CB    . MET C 3 8   ? 6.770   -26.284 7.415   1.00 116.85 ? 324 MET A CB    1 
ATOM   561  C  CG    . MET C 3 8   ? 6.440   -26.364 5.925   1.00 116.85 ? 324 MET A CG    1 
ATOM   562  S  SD    . MET C 3 8   ? 4.763   -26.882 5.534   1.00 116.85 ? 324 MET A SD    1 
ATOM   563  C  CE    . MET C 3 8   ? 5.036   -28.566 4.991   1.00 116.85 ? 324 MET A CE    1 
ATOM   564  N  N     . CYS C 3 9   ? 8.191   -23.875 5.875   1.00 134.86 ? 325 CYS A N     1 
ATOM   565  C  CA    . CYS C 3 9   ? 8.083   -22.554 5.265   1.00 134.86 ? 325 CYS A CA    1 
ATOM   566  C  C     . CYS C 3 9   ? 6.667   -22.250 4.788   1.00 134.86 ? 325 CYS A C     1 
ATOM   567  O  O     . CYS C 3 9   ? 6.011   -23.083 4.158   1.00 134.86 ? 325 CYS A O     1 
ATOM   568  C  CB    . CYS C 3 9   ? 9.059   -22.431 4.098   1.00 110.39 ? 325 CYS A CB    1 
ATOM   569  S  SG    . CYS C 3 9   ? 9.135   -20.777 3.406   1.00 110.39 ? 325 CYS A SG    1 
ATOM   570  N  N     . ALA C 3 10  ? 6.216   -21.036 5.085   1.00 84.33  ? 326 ALA A N     1 
ATOM   571  C  CA    . ALA C 3 10  ? 4.872   -20.585 4.737   1.00 84.33  ? 326 ALA A CA    1 
ATOM   572  C  C     . ALA C 3 10  ? 4.585   -20.292 3.263   1.00 84.33  ? 326 ALA A C     1 
ATOM   573  O  O     . ALA C 3 10  ? 3.434   -20.388 2.828   1.00 84.33  ? 326 ALA A O     1 
ATOM   574  C  CB    . ALA C 3 10  ? 4.519   -19.364 5.567   1.00 47.08  ? 326 ALA A CB    1 
ATOM   575  N  N     . TYR C 3 11  ? 5.601   -19.929 2.488   1.00 95.61  ? 327 TYR A N     1 
ATOM   576  C  CA    . TYR C 3 11  ? 5.350   -19.625 1.089   1.00 95.61  ? 327 TYR A CA    1 
ATOM   577  C  C     . TYR C 3 11  ? 4.536   -20.742 0.427   1.00 95.61  ? 327 TYR A C     1 
ATOM   578  O  O     . TYR C 3 11  ? 4.771   -21.923 0.667   1.00 95.61  ? 327 TYR A O     1 
ATOM   579  C  CB    . TYR C 3 11  ? 6.658   -19.407 0.338   1.00 100.76 ? 327 TYR A CB    1 
ATOM   580  C  CG    . TYR C 3 11  ? 6.415   -18.775 -1.003  1.00 100.76 ? 327 TYR A CG    1 
ATOM   581  C  CD1   . TYR C 3 11  ? 6.069   -17.428 -1.108  1.00 100.76 ? 327 TYR A CD1   1 
ATOM   582  C  CD2   . TYR C 3 11  ? 6.448   -19.537 -2.166  1.00 100.76 ? 327 TYR A CD2   1 
ATOM   583  C  CE1   . TYR C 3 11  ? 5.752   -16.857 -2.345  1.00 100.76 ? 327 TYR A CE1   1 
ATOM   584  C  CE2   . TYR C 3 11  ? 6.132   -18.977 -3.407  1.00 100.76 ? 327 TYR A CE2   1 
ATOM   585  C  CZ    . TYR C 3 11  ? 5.787   -17.642 -3.488  1.00 100.76 ? 327 TYR A CZ    1 
ATOM   586  O  OH    . TYR C 3 11  ? 5.481   -17.109 -4.716  1.00 100.76 ? 327 TYR A OH    1 
ATOM   587  N  N     . PRO C 3 12  ? 3.545   -20.372 -0.402  1.00 112.08 ? 328 PRO A N     1 
ATOM   588  C  CA    . PRO C 3 12  ? 2.655   -21.291 -1.125  1.00 112.08 ? 328 PRO A CA    1 
ATOM   589  C  C     . PRO C 3 12  ? 3.329   -22.201 -2.154  1.00 112.08 ? 328 PRO A C     1 
ATOM   590  O  O     . PRO C 3 12  ? 4.100   -21.736 -2.995  1.00 112.08 ? 328 PRO A O     1 
ATOM   591  C  CB    . PRO C 3 12  ? 1.654   -20.348 -1.789  1.00 99.36  ? 328 PRO A CB    1 
ATOM   592  C  CG    . PRO C 3 12  ? 1.621   -19.185 -0.863  1.00 99.36  ? 328 PRO A CG    1 
ATOM   593  C  CD    . PRO C 3 12  ? 3.076   -18.986 -0.552  1.00 99.36  ? 328 PRO A CD    1 
ATOM   594  N  N     . GLY C 3 13  ? 3.016   -23.494 -2.092  1.00 148.42 ? 329 GLY A N     1 
ATOM   595  C  CA    . GLY C 3 13  ? 3.580   -24.451 -3.032  1.00 148.42 ? 329 GLY A CA    1 
ATOM   596  C  C     . GLY C 3 13  ? 4.974   -24.927 -2.679  1.00 148.42 ? 329 GLY A C     1 
ATOM   597  O  O     . GLY C 3 13  ? 5.504   -25.848 -3.298  1.00 148.42 ? 329 GLY A O     1 
ATOM   598  N  N     . CYS C 3 14  ? 5.573   -24.292 -1.681  1.00 149.58 ? 330 CYS A N     1 
ATOM   599  C  CA    . CYS C 3 14  ? 6.911   -24.654 -1.244  1.00 149.58 ? 330 CYS A CA    1 
ATOM   600  C  C     . CYS C 3 14  ? 6.878   -25.071 0.215   1.00 149.58 ? 330 CYS A C     1 
ATOM   601  O  O     . CYS C 3 14  ? 7.535   -24.474 1.069   1.00 149.58 ? 330 CYS A O     1 
ATOM   602  C  CB    . CYS C 3 14  ? 7.863   -23.476 -1.421  1.00 88.80  ? 330 CYS A CB    1 
ATOM   603  S  SG    . CYS C 3 14  ? 9.519   -23.800 -0.822  1.00 88.80  ? 330 CYS A SG    1 
ATOM   604  N  N     . ASN C 3 15  ? 6.082   -26.093 0.496   1.00 154.14 ? 331 ASN A N     1 
ATOM   605  C  CA    . ASN C 3 15  ? 5.965   -26.611 1.845   1.00 154.14 ? 331 ASN A CA    1 
ATOM   606  C  C     . ASN C 3 15  ? 7.112   -27.581 2.074   1.00 154.14 ? 331 ASN A C     1 
ATOM   607  O  O     . ASN C 3 15  ? 7.325   -28.501 1.284   1.00 154.14 ? 331 ASN A O     1 
ATOM   608  C  CB    . ASN C 3 15  ? 4.613   -27.311 2.020   1.00 138.58 ? 331 ASN A CB    1 
ATOM   609  C  CG    . ASN C 3 15  ? 4.104   -27.931 0.730   1.00 138.58 ? 331 ASN A CG    1 
ATOM   610  O  OD1   . ASN C 3 15  ? 4.754   -28.796 0.148   1.00 138.58 ? 331 ASN A OD1   1 
ATOM   611  N  ND2   . ASN C 3 15  ? 2.936   -27.483 0.275   1.00 138.58 ? 331 ASN A ND2   1 
ATOM   612  N  N     . LYS C 3 16  ? 7.861   -27.358 3.145   1.00 105.00 ? 332 LYS A N     1 
ATOM   613  C  CA    . LYS C 3 16  ? 8.998   -28.212 3.478   1.00 105.00 ? 332 LYS A CA    1 
ATOM   614  C  C     . LYS C 3 16  ? 9.527   -27.898 4.869   1.00 105.00 ? 332 LYS A C     1 
ATOM   615  O  O     . LYS C 3 16  ? 9.432   -26.763 5.332   1.00 105.00 ? 332 LYS A O     1 
ATOM   616  C  CB    . LYS C 3 16  ? 10.110  -28.026 2.455   1.00 91.64  ? 332 LYS A CB    1 
ATOM   617  C  CG    . LYS C 3 16  ? 10.236  -26.600 1.981   1.00 91.64  ? 332 LYS A CG    1 
ATOM   618  C  CD    . LYS C 3 16  ? 11.632  -26.295 1.490   1.00 91.64  ? 332 LYS A CD    1 
ATOM   619  C  CE    . LYS C 3 16  ? 12.614  -26.338 2.635   1.00 91.64  ? 332 LYS A CE    1 
ATOM   620  N  NZ    . LYS C 3 16  ? 13.929  -25.808 2.212   1.00 91.64  ? 332 LYS A NZ    1 
ATOM   621  N  N     . ARG C 3 17  ? 10.106  -28.905 5.518   1.00 115.80 ? 333 ARG A N     1 
ATOM   622  C  CA    . ARG C 3 17  ? 10.616  -28.755 6.877   1.00 115.80 ? 333 ARG A CA    1 
ATOM   623  C  C     . ARG C 3 17  ? 12.019  -28.176 7.038   1.00 115.80 ? 333 ARG A C     1 
ATOM   624  O  O     . ARG C 3 17  ? 12.727  -27.934 6.058   1.00 115.80 ? 333 ARG A O     1 
ATOM   625  C  CB    . ARG C 3 17  ? 10.539  -30.103 7.604   1.00 200.00 ? 333 ARG A CB    1 
ATOM   626  C  CG    . ARG C 3 17  ? 9.122   -30.637 7.804   1.00 200.00 ? 333 ARG A CG    1 
ATOM   627  C  CD    . ARG C 3 17  ? 9.150   -32.003 8.481   1.00 200.00 ? 333 ARG A CD    1 
ATOM   628  N  NE    . ARG C 3 17  ? 7.819   -32.557 8.708   1.00 200.00 ? 333 ARG A NE    1 
ATOM   629  C  CZ    . ARG C 3 17  ? 7.588   -33.744 9.264   1.00 200.00 ? 333 ARG A CZ    1 
ATOM   630  N  NH1   . ARG C 3 17  ? 8.602   -34.507 9.653   1.00 200.00 ? 333 ARG A NH1   1 
ATOM   631  N  NH2   . ARG C 3 17  ? 6.343   -34.167 9.431   1.00 200.00 ? 333 ARG A NH2   1 
ATOM   632  N  N     . TYR C 3 18  ? 12.397  -27.968 8.299   1.00 117.61 ? 334 TYR A N     1 
ATOM   633  C  CA    . TYR C 3 18  ? 13.695  -27.416 8.684   1.00 117.61 ? 334 TYR A CA    1 
ATOM   634  C  C     . TYR C 3 18  ? 14.050  -27.768 10.123  1.00 117.61 ? 334 TYR A C     1 
ATOM   635  O  O     . TYR C 3 18  ? 13.512  -27.169 11.058  1.00 117.61 ? 334 TYR A O     1 
ATOM   636  C  CB    . TYR C 3 18  ? 13.676  -25.903 8.552   1.00 179.85 ? 334 TYR A CB    1 
ATOM   637  C  CG    . TYR C 3 18  ? 14.138  -25.421 7.213   1.00 179.85 ? 334 TYR A CG    1 
ATOM   638  C  CD1   . TYR C 3 18  ? 15.492  -25.374 6.906   1.00 179.85 ? 334 TYR A CD1   1 
ATOM   639  C  CD2   . TYR C 3 18  ? 13.223  -25.023 6.246   1.00 179.85 ? 334 TYR A CD2   1 
ATOM   640  C  CE1   . TYR C 3 18  ? 15.926  -24.938 5.664   1.00 179.85 ? 334 TYR A CE1   1 
ATOM   641  C  CE2   . TYR C 3 18  ? 13.642  -24.585 5.003   1.00 179.85 ? 334 TYR A CE2   1 
ATOM   642  C  CZ    . TYR C 3 18  ? 14.996  -24.545 4.716   1.00 179.85 ? 334 TYR A CZ    1 
ATOM   643  O  OH    . TYR C 3 18  ? 15.420  -24.105 3.482   1.00 179.85 ? 334 TYR A OH    1 
ATOM   644  N  N     . PHE C 3 19  ? 14.965  -28.722 10.293  1.00 136.76 ? 335 PHE A N     1 
ATOM   645  C  CA    . PHE C 3 19  ? 15.400  -29.164 11.620  1.00 136.76 ? 335 PHE A CA    1 
ATOM   646  C  C     . PHE C 3 19  ? 15.334  -28.029 12.641  1.00 136.76 ? 335 PHE A C     1 
ATOM   647  O  O     . PHE C 3 19  ? 14.437  -27.997 13.486  1.00 136.76 ? 335 PHE A O     1 
ATOM   648  C  CB    . PHE C 3 19  ? 16.832  -29.727 11.567  1.00 166.86 ? 335 PHE A CB    1 
ATOM   649  C  CG    . PHE C 3 19  ? 16.948  -31.075 10.880  1.00 166.86 ? 335 PHE A CG    1 
ATOM   650  C  CD1   . PHE C 3 19  ? 16.755  -31.198 9.505   1.00 166.86 ? 335 PHE A CD1   1 
ATOM   651  C  CD2   . PHE C 3 19  ? 17.262  -32.218 11.614  1.00 166.86 ? 335 PHE A CD2   1 
ATOM   652  C  CE1   . PHE C 3 19  ? 16.874  -32.437 8.874   1.00 166.86 ? 335 PHE A CE1   1 
ATOM   653  C  CE2   . PHE C 3 19  ? 17.381  -33.459 10.991  1.00 166.86 ? 335 PHE A CE2   1 
ATOM   654  C  CZ    . PHE C 3 19  ? 17.186  -33.567 9.619   1.00 166.86 ? 335 PHE A CZ    1 
ATOM   655  N  N     . LYS C 3 20  ? 16.278  -27.096 12.556  1.00 113.70 ? 336 LYS A N     1 
ATOM   656  C  CA    . LYS C 3 20  ? 16.299  -25.972 13.482  1.00 113.70 ? 336 LYS A CA    1 
ATOM   657  C  C     . LYS C 3 20  ? 15.414  -24.803 13.066  1.00 113.70 ? 336 LYS A C     1 
ATOM   658  O  O     . LYS C 3 20  ? 14.777  -24.815 12.007  1.00 113.70 ? 336 LYS A O     1 
ATOM   659  C  CB    . LYS C 3 20  ? 17.729  -25.465 13.697  1.00 105.25 ? 336 LYS A CB    1 
ATOM   660  C  CG    . LYS C 3 20  ? 18.538  -26.290 14.683  1.00 105.25 ? 336 LYS A CG    1 
ATOM   661  C  CD    . LYS C 3 20  ? 19.918  -25.686 14.940  1.00 105.25 ? 336 LYS A CD    1 
ATOM   662  C  CE    . LYS C 3 20  ? 19.826  -24.261 15.471  1.00 105.25 ? 336 LYS A CE    1 
ATOM   663  N  NZ    . LYS C 3 20  ? 21.155  -23.763 15.912  1.00 105.25 ? 336 LYS A NZ    1 
ATOM   664  N  N     . LEU C 3 21  ? 15.397  -23.795 13.932  1.00 105.23 ? 337 LEU A N     1 
ATOM   665  C  CA    . LEU C 3 21  ? 14.607  -22.589 13.742  1.00 105.23 ? 337 LEU A CA    1 
ATOM   666  C  C     . LEU C 3 21  ? 15.307  -21.619 12.798  1.00 105.23 ? 337 LEU A C     1 
ATOM   667  O  O     . LEU C 3 21  ? 14.786  -21.298 11.730  1.00 105.23 ? 337 LEU A O     1 
ATOM   668  C  CB    . LEU C 3 21  ? 14.374  -21.927 15.106  1.00 103.82 ? 337 LEU A CB    1 
ATOM   669  C  CG    . LEU C 3 21  ? 13.668  -20.572 15.197  1.00 103.82 ? 337 LEU A CG    1 
ATOM   670  C  CD1   . LEU C 3 21  ? 12.211  -20.694 14.791  1.00 103.82 ? 337 LEU A CD1   1 
ATOM   671  C  CD2   . LEU C 3 21  ? 13.779  -20.065 16.618  1.00 103.82 ? 337 LEU A CD2   1 
ATOM   672  N  N     . SER C 3 22  ? 16.486  -21.153 13.200  1.00 97.08  ? 338 SER A N     1 
ATOM   673  C  CA    . SER C 3 22  ? 17.250  -20.222 12.385  1.00 97.08  ? 338 SER A CA    1 
ATOM   674  C  C     . SER C 3 22  ? 17.560  -20.863 11.041  1.00 97.08  ? 338 SER A C     1 
ATOM   675  O  O     . SER C 3 22  ? 17.693  -20.175 10.032  1.00 97.08  ? 338 SER A O     1 
ATOM   676  C  CB    . SER C 3 22  ? 18.547  -19.838 13.091  1.00 116.18 ? 338 SER A CB    1 
ATOM   677  O  OG    . SER C 3 22  ? 18.287  -19.251 14.354  1.00 116.18 ? 338 SER A OG    1 
ATOM   678  N  N     . HIS C 3 23  ? 17.669  -22.186 11.022  1.00 130.09 ? 339 HIS A N     1 
ATOM   679  C  CA    . HIS C 3 23  ? 17.945  -22.883 9.775   1.00 130.09 ? 339 HIS A CA    1 
ATOM   680  C  C     . HIS C 3 23  ? 16.801  -22.677 8.794   1.00 130.09 ? 339 HIS A C     1 
ATOM   681  O  O     . HIS C 3 23  ? 16.923  -22.983 7.611   1.00 130.09 ? 339 HIS A O     1 
ATOM   682  C  CB    . HIS C 3 23  ? 18.171  -24.376 10.026  1.00 98.56  ? 339 HIS A CB    1 
ATOM   683  C  CG    . HIS C 3 23  ? 19.456  -24.673 10.735  1.00 98.56  ? 339 HIS A CG    1 
ATOM   684  N  ND1   . HIS C 3 23  ? 19.987  -25.942 10.817  1.00 98.56  ? 339 HIS A ND1   1 
ATOM   685  C  CD2   . HIS C 3 23  ? 20.325  -23.858 11.381  1.00 98.56  ? 339 HIS A CD2   1 
ATOM   686  C  CE1   . HIS C 3 23  ? 21.130  -25.896 11.478  1.00 98.56  ? 339 HIS A CE1   1 
ATOM   687  N  NE2   . HIS C 3 23  ? 21.358  -24.644 11.832  1.00 98.56  ? 339 HIS A NE2   1 
ATOM   688  N  N     . LEU C 3 24  ? 15.687  -22.154 9.294   1.00 98.26  ? 340 LEU A N     1 
ATOM   689  C  CA    . LEU C 3 24  ? 14.527  -21.882 8.455   1.00 98.26  ? 340 LEU A CA    1 
ATOM   690  C  C     . LEU C 3 24  ? 14.381  -20.383 8.232   1.00 98.26  ? 340 LEU A C     1 
ATOM   691  O  O     . LEU C 3 24  ? 14.066  -19.949 7.125   1.00 98.26  ? 340 LEU A O     1 
ATOM   692  C  CB    . LEU C 3 24  ? 13.247  -22.425 9.089   1.00 91.64  ? 340 LEU A CB    1 
ATOM   693  C  CG    . LEU C 3 24  ? 11.972  -21.919 8.403   1.00 91.64  ? 340 LEU A CG    1 
ATOM   694  C  CD1   . LEU C 3 24  ? 12.063  -22.181 6.916   1.00 91.64  ? 340 LEU A CD1   1 
ATOM   695  C  CD2   . LEU C 3 24  ? 10.744  -22.591 8.983   1.00 91.64  ? 340 LEU A CD2   1 
ATOM   696  N  N     . GLN C 3 25  ? 14.598  -19.595 9.285   1.00 99.92  ? 341 GLN A N     1 
ATOM   697  C  CA    . GLN C 3 25  ? 14.503  -18.146 9.161   1.00 99.92  ? 341 GLN A CA    1 
ATOM   698  C  C     . GLN C 3 25  ? 15.169  -17.749 7.851   1.00 99.92  ? 341 GLN A C     1 
ATOM   699  O  O     . GLN C 3 25  ? 14.629  -16.960 7.076   1.00 99.92  ? 341 GLN A O     1 
ATOM   700  C  CB    . GLN C 3 25  ? 15.240  -17.438 10.298  1.00 89.46  ? 341 GLN A CB    1 
ATOM   701  C  CG    . GLN C 3 25  ? 14.432  -17.137 11.538  1.00 89.46  ? 341 GLN A CG    1 
ATOM   702  C  CD    . GLN C 3 25  ? 14.967  -15.906 12.276  1.00 89.46  ? 341 GLN A CD    1 
ATOM   703  O  OE1   . GLN C 3 25  ? 16.174  -15.669 12.320  1.00 89.46  ? 341 GLN A OE1   1 
ATOM   704  N  NE2   . GLN C 3 25  ? 14.066  -15.124 12.862  1.00 89.46  ? 341 GLN A NE2   1 
ATOM   705  N  N     . MET C 3 26  ? 16.347  -18.320 7.616   1.00 86.01  ? 342 MET A N     1 
ATOM   706  C  CA    . MET C 3 26  ? 17.132  -18.036 6.424   1.00 86.01  ? 342 MET A CA    1 
ATOM   707  C  C     . MET C 3 26  ? 16.540  -18.549 5.128   1.00 86.01  ? 342 MET A C     1 
ATOM   708  O  O     . MET C 3 26  ? 16.731  -17.936 4.089   1.00 86.01  ? 342 MET A O     1 
ATOM   709  C  CB    . MET C 3 26  ? 18.544  -18.557 6.621   1.00 104.29 ? 342 MET A CB    1 
ATOM   710  C  CG    . MET C 3 26  ? 19.237  -17.816 7.743   1.00 104.29 ? 342 MET A CG    1 
ATOM   711  S  SD    . MET C 3 26  ? 20.920  -18.328 8.048   1.00 104.29 ? 342 MET A SD    1 
ATOM   712  C  CE    . MET C 3 26  ? 21.814  -17.361 6.815   1.00 104.29 ? 342 MET A CE    1 
ATOM   713  N  N     . HIS C 3 27  ? 15.813  -19.656 5.170   1.00 78.97  ? 343 HIS A N     1 
ATOM   714  C  CA    . HIS C 3 27  ? 15.198  -20.151 3.946   1.00 78.97  ? 343 HIS A CA    1 
ATOM   715  C  C     . HIS C 3 27  ? 14.260  -19.116 3.349   1.00 78.97  ? 343 HIS A C     1 
ATOM   716  O  O     . HIS C 3 27  ? 14.484  -18.646 2.243   1.00 78.97  ? 343 HIS A O     1 
ATOM   717  C  CB    . HIS C 3 27  ? 14.378  -21.406 4.183   1.00 73.25  ? 343 HIS A CB    1 
ATOM   718  C  CG    . HIS C 3 27  ? 13.415  -21.698 3.072   1.00 73.25  ? 343 HIS A CG    1 
ATOM   719  N  ND1   . HIS C 3 27  ? 13.817  -22.171 1.841   1.00 73.25  ? 343 HIS A ND1   1 
ATOM   720  C  CD2   . HIS C 3 27  ? 12.073  -21.536 2.992   1.00 73.25  ? 343 HIS A CD2   1 
ATOM   721  C  CE1   . HIS C 3 27  ? 12.763  -22.289 1.052   1.00 73.25  ? 343 HIS A CE1   1 
ATOM   722  N  NE2   . HIS C 3 27  ? 11.694  -21.910 1.726   1.00 73.25  ? 343 HIS A NE2   1 
ATOM   723  N  N     . SER C 3 28  ? 13.196  -18.784 4.078   1.00 112.74 ? 344 SER A N     1 
ATOM   724  C  CA    . SER C 3 28  ? 12.201  -17.814 3.619   1.00 112.74 ? 344 SER A CA    1 
ATOM   725  C  C     . SER C 3 28  ? 12.815  -16.736 2.736   1.00 112.74 ? 344 SER A C     1 
ATOM   726  O  O     . SER C 3 28  ? 12.242  -16.382 1.702   1.00 112.74 ? 344 SER A O     1 
ATOM   727  C  CB    . SER C 3 28  ? 11.516  -17.151 4.813   1.00 150.87 ? 344 SER A CB    1 
ATOM   728  O  OG    . SER C 3 28  ? 12.442  -16.388 5.564   1.00 150.87 ? 344 SER A OG    1 
ATOM   729  N  N     . ARG C 3 29  ? 13.980  -16.228 3.150   1.00 58.11  ? 345 ARG A N     1 
ATOM   730  C  CA    . ARG C 3 29  ? 14.689  -15.193 2.406   1.00 58.11  ? 345 ARG A CA    1 
ATOM   731  C  C     . ARG C 3 29  ? 14.806  -15.537 0.918   1.00 58.11  ? 345 ARG A C     1 
ATOM   732  O  O     . ARG C 3 29  ? 15.076  -14.675 0.076   1.00 58.11  ? 345 ARG A O     1 
ATOM   733  C  CB    . ARG C 3 29  ? 16.074  -14.976 2.993   1.00 81.91  ? 345 ARG A CB    1 
ATOM   734  C  CG    . ARG C 3 29  ? 16.086  -14.573 4.438   1.00 81.91  ? 345 ARG A CG    1 
ATOM   735  C  CD    . ARG C 3 29  ? 17.405  -13.908 4.735   1.00 81.91  ? 345 ARG A CD    1 
ATOM   736  N  NE    . ARG C 3 29  ? 17.851  -14.096 6.109   1.00 81.91  ? 345 ARG A NE    1 
ATOM   737  C  CZ    . ARG C 3 29  ? 19.059  -13.747 6.553   1.00 81.91  ? 345 ARG A CZ    1 
ATOM   738  N  NH1   . ARG C 3 29  ? 19.942  -13.190 5.726   1.00 81.91  ? 345 ARG A NH1   1 
ATOM   739  N  NH2   . ARG C 3 29  ? 19.391  -13.958 7.824   1.00 81.91  ? 345 ARG A NH2   1 
ATOM   740  N  N     . LYS C 3 30  ? 14.600  -16.805 0.601   1.00 65.21  ? 346 LYS A N     1 
ATOM   741  C  CA    . LYS C 3 30  ? 14.643  -17.248 -0.771  1.00 65.21  ? 346 LYS A CA    1 
ATOM   742  C  C     . LYS C 3 30  ? 13.415  -16.661 -1.437  1.00 65.21  ? 346 LYS A C     1 
ATOM   743  O  O     . LYS C 3 30  ? 13.528  -15.911 -2.404  1.00 65.21  ? 346 LYS A O     1 
ATOM   744  C  CB    . LYS C 3 30  ? 14.591  -18.772 -0.839  1.00 66.32  ? 346 LYS A CB    1 
ATOM   745  C  CG    . LYS C 3 30  ? 14.600  -19.350 -2.243  1.00 66.32  ? 346 LYS A CG    1 
ATOM   746  C  CD    . LYS C 3 30  ? 13.264  -19.174 -2.922  1.00 66.32  ? 346 LYS A CD    1 
ATOM   747  C  CE    . LYS C 3 30  ? 13.288  -19.691 -4.340  1.00 66.32  ? 346 LYS A CE    1 
ATOM   748  N  NZ    . LYS C 3 30  ? 11.934  -19.601 -4.952  1.00 66.32  ? 346 LYS A NZ    1 
ATOM   749  N  N     . HIS C 3 31  ? 12.244  -16.999 -0.902  1.00 93.37  ? 347 HIS A N     1 
ATOM   750  C  CA    . HIS C 3 31  ? 10.965  -16.529 -1.432  1.00 93.37  ? 347 HIS A CA    1 
ATOM   751  C  C     . HIS C 3 31  ? 10.864  -15.008 -1.475  1.00 93.37  ? 347 HIS A C     1 
ATOM   752  O  O     . HIS C 3 31  ? 9.898   -14.441 -2.000  1.00 93.37  ? 347 HIS A O     1 
ATOM   753  C  CB    . HIS C 3 31  ? 9.839   -17.109 -0.584  1.00 108.74 ? 347 HIS A CB    1 
ATOM   754  C  CG    . HIS C 3 31  ? 9.808   -18.601 -0.591  1.00 108.74 ? 347 HIS A CG    1 
ATOM   755  N  ND1   . HIS C 3 31  ? 9.330   -19.325 -1.662  1.00 108.74 ? 347 HIS A ND1   1 
ATOM   756  C  CD2   . HIS C 3 31  ? 10.271  -19.507 0.300   1.00 108.74 ? 347 HIS A CD2   1 
ATOM   757  C  CE1   . HIS C 3 31  ? 9.504   -20.614 -1.431  1.00 108.74 ? 347 HIS A CE1   1 
ATOM   758  N  NE2   . HIS C 3 31  ? 10.074  -20.751 -0.249  1.00 108.74 ? 347 HIS A NE2   1 
ATOM   759  N  N     . THR C 3 32  ? 11.893  -14.373 -0.928  1.00 77.32  ? 348 THR A N     1 
ATOM   760  C  CA    . THR C 3 32  ? 12.014  -12.933 -0.836  1.00 77.32  ? 348 THR A CA    1 
ATOM   761  C  C     . THR C 3 32  ? 11.178  -12.053 -1.754  1.00 77.32  ? 348 THR A C     1 
ATOM   762  O  O     . THR C 3 32  ? 10.612  -11.054 -1.298  1.00 77.32  ? 348 THR A O     1 
ATOM   763  C  CB    . THR C 3 32  ? 13.463  -12.526 -0.985  1.00 59.85  ? 348 THR A CB    1 
ATOM   764  O  OG1   . THR C 3 32  ? 13.891  -11.908 0.233   1.00 59.85  ? 348 THR A OG1   1 
ATOM   765  C  CG2   . THR C 3 32  ? 13.641  -11.567 -2.163  1.00 59.85  ? 348 THR A CG2   1 
ATOM   766  N  N     . GLY C 3 33  ? 11.092  -12.387 -3.035  1.00 64.22  ? 349 GLY A N     1 
ATOM   767  C  CA    . GLY C 3 33  ? 10.305  -11.539 -3.910  1.00 64.22  ? 349 GLY A CA    1 
ATOM   768  C  C     . GLY C 3 33  ? 9.332   -12.236 -4.829  1.00 64.22  ? 349 GLY A C     1 
ATOM   769  O  O     . GLY C 3 33  ? 8.948   -11.684 -5.860  1.00 64.22  ? 349 GLY A O     1 
ATOM   770  N  N     . GLU C 3 34  ? 8.913   -13.438 -4.471  1.00 81.49  ? 350 GLU A N     1 
ATOM   771  C  CA    . GLU C 3 34  ? 7.993   -14.154 -5.334  1.00 81.49  ? 350 GLU A CA    1 
ATOM   772  C  C     . GLU C 3 34  ? 6.574   -13.628 -5.211  1.00 81.49  ? 350 GLU A C     1 
ATOM   773  O  O     . GLU C 3 34  ? 6.182   -13.111 -4.160  1.00 81.49  ? 350 GLU A O     1 
ATOM   774  C  CB    . GLU C 3 34  ? 8.053   -15.648 -5.028  1.00 112.99 ? 350 GLU A CB    1 
ATOM   775  C  CG    . GLU C 3 34  ? 9.308   -16.309 -5.579  1.00 112.99 ? 350 GLU A CG    1 
ATOM   776  C  CD    . GLU C 3 34  ? 9.857   -17.393 -4.672  1.00 112.99 ? 350 GLU A CD    1 
ATOM   777  O  OE1   . GLU C 3 34  ? 9.136   -18.374 -4.401  1.00 112.99 ? 350 GLU A OE1   1 
ATOM   778  O  OE2   . GLU C 3 34  ? 11.018  -17.261 -4.230  1.00 112.99 ? 350 GLU A OE2   1 
ATOM   779  N  N     . LYS C 3 35  ? 5.819   -13.747 -6.301  1.00 75.18  ? 351 LYS A N     1 
ATOM   780  C  CA    . LYS C 3 35  ? 4.430   -13.293 -6.349  1.00 75.18  ? 351 LYS A CA    1 
ATOM   781  C  C     . LYS C 3 35  ? 3.496   -14.497 -6.280  1.00 75.18  ? 351 LYS A C     1 
ATOM   782  O  O     . LYS C 3 35  ? 3.064   -15.013 -7.306  1.00 75.18  ? 351 LYS A O     1 
ATOM   783  C  CB    . LYS C 3 35  ? 4.173   -12.536 -7.648  1.00 91.96  ? 351 LYS A CB    1 
ATOM   784  C  CG    . LYS C 3 35  ? 5.090   -11.352 -7.889  1.00 91.96  ? 351 LYS A CG    1 
ATOM   785  C  CD    . LYS C 3 35  ? 4.719   -10.153 -7.037  1.00 91.96  ? 351 LYS A CD    1 
ATOM   786  C  CE    . LYS C 3 35  ? 5.568   -8.938  -7.405  1.00 91.96  ? 351 LYS A CE    1 
ATOM   787  N  NZ    . LYS C 3 35  ? 5.379   -8.514  -8.824  1.00 91.96  ? 351 LYS A NZ    1 
ATOM   788  N  N     . PRO C 3 36  ? 3.155   -14.950 -5.064  1.00 97.00  ? 352 PRO A N     1 
ATOM   789  C  CA    . PRO C 3 36  ? 2.266   -16.106 -4.956  1.00 97.00  ? 352 PRO A CA    1 
ATOM   790  C  C     . PRO C 3 36  ? 0.841   -15.877 -5.447  1.00 97.00  ? 352 PRO A C     1 
ATOM   791  O  O     . PRO C 3 36  ? 0.272   -16.741 -6.109  1.00 97.00  ? 352 PRO A O     1 
ATOM   792  C  CB    . PRO C 3 36  ? 2.331   -16.449 -3.464  1.00 71.80  ? 352 PRO A CB    1 
ATOM   793  C  CG    . PRO C 3 36  ? 2.478   -15.113 -2.826  1.00 71.80  ? 352 PRO A CG    1 
ATOM   794  C  CD    . PRO C 3 36  ? 3.493   -14.420 -3.728  1.00 71.80  ? 352 PRO A CD    1 
ATOM   795  N  N     . TYR C 3 37  ? 0.275   -14.712 -5.143  1.00 85.92  ? 353 TYR A N     1 
ATOM   796  C  CA    . TYR C 3 37  ? -1.104  -14.401 -5.528  1.00 85.92  ? 353 TYR A CA    1 
ATOM   797  C  C     . TYR C 3 37  ? -1.286  -13.684 -6.868  1.00 85.92  ? 353 TYR A C     1 
ATOM   798  O  O     . TYR C 3 37  ? -0.381  -13.016 -7.361  1.00 85.92  ? 353 TYR A O     1 
ATOM   799  C  CB    . TYR C 3 37  ? -1.756  -13.552 -4.447  1.00 91.32  ? 353 TYR A CB    1 
ATOM   800  C  CG    . TYR C 3 37  ? -1.495  -14.003 -3.030  1.00 91.32  ? 353 TYR A CG    1 
ATOM   801  C  CD1   . TYR C 3 37  ? -2.017  -15.200 -2.548  1.00 91.32  ? 353 TYR A CD1   1 
ATOM   802  C  CD2   . TYR C 3 37  ? -0.778  -13.194 -2.153  1.00 91.32  ? 353 TYR A CD2   1 
ATOM   803  C  CE1   . TYR C 3 37  ? -1.838  -15.575 -1.218  1.00 91.32  ? 353 TYR A CE1   1 
ATOM   804  C  CE2   . TYR C 3 37  ? -0.591  -13.556 -0.829  1.00 91.32  ? 353 TYR A CE2   1 
ATOM   805  C  CZ    . TYR C 3 37  ? -1.125  -14.743 -0.361  1.00 91.32  ? 353 TYR A CZ    1 
ATOM   806  O  OH    . TYR C 3 37  ? -0.965  -15.077 0.969   1.00 91.32  ? 353 TYR A OH    1 
ATOM   807  N  N     . GLN C 3 38  ? -2.479  -13.824 -7.440  1.00 101.86 ? 354 GLN A N     1 
ATOM   808  C  CA    . GLN C 3 38  ? -2.820  -13.196 -8.715  1.00 101.86 ? 354 GLN A CA    1 
ATOM   809  C  C     . GLN C 3 38  ? -4.294  -12.792 -8.695  1.00 101.86 ? 354 GLN A C     1 
ATOM   810  O  O     . GLN C 3 38  ? -5.003  -13.078 -7.728  1.00 101.86 ? 354 GLN A O     1 
ATOM   811  C  CB    . GLN C 3 38  ? -2.559  -14.159 -9.876  1.00 141.60 ? 354 GLN A CB    1 
ATOM   812  C  CG    . GLN C 3 38  ? -2.760  -13.531 -11.250 1.00 141.60 ? 354 GLN A CG    1 
ATOM   813  C  CD    . GLN C 3 38  ? -2.271  -14.413 -12.383 1.00 141.60 ? 354 GLN A CD    1 
ATOM   814  O  OE1   . GLN C 3 38  ? -2.286  -14.011 -13.545 1.00 141.60 ? 354 GLN A OE1   1 
ATOM   815  N  NE2   . GLN C 3 38  ? -1.836  -15.623 -12.049 1.00 141.60 ? 354 GLN A NE2   1 
ATOM   816  N  N     . CYS C 3 39  ? -4.760  -12.123 -9.747  1.00 117.91 ? 355 CYS A N     1 
ATOM   817  C  CA    . CYS C 3 39  ? -6.153  -11.706 -9.783  1.00 117.91 ? 355 CYS A CA    1 
ATOM   818  C  C     . CYS C 3 39  ? -6.987  -12.577 -10.704 1.00 117.91 ? 355 CYS A C     1 
ATOM   819  O  O     . CYS C 3 39  ? -6.751  -12.634 -11.913 1.00 117.91 ? 355 CYS A O     1 
ATOM   820  C  CB    . CYS C 3 39  ? -6.283  -10.245 -10.214 1.00 136.16 ? 355 CYS A CB    1 
ATOM   821  S  SG    . CYS C 3 39  ? -7.939  -9.572  -9.916  1.00 136.16 ? 355 CYS A SG    1 
ATOM   822  N  N     . ASP C 3 40  ? -7.968  -13.252 -10.106 1.00 127.42 ? 356 ASP A N     1 
ATOM   823  C  CA    . ASP C 3 40  ? -8.878  -14.137 -10.821 1.00 127.42 ? 356 ASP A CA    1 
ATOM   824  C  C     . ASP C 3 40  ? -9.892  -13.314 -11.602 1.00 127.42 ? 356 ASP A C     1 
ATOM   825  O  O     . ASP C 3 40  ? -11.084 -13.624 -11.611 1.00 127.42 ? 356 ASP A O     1 
ATOM   826  C  CB    . ASP C 3 40  ? -9.603  -15.047 -9.827  1.00 123.46 ? 356 ASP A CB    1 
ATOM   827  C  CG    . ASP C 3 40  ? -10.288 -14.268 -8.717  1.00 123.46 ? 356 ASP A CG    1 
ATOM   828  O  OD1   . ASP C 3 40  ? -9.597  -13.510 -8.004  1.00 123.46 ? 356 ASP A OD1   1 
ATOM   829  O  OD2   . ASP C 3 40  ? -11.519 -14.415 -8.554  1.00 123.46 ? 356 ASP A OD2   1 
ATOM   830  N  N     . PHE C 3 41  ? -9.409  -12.261 -12.257 1.00 104.60 ? 357 PHE A N     1 
ATOM   831  C  CA    . PHE C 3 41  ? -10.275 -11.391 -13.038 1.00 104.60 ? 357 PHE A CA    1 
ATOM   832  C  C     . PHE C 3 41  ? -10.039 -11.564 -14.533 1.00 104.60 ? 357 PHE A C     1 
ATOM   833  O  O     . PHE C 3 41  ? -8.979  -12.017 -14.962 1.00 104.60 ? 357 PHE A O     1 
ATOM   834  C  CB    . PHE C 3 41  ? -10.051 -9.924  -12.658 1.00 101.28 ? 357 PHE A CB    1 
ATOM   835  C  CG    . PHE C 3 41  ? -11.156 -9.007  -13.115 1.00 101.28 ? 357 PHE A CG    1 
ATOM   836  C  CD1   . PHE C 3 41  ? -12.386 -9.002  -12.460 1.00 101.28 ? 357 PHE A CD1   1 
ATOM   837  C  CD2   . PHE C 3 41  ? -10.977 -8.170  -14.213 1.00 101.28 ? 357 PHE A CD2   1 
ATOM   838  C  CE1   . PHE C 3 41  ? -13.418 -8.177  -12.893 1.00 101.28 ? 357 PHE A CE1   1 
ATOM   839  C  CE2   . PHE C 3 41  ? -12.002 -7.343  -14.651 1.00 101.28 ? 357 PHE A CE2   1 
ATOM   840  C  CZ    . PHE C 3 41  ? -13.225 -7.346  -13.991 1.00 101.28 ? 357 PHE A CZ    1 
ATOM   841  N  N     . LYS C 3 42  ? -11.041 -11.190 -15.319 1.00 115.42 ? 358 LYS A N     1 
ATOM   842  C  CA    . LYS C 3 42  ? -10.962 -11.304 -16.765 1.00 115.42 ? 358 LYS A CA    1 
ATOM   843  C  C     . LYS C 3 42  ? -9.829  -10.455 -17.317 1.00 115.42 ? 358 LYS A C     1 
ATOM   844  O  O     . LYS C 3 42  ? -9.782  -9.251  -17.083 1.00 115.42 ? 358 LYS A O     1 
ATOM   845  C  CB    . LYS C 3 42  ? -12.281 -10.865 -17.412 1.00 123.60 ? 358 LYS A CB    1 
ATOM   846  C  CG    . LYS C 3 42  ? -12.375 -11.183 -18.902 1.00 123.60 ? 358 LYS A CG    1 
ATOM   847  C  CD    . LYS C 3 42  ? -12.463 -12.690 -19.140 1.00 123.60 ? 358 LYS A CD    1 
ATOM   848  C  CE    . LYS C 3 42  ? -12.390 -13.041 -20.620 1.00 123.60 ? 358 LYS A CE    1 
ATOM   849  N  NZ    . LYS C 3 42  ? -11.060 -12.707 -21.203 1.00 123.60 ? 358 LYS A NZ    1 
ATOM   850  N  N     . ASP C 3 43  ? -8.919  -11.099 -18.040 1.00 113.45 ? 359 ASP A N     1 
ATOM   851  C  CA    . ASP C 3 43  ? -7.785  -10.432 -18.674 1.00 113.45 ? 359 ASP A CA    1 
ATOM   852  C  C     . ASP C 3 43  ? -6.870  -9.615  -17.759 1.00 113.45 ? 359 ASP A C     1 
ATOM   853  O  O     . ASP C 3 43  ? -5.873  -9.050  -18.222 1.00 113.45 ? 359 ASP A O     1 
ATOM   854  C  CB    . ASP C 3 43  ? -8.292  -9.550  -19.819 1.00 193.24 ? 359 ASP A CB    1 
ATOM   855  C  CG    . ASP C 3 43  ? -9.124  -10.328 -20.822 1.00 193.24 ? 359 ASP A CG    1 
ATOM   856  O  OD1   . ASP C 3 43  ? -8.589  -11.275 -21.435 1.00 193.24 ? 359 ASP A OD1   1 
ATOM   857  O  OD2   . ASP C 3 43  ? -10.316 -9.995  -20.996 1.00 193.24 ? 359 ASP A OD2   1 
ATOM   858  N  N     . CYS C 3 44  ? -7.203  -9.544  -16.470 1.00 152.33 ? 360 CYS A N     1 
ATOM   859  C  CA    . CYS C 3 44  ? -6.371  -8.808  -15.523 1.00 152.33 ? 360 CYS A CA    1 
ATOM   860  C  C     . CYS C 3 44  ? -5.465  -9.785  -14.805 1.00 152.33 ? 360 CYS A C     1 
ATOM   861  O  O     . CYS C 3 44  ? -5.731  -10.190 -13.672 1.00 152.33 ? 360 CYS A O     1 
ATOM   862  C  CB    . CYS C 3 44  ? -7.209  -8.064  -14.485 1.00 108.00 ? 360 CYS A CB    1 
ATOM   863  S  SG    . CYS C 3 44  ? -6.181  -7.097  -13.342 1.00 108.00 ? 360 CYS A SG    1 
ATOM   864  N  N     . GLU C 3 45  ? -4.392  -10.161 -15.480 1.00 150.09 ? 361 GLU A N     1 
ATOM   865  C  CA    . GLU C 3 45  ? -3.431  -11.098 -14.936 1.00 150.09 ? 361 GLU A CA    1 
ATOM   866  C  C     . GLU C 3 45  ? -2.309  -10.311 -14.274 1.00 150.09 ? 361 GLU A C     1 
ATOM   867  O  O     . GLU C 3 45  ? -1.288  -10.032 -14.899 1.00 150.09 ? 361 GLU A O     1 
ATOM   868  C  CB    . GLU C 3 45  ? -2.891  -11.965 -16.071 1.00 164.51 ? 361 GLU A CB    1 
ATOM   869  C  CG    . GLU C 3 45  ? -3.995  -12.656 -16.864 1.00 164.51 ? 361 GLU A CG    1 
ATOM   870  C  CD    . GLU C 3 45  ? -3.578  -13.032 -18.275 1.00 164.51 ? 361 GLU A CD    1 
ATOM   871  O  OE1   . GLU C 3 45  ? -3.238  -12.120 -19.060 1.00 164.51 ? 361 GLU A OE1   1 
ATOM   872  O  OE2   . GLU C 3 45  ? -3.598  -14.238 -18.603 1.00 164.51 ? 361 GLU A OE2   1 
ATOM   873  N  N     . ARG C 3 46  ? -2.508  -9.944  -13.010 1.00 105.64 ? 362 ARG A N     1 
ATOM   874  C  CA    . ARG C 3 46  ? -1.514  -9.177  -12.260 1.00 105.64 ? 362 ARG A CA    1 
ATOM   875  C  C     . ARG C 3 46  ? -1.164  -9.903  -10.967 1.00 105.64 ? 362 ARG A C     1 
ATOM   876  O  O     . ARG C 3 46  ? -2.044  -10.217 -10.174 1.00 105.64 ? 362 ARG A O     1 
ATOM   877  C  CB    . ARG C 3 46  ? -2.050  -7.772  -11.942 1.00 135.35 ? 362 ARG A CB    1 
ATOM   878  C  CG    . ARG C 3 46  ? -2.281  -6.876  -13.170 1.00 135.35 ? 362 ARG A CG    1 
ATOM   879  C  CD    . ARG C 3 46  ? -2.900  -5.529  -12.787 1.00 135.35 ? 362 ARG A CD    1 
ATOM   880  N  NE    . ARG C 3 46  ? -2.034  -4.740  -11.912 1.00 135.35 ? 362 ARG A NE    1 
ATOM   881  C  CZ    . ARG C 3 46  ? -0.925  -4.122  -12.308 1.00 135.35 ? 362 ARG A CZ    1 
ATOM   882  N  NH1   . ARG C 3 46  ? -0.540  -4.191  -13.576 1.00 135.35 ? 362 ARG A NH1   1 
ATOM   883  N  NH2   . ARG C 3 46  ? -0.200  -3.439  -11.432 1.00 135.35 ? 362 ARG A NH2   1 
ATOM   884  N  N     . ARG C 3 47  ? 0.123   -10.163 -10.757 1.00 92.44  ? 363 ARG A N     1 
ATOM   885  C  CA    . ARG C 3 47  ? 0.571   -10.871 -9.562  1.00 92.44  ? 363 ARG A CA    1 
ATOM   886  C  C     . ARG C 3 47  ? 1.005   -9.960  -8.415  1.00 92.44  ? 363 ARG A C     1 
ATOM   887  O  O     . ARG C 3 47  ? 1.636   -8.924  -8.629  1.00 92.44  ? 363 ARG A O     1 
ATOM   888  C  CB    . ARG C 3 47  ? 1.718   -11.821 -9.918  1.00 128.67 ? 363 ARG A CB    1 
ATOM   889  C  CG    . ARG C 3 47  ? 1.353   -13.300 -9.910  1.00 128.67 ? 363 ARG A CG    1 
ATOM   890  C  CD    . ARG C 3 47  ? 2.614   -14.136 -10.004 1.00 128.67 ? 363 ARG A CD    1 
ATOM   891  N  NE    . ARG C 3 47  ? 2.374   -15.566 -9.848  1.00 128.67 ? 363 ARG A NE    1 
ATOM   892  C  CZ    . ARG C 3 47  ? 1.671   -16.301 -10.698 1.00 128.67 ? 363 ARG A CZ    1 
ATOM   893  N  NH1   . ARG C 3 47  ? 1.127   -15.738 -11.770 1.00 128.67 ? 363 ARG A NH1   1 
ATOM   894  N  NH2   . ARG C 3 47  ? 1.527   -17.601 -10.489 1.00 128.67 ? 363 ARG A NH2   1 
ATOM   895  N  N     . PHE C 3 48  ? 0.676   -10.374 -7.191  1.00 87.73  ? 364 PHE A N     1 
ATOM   896  C  CA    . PHE C 3 48  ? 1.009   -9.614  -5.991  1.00 87.73  ? 364 PHE A CA    1 
ATOM   897  C  C     . PHE C 3 48  ? 1.803   -10.426 -4.984  1.00 87.73  ? 364 PHE A C     1 
ATOM   898  O  O     . PHE C 3 48  ? 1.443   -11.552 -4.654  1.00 87.73  ? 364 PHE A O     1 
ATOM   899  C  CB    . PHE C 3 48  ? -0.274  -9.105  -5.346  1.00 106.15 ? 364 PHE A CB    1 
ATOM   900  C  CG    . PHE C 3 48  ? -1.041  -8.185  -6.226  1.00 106.15 ? 364 PHE A CG    1 
ATOM   901  C  CD1   . PHE C 3 48  ? -0.627  -6.868  -6.399  1.00 106.15 ? 364 PHE A CD1   1 
ATOM   902  C  CD2   . PHE C 3 48  ? -2.124  -8.651  -6.958  1.00 106.15 ? 364 PHE A CD2   1 
ATOM   903  C  CE1   . PHE C 3 48  ? -1.276  -6.023  -7.296  1.00 106.15 ? 364 PHE A CE1   1 
ATOM   904  C  CE2   . PHE C 3 48  ? -2.783  -7.816  -7.859  1.00 106.15 ? 364 PHE A CE2   1 
ATOM   905  C  CZ    . PHE C 3 48  ? -2.357  -6.499  -8.029  1.00 106.15 ? 364 PHE A CZ    1 
ATOM   906  N  N     . SER C 3 49  ? 2.887   -9.840  -4.494  1.00 66.06  ? 365 SER A N     1 
ATOM   907  C  CA    . SER C 3 49  ? 3.733   -10.511 -3.525  1.00 66.06  ? 365 SER A CA    1 
ATOM   908  C  C     . SER C 3 49  ? 2.959   -10.770 -2.237  1.00 66.06  ? 365 SER A C     1 
ATOM   909  O  O     . SER C 3 49  ? 2.829   -11.919 -1.816  1.00 66.06  ? 365 SER A O     1 
ATOM   910  C  CB    . SER C 3 49  ? 4.961   -9.652  -3.231  1.00 107.46 ? 365 SER A CB    1 
ATOM   911  O  OG    . SER C 3 49  ? 5.870   -10.333 -2.388  1.00 107.46 ? 365 SER A OG    1 
ATOM   912  N  N     . ARG C 3 50  ? 2.439   -9.697  -1.633  1.00 82.75  ? 366 ARG A N     1 
ATOM   913  C  CA    . ARG C 3 50  ? 1.681   -9.751  -0.372  1.00 82.75  ? 366 ARG A CA    1 
ATOM   914  C  C     . ARG C 3 50  ? 0.184   -10.005 -0.566  1.00 82.75  ? 366 ARG A C     1 
ATOM   915  O  O     . ARG C 3 50  ? -0.350  -9.847  -1.667  1.00 82.75  ? 366 ARG A O     1 
ATOM   916  C  CB    . ARG C 3 50  ? 1.884   -8.445  0.407   1.00 95.56  ? 366 ARG A CB    1 
ATOM   917  C  CG    . ARG C 3 50  ? 3.340   -8.171  0.740   1.00 95.56  ? 366 ARG A CG    1 
ATOM   918  C  CD    . ARG C 3 50  ? 3.687   -6.681  0.808   1.00 95.56  ? 366 ARG A CD    1 
ATOM   919  N  NE    . ARG C 3 50  ? 3.029   -5.977  1.907   1.00 95.56  ? 366 ARG A NE    1 
ATOM   920  C  CZ    . ARG C 3 50  ? 3.413   -4.789  2.377   1.00 95.56  ? 366 ARG A CZ    1 
ATOM   921  N  NH1   . ARG C 3 50  ? 4.459   -4.154  1.854   1.00 95.56  ? 366 ARG A NH1   1 
ATOM   922  N  NH2   . ARG C 3 50  ? 2.745   -4.232  3.376   1.00 95.56  ? 366 ARG A NH2   1 
ATOM   923  N  N     . SER C 3 51  ? -0.493  -10.390 0.514   1.00 104.19 ? 367 SER A N     1 
ATOM   924  C  CA    . SER C 3 51  ? -1.922  -10.680 0.452   1.00 104.19 ? 367 SER A CA    1 
ATOM   925  C  C     . SER C 3 51  ? -2.786  -9.421  0.525   1.00 104.19 ? 367 SER A C     1 
ATOM   926  O  O     . SER C 3 51  ? -3.709  -9.256  -0.275  1.00 104.19 ? 367 SER A O     1 
ATOM   927  C  CB    . SER C 3 51  ? -2.312  -11.641 1.576   1.00 78.59  ? 367 SER A CB    1 
ATOM   928  O  OG    . SER C 3 51  ? -3.631  -12.124 1.395   1.00 78.59  ? 367 SER A OG    1 
ATOM   929  N  N     . ASP C 3 52  ? -2.490  -8.544  1.487   1.00 87.48  ? 368 ASP A N     1 
ATOM   930  C  CA    . ASP C 3 52  ? -3.234  -7.296  1.644   1.00 87.48  ? 368 ASP A CA    1 
ATOM   931  C  C     . ASP C 3 52  ? -3.190  -6.568  0.310   1.00 87.48  ? 368 ASP A C     1 
ATOM   932  O  O     . ASP C 3 52  ? -4.147  -5.895  -0.064  1.00 87.48  ? 368 ASP A O     1 
ATOM   933  C  CB    . ASP C 3 52  ? -2.609  -6.414  2.728   1.00 132.35 ? 368 ASP A CB    1 
ATOM   934  C  CG    . ASP C 3 52  ? -1.193  -5.977  2.384   1.00 132.35 ? 368 ASP A CG    1 
ATOM   935  O  OD1   . ASP C 3 52  ? -0.254  -6.790  2.539   1.00 132.35 ? 368 ASP A OD1   1 
ATOM   936  O  OD2   . ASP C 3 52  ? -1.020  -4.819  1.949   1.00 132.35 ? 368 ASP A OD2   1 
ATOM   937  N  N     . GLN C 3 53  ? -2.070  -6.705  -0.402  1.00 72.20  ? 369 GLN A N     1 
ATOM   938  C  CA    . GLN C 3 53  ? -1.909  -6.084  -1.714  1.00 72.20  ? 369 GLN A CA    1 
ATOM   939  C  C     . GLN C 3 53  ? -3.076  -6.501  -2.593  1.00 72.20  ? 369 GLN A C     1 
ATOM   940  O  O     . GLN C 3 53  ? -3.926  -5.685  -2.932  1.00 72.20  ? 369 GLN A O     1 
ATOM   941  C  CB    . GLN C 3 53  ? -0.615  -6.536  -2.385  1.00 150.60 ? 369 GLN A CB    1 
ATOM   942  C  CG    . GLN C 3 53  ? 0.656   -5.928  -1.835  1.00 150.60 ? 369 GLN A CG    1 
ATOM   943  C  CD    . GLN C 3 53  ? 1.875   -6.350  -2.642  1.00 150.60 ? 369 GLN A CD    1 
ATOM   944  O  OE1   . GLN C 3 53  ? 1.945   -6.117  -3.851  1.00 150.60 ? 369 GLN A OE1   1 
ATOM   945  N  NE2   . GLN C 3 53  ? 2.838   -6.980  -1.979  1.00 150.60 ? 369 GLN A NE2   1 
ATOM   946  N  N     . LEU C 3 54  ? -3.111  -7.783  -2.948  1.00 81.84  ? 370 LEU A N     1 
ATOM   947  C  CA    . LEU C 3 54  ? -4.176  -8.328  -3.792  1.00 81.84  ? 370 LEU A CA    1 
ATOM   948  C  C     . LEU C 3 54  ? -5.566  -7.941  -3.292  1.00 81.84  ? 370 LEU A C     1 
ATOM   949  O  O     . LEU C 3 54  ? -6.423  -7.528  -4.083  1.00 81.84  ? 370 LEU A O     1 
ATOM   950  C  CB    . LEU C 3 54  ? -4.063  -9.853  -3.869  1.00 115.35 ? 370 LEU A CB    1 
ATOM   951  C  CG    . LEU C 3 54  ? -5.173  -10.580 -4.637  1.00 115.35 ? 370 LEU A CG    1 
ATOM   952  C  CD1   . LEU C 3 54  ? -5.382  -9.952  -6.003  1.00 115.35 ? 370 LEU A CD1   1 
ATOM   953  C  CD2   . LEU C 3 54  ? -4.806  -12.044 -4.776  1.00 115.35 ? 370 LEU A CD2   1 
ATOM   954  N  N     . LYS C 3 55  ? -5.781  -8.090  -1.983  1.00 95.55  ? 371 LYS A N     1 
ATOM   955  C  CA    . LYS C 3 55  ? -7.051  -7.735  -1.351  1.00 95.55  ? 371 LYS A CA    1 
ATOM   956  C  C     . LYS C 3 55  ? -7.428  -6.343  -1.827  1.00 95.55  ? 371 LYS A C     1 
ATOM   957  O  O     . LYS C 3 55  ? -8.517  -6.130  -2.351  1.00 95.55  ? 371 LYS A O     1 
ATOM   958  C  CB    . LYS C 3 55  ? -6.901  -7.721  0.174   1.00 136.60 ? 371 LYS A CB    1 
ATOM   959  C  CG    . LYS C 3 55  ? -8.103  -7.146  0.927   1.00 136.60 ? 371 LYS A CG    1 
ATOM   960  C  CD    . LYS C 3 55  ? -9.150  -8.205  1.265   1.00 136.60 ? 371 LYS A CD    1 
ATOM   961  C  CE    . LYS C 3 55  ? -8.641  -9.176  2.330   1.00 136.60 ? 371 LYS A CE    1 
ATOM   962  N  NZ    . LYS C 3 55  ? -9.659  -10.190 2.718   1.00 136.60 ? 371 LYS A NZ    1 
ATOM   963  N  N     . ARG C 3 56  ? -6.505  -5.403  -1.646  1.00 71.38  ? 372 ARG A N     1 
ATOM   964  C  CA    . ARG C 3 56  ? -6.705  -4.019  -2.050  1.00 71.38  ? 372 ARG A CA    1 
ATOM   965  C  C     . ARG C 3 56  ? -6.989  -3.889  -3.544  1.00 71.38  ? 372 ARG A C     1 
ATOM   966  O  O     . ARG C 3 56  ? -8.018  -3.349  -3.946  1.00 71.38  ? 372 ARG A O     1 
ATOM   967  C  CB    . ARG C 3 56  ? -5.473  -3.188  -1.699  1.00 69.39  ? 372 ARG A CB    1 
ATOM   968  C  CG    . ARG C 3 56  ? -5.639  -1.712  -1.994  1.00 69.39  ? 372 ARG A CG    1 
ATOM   969  C  CD    . ARG C 3 56  ? -4.609  -0.891  -1.255  1.00 69.39  ? 372 ARG A CD    1 
ATOM   970  N  NE    . ARG C 3 56  ? -3.349  -0.754  -1.976  1.00 69.39  ? 372 ARG A NE    1 
ATOM   971  C  CZ    . ARG C 3 56  ? -2.247  -0.241  -1.436  1.00 69.39  ? 372 ARG A CZ    1 
ATOM   972  N  NH1   . ARG C 3 56  ? -2.256  0.171   -0.170  1.00 69.39  ? 372 ARG A NH1   1 
ATOM   973  N  NH2   . ARG C 3 56  ? -1.140  -0.120  -2.162  1.00 69.39  ? 372 ARG A NH2   1 
ATOM   974  N  N     . HIS C 3 57  ? -6.066  -4.374  -4.364  1.00 76.14  ? 373 HIS A N     1 
ATOM   975  C  CA    . HIS C 3 57  ? -6.227  -4.317  -5.808  1.00 76.14  ? 373 HIS A CA    1 
ATOM   976  C  C     . HIS C 3 57  ? -7.619  -4.763  -6.218  1.00 76.14  ? 373 HIS A C     1 
ATOM   977  O  O     . HIS C 3 57  ? -8.184  -4.248  -7.177  1.00 76.14  ? 373 HIS A O     1 
ATOM   978  C  CB    . HIS C 3 57  ? -5.219  -5.226  -6.492  1.00 70.31  ? 373 HIS A CB    1 
ATOM   979  C  CG    . HIS C 3 57  ? -5.517  -5.455  -7.937  1.00 70.31  ? 373 HIS A CG    1 
ATOM   980  N  ND1   . HIS C 3 57  ? -5.262  -4.512  -8.907  1.00 70.31  ? 373 HIS A ND1   1 
ATOM   981  C  CD2   . HIS C 3 57  ? -6.102  -6.498  -8.571  1.00 70.31  ? 373 HIS A CD2   1 
ATOM   982  C  CE1   . HIS C 3 57  ? -5.675  -4.964  -10.078 1.00 70.31  ? 373 HIS A CE1   1 
ATOM   983  N  NE2   . HIS C 3 57  ? -6.189  -6.167  -9.900  1.00 70.31  ? 373 HIS A NE2   1 
ATOM   984  N  N     . GLN C 3 58  ? -8.159  -5.741  -5.500  1.00 78.38  ? 374 GLN A N     1 
ATOM   985  C  CA    . GLN C 3 58  ? -9.489  -6.251  -5.800  1.00 78.38  ? 374 GLN A CA    1 
ATOM   986  C  C     . GLN C 3 58  ? -10.480 -5.098  -5.988  1.00 78.38  ? 374 GLN A C     1 
ATOM   987  O  O     . GLN C 3 58  ? -11.127 -4.982  -7.027  1.00 78.38  ? 374 GLN A O     1 
ATOM   988  C  CB    . GLN C 3 58  ? -9.984  -7.154  -4.660  1.00 110.53 ? 374 GLN A CB    1 
ATOM   989  C  CG    . GLN C 3 58  ? -9.047  -8.293  -4.257  1.00 110.53 ? 374 GLN A CG    1 
ATOM   990  C  CD    . GLN C 3 58  ? -8.995  -9.428  -5.267  1.00 110.53 ? 374 GLN A CD    1 
ATOM   991  O  OE1   . GLN C 3 58  ? -8.603  -9.241  -6.421  1.00 110.53 ? 374 GLN A OE1   1 
ATOM   992  N  NE2   . GLN C 3 58  ? -9.388  -10.618 -4.831  1.00 110.53 ? 374 GLN A NE2   1 
ATOM   993  N  N     . ARG C 3 59  ? -10.573 -4.245  -4.972  1.00 68.64  ? 375 ARG A N     1 
ATOM   994  C  CA    . ARG C 3 59  ? -11.495 -3.109  -4.952  1.00 68.64  ? 375 ARG A CA    1 
ATOM   995  C  C     . ARG C 3 59  ? -11.575 -2.276  -6.234  1.00 68.64  ? 375 ARG A C     1 
ATOM   996  O  O     . ARG C 3 59  ? -12.564 -1.585  -6.487  1.00 68.64  ? 375 ARG A O     1 
ATOM   997  C  CB    . ARG C 3 59  ? -11.160 -2.221  -3.755  1.00 72.68  ? 375 ARG A CB    1 
ATOM   998  C  CG    . ARG C 3 59  ? -11.166 -2.982  -2.448  1.00 72.68  ? 375 ARG A CG    1 
ATOM   999  C  CD    . ARG C 3 59  ? -11.274 -2.044  -1.278  1.00 72.68  ? 375 ARG A CD    1 
ATOM   1000 N  NE    . ARG C 3 59  ? -10.011 -1.874  -0.564  1.00 72.68  ? 375 ARG A NE    1 
ATOM   1001 C  CZ    . ARG C 3 59  ? -9.505  -2.754  0.296   1.00 72.68  ? 375 ARG A CZ    1 
ATOM   1002 N  NH1   . ARG C 3 59  ? -10.159 -3.884  0.558   1.00 72.68  ? 375 ARG A NH1   1 
ATOM   1003 N  NH2   . ARG C 3 59  ? -8.346  -2.498  0.902   1.00 72.68  ? 375 ARG A NH2   1 
ATOM   1004 N  N     . ARG C 3 60  ? -10.528 -2.348  -7.039  1.00 87.91  ? 376 ARG A N     1 
ATOM   1005 C  CA    . ARG C 3 60  ? -10.485 -1.622  -8.293  1.00 87.91  ? 376 ARG A CA    1 
ATOM   1006 C  C     . ARG C 3 60  ? -11.605 -2.194  -9.153  1.00 87.91  ? 376 ARG A C     1 
ATOM   1007 O  O     . ARG C 3 60  ? -12.211 -1.485  -9.956  1.00 87.91  ? 376 ARG A O     1 
ATOM   1008 C  CB    . ARG C 3 60  ? -9.137  -1.861  -8.961  1.00 92.97  ? 376 ARG A CB    1 
ATOM   1009 C  CG    . ARG C 3 60  ? -8.809  -0.934  -10.085 1.00 92.97  ? 376 ARG A CG    1 
ATOM   1010 C  CD    . ARG C 3 60  ? -7.528  -1.389  -10.747 1.00 92.97  ? 376 ARG A CD    1 
ATOM   1011 N  NE    . ARG C 3 60  ? -7.010  -0.379  -11.658 1.00 92.97  ? 376 ARG A NE    1 
ATOM   1012 C  CZ    . ARG C 3 60  ? -7.712  0.175   -12.643 1.00 92.97  ? 376 ARG A CZ    1 
ATOM   1013 N  NH1   . ARG C 3 60  ? -8.973  -0.185  -12.854 1.00 92.97  ? 376 ARG A NH1   1 
ATOM   1014 N  NH2   . ARG C 3 60  ? -7.152  1.097   -13.415 1.00 92.97  ? 376 ARG A NH2   1 
ATOM   1015 N  N     . HIS C 3 61  ? -11.869 -3.488  -8.971  1.00 83.63  ? 377 HIS A N     1 
ATOM   1016 C  CA    . HIS C 3 61  ? -12.912 -4.198  -9.708  1.00 83.63  ? 377 HIS A CA    1 
ATOM   1017 C  C     . HIS C 3 61  ? -14.176 -4.210  -8.873  1.00 83.63  ? 377 HIS A C     1 
ATOM   1018 O  O     . HIS C 3 61  ? -15.165 -3.559  -9.209  1.00 83.63  ? 377 HIS A O     1 
ATOM   1019 C  CB    . HIS C 3 61  ? -12.523 -5.653  -9.951  1.00 96.68  ? 377 HIS A CB    1 
ATOM   1020 C  CG    . HIS C 3 61  ? -11.201 -5.833  -10.623 1.00 96.68  ? 377 HIS A CG    1 
ATOM   1021 N  ND1   . HIS C 3 61  ? -10.965 -5.436  -11.922 1.00 96.68  ? 377 HIS A ND1   1 
ATOM   1022 C  CD2   . HIS C 3 61  ? -10.052 -6.404  -10.186 1.00 96.68  ? 377 HIS A CD2   1 
ATOM   1023 C  CE1   . HIS C 3 61  ? -9.727  -5.758  -12.257 1.00 96.68  ? 377 HIS A CE1   1 
ATOM   1024 N  NE2   . HIS C 3 61  ? -9.153  -6.345  -11.222 1.00 96.68  ? 377 HIS A NE2   1 
ATOM   1025 N  N     . THR C 3 62  ? -14.125 -4.970  -7.780  1.00 90.42  ? 378 THR A N     1 
ATOM   1026 C  CA    . THR C 3 62  ? -15.256 -5.119  -6.875  1.00 90.42  ? 378 THR A CA    1 
ATOM   1027 C  C     . THR C 3 62  ? -16.105 -3.854  -6.833  1.00 90.42  ? 378 THR A C     1 
ATOM   1028 O  O     . THR C 3 62  ? -17.294 -3.887  -7.130  1.00 90.42  ? 378 THR A O     1 
ATOM   1029 C  CB    . THR C 3 62  ? -14.797 -5.463  -5.426  1.00 89.49  ? 378 THR A CB    1 
ATOM   1030 O  OG1   . THR C 3 62  ? -14.166 -4.323  -4.837  1.00 89.49  ? 378 THR A OG1   1 
ATOM   1031 C  CG2   . THR C 3 62  ? -13.808 -6.622  -5.426  1.00 89.49  ? 378 THR A CG2   1 
ATOM   1032 N  N     . GLY C 3 63  ? -15.472 -2.736  -6.495  1.00 65.25  ? 379 GLY A N     1 
ATOM   1033 C  CA    . GLY C 3 63  ? -16.178 -1.477  -6.399  1.00 65.25  ? 379 GLY A CA    1 
ATOM   1034 C  C     . GLY C 3 63  ? -16.183 -1.049  -4.944  1.00 65.25  ? 379 GLY A C     1 
ATOM   1035 O  O     . GLY C 3 63  ? -16.341 0.120   -4.625  1.00 65.25  ? 379 GLY A O     1 
ATOM   1036 N  N     . VAL C 3 64  ? -15.991 -2.003  -4.046  1.00 81.10  ? 380 VAL A N     1 
ATOM   1037 C  CA    . VAL C 3 64  ? -15.989 -1.713  -2.617  1.00 81.10  ? 380 VAL A CA    1 
ATOM   1038 C  C     . VAL C 3 64  ? -15.253 -0.432  -2.211  1.00 81.10  ? 380 VAL A C     1 
ATOM   1039 O  O     . VAL C 3 64  ? -14.169 -0.133  -2.716  1.00 81.10  ? 380 VAL A O     1 
ATOM   1040 C  CB    . VAL C 3 64  ? -15.357 -2.873  -1.824  1.00 86.01  ? 380 VAL A CB    1 
ATOM   1041 C  CG1   . VAL C 3 64  ? -15.771 -2.785  -0.359  1.00 86.01  ? 380 VAL A CG1   1 
ATOM   1042 C  CG2   . VAL C 3 64  ? -15.748 -4.201  -2.445  1.00 86.01  ? 380 VAL A CG2   1 
ATOM   1043 N  N     . LYS C 3 65  ? -15.859 0.316   -1.294  1.00 68.71  ? 381 LYS A N     1 
ATOM   1044 C  CA    . LYS C 3 65  ? -15.271 1.539   -0.758  1.00 68.71  ? 381 LYS A CA    1 
ATOM   1045 C  C     . LYS C 3 65  ? -15.335 1.413   0.760   1.00 68.71  ? 381 LYS A C     1 
ATOM   1046 O  O     . LYS C 3 65  ? -16.052 2.146   1.443   1.00 68.71  ? 381 LYS A O     1 
ATOM   1047 C  CB    . LYS C 3 65  ? -16.044 2.777   -1.206  1.00 73.88  ? 381 LYS A CB    1 
ATOM   1048 C  CG    . LYS C 3 65  ? -15.353 3.610   -2.278  1.00 73.88  ? 381 LYS A CG    1 
ATOM   1049 C  CD    . LYS C 3 65  ? -15.135 2.788   -3.532  1.00 73.88  ? 381 LYS A CD    1 
ATOM   1050 C  CE    . LYS C 3 65  ? -14.939 3.658   -4.762  1.00 73.88  ? 381 LYS A CE    1 
ATOM   1051 N  NZ    . LYS C 3 65  ? -16.181 4.388   -5.128  1.00 73.88  ? 381 LYS A NZ    1 
ATOM   1052 N  N     . PRO C 3 66  ? -14.571 0.466   1.306   1.00 73.82  ? 382 PRO A N     1 
ATOM   1053 C  CA    . PRO C 3 66  ? -14.499 0.184   2.740   1.00 73.82  ? 382 PRO A CA    1 
ATOM   1054 C  C     . PRO C 3 66  ? -14.382 1.350   3.698   1.00 73.82  ? 382 PRO A C     1 
ATOM   1055 O  O     . PRO C 3 66  ? -14.744 1.217   4.854   1.00 73.82  ? 382 PRO A O     1 
ATOM   1056 C  CB    . PRO C 3 66  ? -13.300 -0.758  2.851   1.00 70.13  ? 382 PRO A CB    1 
ATOM   1057 C  CG    . PRO C 3 66  ? -12.496 -0.489  1.594   1.00 70.13  ? 382 PRO A CG    1 
ATOM   1058 C  CD    . PRO C 3 66  ? -13.574 -0.330  0.569   1.00 70.13  ? 382 PRO A CD    1 
ATOM   1059 N  N     . PHE C 3 67  ? -13.892 2.494   3.248   1.00 80.10  ? 383 PHE A N     1 
ATOM   1060 C  CA    . PHE C 3 67  ? -13.732 3.605   4.181   1.00 80.10  ? 383 PHE A CA    1 
ATOM   1061 C  C     . PHE C 3 67  ? -14.608 4.806   3.889   1.00 80.10  ? 383 PHE A C     1 
ATOM   1062 O  O     . PHE C 3 67  ? -14.844 5.146   2.732   1.00 80.10  ? 383 PHE A O     1 
ATOM   1063 C  CB    . PHE C 3 67  ? -12.268 4.010   4.232   1.00 86.38  ? 383 PHE A CB    1 
ATOM   1064 C  CG    . PHE C 3 67  ? -11.330 2.846   4.131   1.00 86.38  ? 383 PHE A CG    1 
ATOM   1065 C  CD1   . PHE C 3 67  ? -10.996 2.313   2.888   1.00 86.38  ? 383 PHE A CD1   1 
ATOM   1066 C  CD2   . PHE C 3 67  ? -10.811 2.259   5.271   1.00 86.38  ? 383 PHE A CD2   1 
ATOM   1067 C  CE1   . PHE C 3 67  ? -10.160 1.215   2.785   1.00 86.38  ? 383 PHE A CE1   1 
ATOM   1068 C  CE2   . PHE C 3 67  ? -9.975  1.160   5.177   1.00 86.38  ? 383 PHE A CE2   1 
ATOM   1069 C  CZ    . PHE C 3 67  ? -9.651  0.637   3.930   1.00 86.38  ? 383 PHE A CZ    1 
ATOM   1070 N  N     . GLN C 3 68  ? -15.072 5.453   4.956   1.00 66.07  ? 384 GLN A N     1 
ATOM   1071 C  CA    . GLN C 3 68  ? -15.971 6.590   4.831   1.00 66.07  ? 384 GLN A CA    1 
ATOM   1072 C  C     . GLN C 3 68  ? -15.523 7.839   5.564   1.00 66.07  ? 384 GLN A C     1 
ATOM   1073 O  O     . GLN C 3 68  ? -14.935 7.766   6.644   1.00 66.07  ? 384 GLN A O     1 
ATOM   1074 C  CB    . GLN C 3 68  ? -17.354 6.172   5.314   1.00 88.03  ? 384 GLN A CB    1 
ATOM   1075 C  CG    . GLN C 3 68  ? -18.432 7.211   5.190   1.00 88.03  ? 384 GLN A CG    1 
ATOM   1076 C  CD    . GLN C 3 68  ? -19.803 6.570   5.141   1.00 88.03  ? 384 GLN A CD    1 
ATOM   1077 O  OE1   . GLN C 3 68  ? -20.189 5.978   4.130   1.00 88.03  ? 384 GLN A OE1   1 
ATOM   1078 N  NE2   . GLN C 3 68  ? -20.539 6.664   6.243   1.00 88.03  ? 384 GLN A NE2   1 
ATOM   1079 N  N     . CYS C 3 69  ? -15.815 8.987   4.963   1.00 64.01  ? 385 CYS A N     1 
ATOM   1080 C  CA    . CYS C 3 69  ? -15.441 10.261  5.545   1.00 64.01  ? 385 CYS A CA    1 
ATOM   1081 C  C     . CYS C 3 69  ? -16.481 10.679  6.573   1.00 64.01  ? 385 CYS A C     1 
ATOM   1082 O  O     . CYS C 3 69  ? -17.664 10.843  6.248   1.00 64.01  ? 385 CYS A O     1 
ATOM   1083 C  CB    . CYS C 3 69  ? -15.326 11.331  4.457   1.00 63.45  ? 385 CYS A CB    1 
ATOM   1084 S  SG    . CYS C 3 69  ? -14.670 12.946  5.024   1.00 63.45  ? 385 CYS A SG    1 
ATOM   1085 N  N     . LYS C 3 70  ? -16.028 10.840  7.815   1.00 85.66  ? 386 LYS A N     1 
ATOM   1086 C  CA    . LYS C 3 70  ? -16.894 11.250  8.903   1.00 85.66  ? 386 LYS A CA    1 
ATOM   1087 C  C     . LYS C 3 70  ? -17.628 12.538  8.561   1.00 85.66  ? 386 LYS A C     1 
ATOM   1088 O  O     . LYS C 3 70  ? -18.719 12.771  9.063   1.00 85.66  ? 386 LYS A O     1 
ATOM   1089 C  CB    . LYS C 3 70  ? -16.084 11.451  10.184  0.50 64.08  ? 386 LYS A CB    1 
ATOM   1090 C  CG    . LYS C 3 70  ? -15.929 10.206  11.035  0.50 64.08  ? 386 LYS A CG    1 
ATOM   1091 C  CD    . LYS C 3 70  ? -15.482 9.009   10.219  0.50 64.08  ? 386 LYS A CD    1 
ATOM   1092 C  CE    . LYS C 3 70  ? -14.831 7.936   11.096  1.00 64.08  ? 386 LYS A CE    1 
ATOM   1093 N  NZ    . LYS C 3 70  ? -15.678 7.467   12.235  1.00 64.08  ? 386 LYS A NZ    1 
ATOM   1094 N  N     . THR C 3 71  ? -17.047 13.371  7.701   1.00 69.05  ? 387 THR A N     1 
ATOM   1095 C  CA    . THR C 3 71  ? -17.692 14.632  7.343   1.00 69.05  ? 387 THR A CA    1 
ATOM   1096 C  C     . THR C 3 71  ? -18.496 14.616  6.053   1.00 69.05  ? 387 THR A C     1 
ATOM   1097 O  O     . THR C 3 71  ? -19.703 14.799  6.078   1.00 69.05  ? 387 THR A O     1 
ATOM   1098 C  CB    . THR C 3 71  ? -16.684 15.770  7.241   0.50 48.02  ? 387 THR A CB    1 
ATOM   1099 O  OG1   . THR C 3 71  ? -15.966 15.878  8.474   1.00 48.02  ? 387 THR A OG1   1 
ATOM   1100 C  CG2   . THR C 3 71  ? -17.403 17.078  6.972   0.50 48.02  ? 387 THR A CG2   1 
ATOM   1101 N  N     . CYS C 3 72  ? -17.843 14.423  4.919   1.00 91.17  ? 388 CYS A N     1 
ATOM   1102 C  CA    . CYS C 3 72  ? -18.578 14.405  3.662   1.00 91.17  ? 388 CYS A CA    1 
ATOM   1103 C  C     . CYS C 3 72  ? -19.363 13.104  3.496   1.00 91.17  ? 388 CYS A C     1 
ATOM   1104 O  O     . CYS C 3 72  ? -20.113 12.952  2.531   1.00 91.17  ? 388 CYS A O     1 
ATOM   1105 C  CB    . CYS C 3 72  ? -17.626 14.603  2.475   1.00 60.00  ? 388 CYS A CB    1 
ATOM   1106 S  SG    . CYS C 3 72  ? -16.309 13.361  2.334   1.00 60.00  ? 388 CYS A SG    1 
ATOM   1107 N  N     . GLN C 3 73  ? -19.201 12.172  4.436   1.00 73.68  ? 389 GLN A N     1 
ATOM   1108 C  CA    . GLN C 3 73  ? -19.906 10.894  4.359   1.00 73.68  ? 389 GLN A CA    1 
ATOM   1109 C  C     . GLN C 3 73  ? -19.533 10.163  3.077   1.00 73.68  ? 389 GLN A C     1 
ATOM   1110 O  O     . GLN C 3 73  ? -20.220 9.224   2.670   1.00 73.68  ? 389 GLN A O     1 
ATOM   1111 C  CB    . GLN C 3 73  ? -21.422 11.116  4.358   1.00 105.36 ? 389 GLN A CB    1 
ATOM   1112 C  CG    . GLN C 3 73  ? -22.140 10.813  5.664   1.00 105.36 ? 389 GLN A CG    1 
ATOM   1113 C  CD    . GLN C 3 73  ? -21.667 11.676  6.815   1.00 105.36 ? 389 GLN A CD    1 
ATOM   1114 O  OE1   . GLN C 3 73  ? -20.740 11.308  7.541   1.00 105.36 ? 389 GLN A OE1   1 
ATOM   1115 N  NE2   . GLN C 3 73  ? -22.294 12.841  6.981   1.00 105.36 ? 389 GLN A NE2   1 
ATOM   1116 N  N     . ARG C 3 74  ? -18.453 10.604  2.438   1.00 62.13  ? 390 ARG A N     1 
ATOM   1117 C  CA    . ARG C 3 74  ? -17.997 10.010  1.182   1.00 62.13  ? 390 ARG A CA    1 
ATOM   1118 C  C     . ARG C 3 74  ? -17.103 8.804   1.427   1.00 62.13  ? 390 ARG A C     1 
ATOM   1119 O  O     . ARG C 3 74  ? -16.242 8.832   2.306   1.00 62.13  ? 390 ARG A O     1 
ATOM   1120 C  CB    . ARG C 3 74  ? -17.249 11.058  0.366   1.00 64.37  ? 390 ARG A CB    1 
ATOM   1121 C  CG    . ARG C 3 74  ? -16.574 10.520  -0.882  1.00 64.37  ? 390 ARG A CG    1 
ATOM   1122 C  CD    . ARG C 3 74  ? -15.724 11.594  -1.553  1.00 64.37  ? 390 ARG A CD    1 
ATOM   1123 N  NE    . ARG C 3 74  ? -15.158 11.123  -2.809  1.00 64.37  ? 390 ARG A NE    1 
ATOM   1124 C  CZ    . ARG C 3 74  ? -15.028 11.884  -3.889  1.00 64.37  ? 390 ARG A CZ    1 
ATOM   1125 N  NH1   . ARG C 3 74  ? -15.425 13.151  -3.852  1.00 64.37  ? 390 ARG A NH1   1 
ATOM   1126 N  NH2   . ARG C 3 74  ? -14.523 11.376  -5.008  1.00 64.37  ? 390 ARG A NH2   1 
ATOM   1127 N  N     . LYS C 3 75  ? -17.303 7.755   0.634   1.00 78.56  ? 391 LYS A N     1 
ATOM   1128 C  CA    . LYS C 3 75  ? -16.534 6.523   0.781   1.00 78.56  ? 391 LYS A CA    1 
ATOM   1129 C  C     . LYS C 3 75  ? -15.326 6.398   -0.156  1.00 78.56  ? 391 LYS A C     1 
ATOM   1130 O  O     . LYS C 3 75  ? -15.371 6.809   -1.317  1.00 78.56  ? 391 LYS A O     1 
ATOM   1131 C  CB    . LYS C 3 75  ? -17.474 5.320   0.616   1.00 97.50  ? 391 LYS A CB    1 
ATOM   1132 C  CG    . LYS C 3 75  ? -18.510 5.189   1.741   1.00 97.50  ? 391 LYS A CG    1 
ATOM   1133 C  CD    . LYS C 3 75  ? -19.630 4.188   1.423   1.00 97.50  ? 391 LYS A CD    1 
ATOM   1134 C  CE    . LYS C 3 75  ? -20.565 4.702   0.321   1.00 97.50  ? 391 LYS A CE    1 
ATOM   1135 N  NZ    . LYS C 3 75  ? -21.725 3.795   0.067   1.00 97.50  ? 391 LYS A NZ    1 
ATOM   1136 N  N     . PHE C 3 76  ? -14.247 5.816   0.362   1.00 62.27  ? 392 PHE A N     1 
ATOM   1137 C  CA    . PHE C 3 76  ? -13.020 5.643   -0.397  1.00 62.27  ? 392 PHE A CA    1 
ATOM   1138 C  C     . PHE C 3 76  ? -12.507 4.218   -0.401  1.00 62.27  ? 392 PHE A C     1 
ATOM   1139 O  O     . PHE C 3 76  ? -12.727 3.470   0.546   1.00 62.27  ? 392 PHE A O     1 
ATOM   1140 C  CB    . PHE C 3 76  ? -11.938 6.553   0.168   1.00 76.15  ? 392 PHE A CB    1 
ATOM   1141 C  CG    . PHE C 3 76  ? -12.266 8.000   0.060   1.00 76.15  ? 392 PHE A CG    1 
ATOM   1142 C  CD1   . PHE C 3 76  ? -12.476 8.585   -1.186  1.00 76.15  ? 392 PHE A CD1   1 
ATOM   1143 C  CD2   . PHE C 3 76  ? -12.396 8.779   1.198   1.00 76.15  ? 392 PHE A CD2   1 
ATOM   1144 C  CE1   . PHE C 3 76  ? -12.814 9.926   -1.296  1.00 76.15  ? 392 PHE A CE1   1 
ATOM   1145 C  CE2   . PHE C 3 76  ? -12.735 10.120  1.100   1.00 76.15  ? 392 PHE A CE2   1 
ATOM   1146 C  CZ    . PHE C 3 76  ? -12.946 10.698  -0.148  1.00 76.15  ? 392 PHE A CZ    1 
ATOM   1147 N  N     . SER C 3 77  ? -11.797 3.858   -1.465  1.00 76.99  ? 393 SER A N     1 
ATOM   1148 C  CA    . SER C 3 77  ? -11.237 2.522   -1.607  1.00 76.99  ? 393 SER A CA    1 
ATOM   1149 C  C     . SER C 3 77  ? -10.063 2.295   -0.661  1.00 76.99  ? 393 SER A C     1 
ATOM   1150 O  O     . SER C 3 77  ? -9.768  1.162   -0.305  1.00 76.99  ? 393 SER A O     1 
ATOM   1151 C  CB    . SER C 3 77  ? -10.762 2.293   -3.042  1.00 71.89  ? 393 SER A CB    1 
ATOM   1152 O  OG    . SER C 3 77  ? -9.550  2.989   -3.288  1.00 71.89  ? 393 SER A OG    1 
ATOM   1153 N  N     . ARG C 3 78  ? -9.398  3.369   -0.247  1.00 59.24  ? 394 ARG A N     1 
ATOM   1154 C  CA    . ARG C 3 78  ? -8.242  3.237   0.637   1.00 59.24  ? 394 ARG A CA    1 
ATOM   1155 C  C     . ARG C 3 78  ? -8.212  4.188   1.825   1.00 59.24  ? 394 ARG A C     1 
ATOM   1156 O  O     . ARG C 3 78  ? -8.667  5.324   1.744   1.00 59.24  ? 394 ARG A O     1 
ATOM   1157 C  CB    . ARG C 3 78  ? -6.965  3.389   -0.188  1.00 66.86  ? 394 ARG A CB    1 
ATOM   1158 C  CG    . ARG C 3 78  ? -6.763  2.235   -1.139  1.00 66.86  ? 394 ARG A CG    1 
ATOM   1159 C  CD    . ARG C 3 78  ? -5.770  2.516   -2.243  1.00 66.86  ? 394 ARG A CD    1 
ATOM   1160 N  NE    . ARG C 3 78  ? -4.466  2.947   -1.756  1.00 66.86  ? 394 ARG A NE    1 
ATOM   1161 C  CZ    . ARG C 3 78  ? -3.379  3.003   -2.522  1.00 66.86  ? 394 ARG A CZ    1 
ATOM   1162 N  NH1   . ARG C 3 78  ? -3.440  2.650   -3.804  1.00 66.86  ? 394 ARG A NH1   1 
ATOM   1163 N  NH2   . ARG C 3 78  ? -2.229  3.414   -2.008  1.00 66.86  ? 394 ARG A NH2   1 
ATOM   1164 N  N     . SER C 3 79  ? -7.664  3.712   2.934   1.00 53.42  ? 395 SER A N     1 
ATOM   1165 C  CA    . SER C 3 79  ? -7.584  4.510   4.146   1.00 53.42  ? 395 SER A CA    1 
ATOM   1166 C  C     . SER C 3 79  ? -6.595  5.649   4.001   1.00 53.42  ? 395 SER A C     1 
ATOM   1167 O  O     . SER C 3 79  ? -6.857  6.765   4.442   1.00 53.42  ? 395 SER A O     1 
ATOM   1168 C  CB    . SER C 3 79  ? -7.169  3.639   5.330   1.00 90.39  ? 395 SER A CB    1 
ATOM   1169 O  OG    . SER C 3 79  ? -5.816  3.239   5.218   1.00 90.39  ? 395 SER A OG    1 
ATOM   1170 N  N     . ASP C 3 80  ? -5.446  5.360   3.398   1.00 70.05  ? 396 ASP A N     1 
ATOM   1171 C  CA    . ASP C 3 80  ? -4.418  6.372   3.187   1.00 70.05  ? 396 ASP A CA    1 
ATOM   1172 C  C     . ASP C 3 80  ? -5.011  7.533   2.379   1.00 70.05  ? 396 ASP A C     1 
ATOM   1173 O  O     . ASP C 3 80  ? -4.759  8.703   2.670   1.00 70.05  ? 396 ASP A O     1 
ATOM   1174 C  CB    . ASP C 3 80  ? -3.195  5.745   2.482   1.00 62.87  ? 396 ASP A CB    1 
ATOM   1175 C  CG    . ASP C 3 80  ? -3.563  4.946   1.220   1.00 62.87  ? 396 ASP A CG    1 
ATOM   1176 O  OD1   . ASP C 3 80  ? -4.741  4.565   1.041   1.00 62.87  ? 396 ASP A OD1   1 
ATOM   1177 O  OD2   . ASP C 3 80  ? -2.655  4.679   0.406   1.00 62.87  ? 396 ASP A OD2   1 
ATOM   1178 N  N     . HIS C 3 81  ? -5.825  7.207   1.381   1.00 53.76  ? 397 HIS A N     1 
ATOM   1179 C  CA    . HIS C 3 81  ? -6.457  8.231   0.573   1.00 53.76  ? 397 HIS A CA    1 
ATOM   1180 C  C     . HIS C 3 81  ? -7.444  9.006   1.446   1.00 53.76  ? 397 HIS A C     1 
ATOM   1181 O  O     . HIS C 3 81  ? -7.388  10.234  1.531   1.00 53.76  ? 397 HIS A O     1 
ATOM   1182 C  CB    . HIS C 3 81  ? -7.127  7.593   -0.648  1.00 50.66  ? 397 HIS A CB    1 
ATOM   1183 C  CG    . HIS C 3 81  ? -6.142  7.100   -1.670  1.00 50.66  ? 397 HIS A CG    1 
ATOM   1184 N  ND1   . HIS C 3 81  ? -4.806  7.454   -1.645  1.00 50.66  ? 397 HIS A ND1   1 
ATOM   1185 C  CD2   . HIS C 3 81  ? -6.297  6.302   -2.757  1.00 50.66  ? 397 HIS A CD2   1 
ATOM   1186 C  CE1   . HIS C 3 81  ? -4.186  6.895   -2.670  1.00 50.66  ? 397 HIS A CE1   1 
ATOM   1187 N  NE2   . HIS C 3 81  ? -5.066  6.192   -3.359  1.00 50.66  ? 397 HIS A NE2   1 
ATOM   1188 N  N     . LEU C 3 82  ? -8.342  8.298   2.110   1.00 56.28  ? 398 LEU A N     1 
ATOM   1189 C  CA    . LEU C 3 82  ? -9.276  8.969   2.998   1.00 56.28  ? 398 LEU A CA    1 
ATOM   1190 C  C     . LEU C 3 82  ? -8.445  9.868   3.926   1.00 56.28  ? 398 LEU A C     1 
ATOM   1191 O  O     . LEU C 3 82  ? -8.703  11.059  4.061   1.00 56.28  ? 398 LEU A O     1 
ATOM   1192 C  CB    . LEU C 3 82  ? -10.046 7.933   3.833   1.00 77.44  ? 398 LEU A CB    1 
ATOM   1193 C  CG    . LEU C 3 82  ? -11.128 8.337   4.847   1.00 77.44  ? 398 LEU A CG    1 
ATOM   1194 C  CD1   . LEU C 3 82  ? -11.689 7.080   5.475   1.00 77.44  ? 398 LEU A CD1   1 
ATOM   1195 C  CD2   . LEU C 3 82  ? -10.572 9.245   5.927   1.00 77.44  ? 398 LEU A CD2   1 
ATOM   1196 N  N     . LYS C 3 83  ? -7.432  9.282   4.549   1.00 40.19  ? 399 LYS A N     1 
ATOM   1197 C  CA    . LYS C 3 83  ? -6.583  10.013  5.478   1.00 40.19  ? 399 LYS A CA    1 
ATOM   1198 C  C     . LYS C 3 83  ? -6.229  11.391  4.934   1.00 40.19  ? 399 LYS A C     1 
ATOM   1199 O  O     . LYS C 3 83  ? -6.264  12.393  5.653   1.00 40.19  ? 399 LYS A O     1 
ATOM   1200 C  CB    . LYS C 3 83  ? -5.318  9.204   5.768   1.00 58.66  ? 399 LYS A CB    1 
ATOM   1201 C  CG    . LYS C 3 83  ? -4.697  9.463   7.135   1.00 58.66  ? 399 LYS A CG    1 
ATOM   1202 C  CD    . LYS C 3 83  ? -3.614  10.526  7.093   1.00 58.66  ? 399 LYS A CD    1 
ATOM   1203 C  CE    . LYS C 3 83  ? -2.816  10.571  8.413   1.00 58.66  ? 399 LYS A CE    1 
ATOM   1204 N  NZ    . LYS C 3 83  ? -2.274  9.244   8.888   1.00 58.66  ? 399 LYS A NZ    1 
ATOM   1205 N  N     . THR C 3 84  ? -5.899  11.428  3.652   1.00 66.16  ? 400 THR A N     1 
ATOM   1206 C  CA    . THR C 3 84  ? -5.540  12.666  2.983   1.00 66.16  ? 400 THR A CA    1 
ATOM   1207 C  C     . THR C 3 84  ? -6.749  13.564  2.865   1.00 66.16  ? 400 THR A C     1 
ATOM   1208 O  O     . THR C 3 84  ? -6.775  14.688  3.371   1.00 66.16  ? 400 THR A O     1 
ATOM   1209 C  CB    . THR C 3 84  ? -5.064  12.390  1.589   1.00 62.02  ? 400 THR A CB    1 
ATOM   1210 O  OG1   . THR C 3 84  ? -3.883  11.590  1.656   1.00 62.02  ? 400 THR A OG1   1 
ATOM   1211 C  CG2   . THR C 3 84  ? -4.809  13.702  0.850   1.00 62.02  ? 400 THR A CG2   1 
ATOM   1212 N  N     . HIS C 3 85  ? -7.737  13.051  2.149   1.00 49.28  ? 401 HIS A N     1 
ATOM   1213 C  CA    . HIS C 3 85  ? -8.992  13.742  1.937   1.00 49.28  ? 401 HIS A CA    1 
ATOM   1214 C  C     . HIS C 3 85  ? -9.493  14.412  3.222   1.00 49.28  ? 401 HIS A C     1 
ATOM   1215 O  O     . HIS C 3 85  ? -10.136 15.455  3.195   1.00 49.28  ? 401 HIS A O     1 
ATOM   1216 C  CB    . HIS C 3 85  ? -10.015 12.732  1.450   1.00 81.65  ? 401 HIS A CB    1 
ATOM   1217 C  CG    . HIS C 3 85  ? -11.418 13.224  1.527   1.00 81.65  ? 401 HIS A CG    1 
ATOM   1218 N  ND1   . HIS C 3 85  ? -11.916 14.181  0.674   1.00 81.65  ? 401 HIS A ND1   1 
ATOM   1219 C  CD2   . HIS C 3 85  ? -12.424 12.906  2.372   1.00 81.65  ? 401 HIS A CD2   1 
ATOM   1220 C  CE1   . HIS C 3 85  ? -13.174 14.429  0.988   1.00 81.65  ? 401 HIS A CE1   1 
ATOM   1221 N  NE2   . HIS C 3 85  ? -13.507 13.669  2.015   1.00 81.65  ? 401 HIS A NE2   1 
ATOM   1222 N  N     . THR C 3 86  ? -9.200  13.795  4.351   1.00 63.26  ? 402 THR A N     1 
ATOM   1223 C  CA    . THR C 3 86  ? -9.616  14.341  5.621   1.00 63.26  ? 402 THR A CA    1 
ATOM   1224 C  C     . THR C 3 86  ? -9.054  15.746  5.781   1.00 63.26  ? 402 THR A C     1 
ATOM   1225 O  O     . THR C 3 86  ? -9.628  16.575  6.483   1.00 63.26  ? 402 THR A O     1 
ATOM   1226 C  CB    . THR C 3 86  ? -9.135  13.431  6.767   1.00 75.52  ? 402 THR A CB    1 
ATOM   1227 O  OG1   . THR C 3 86  ? -9.889  12.211  6.729   1.00 75.52  ? 402 THR A OG1   1 
ATOM   1228 C  CG2   . THR C 3 86  ? -9.303  14.106  8.127   1.00 75.52  ? 402 THR A CG2   1 
ATOM   1229 N  N     . ARG C 3 87  ? -7.936  16.015  5.115   1.00 54.87  ? 403 ARG A N     1 
ATOM   1230 C  CA    . ARG C 3 87  ? -7.304  17.327  5.197   1.00 54.87  ? 403 ARG A CA    1 
ATOM   1231 C  C     . ARG C 3 87  ? -8.057  18.322  4.340   1.00 54.87  ? 403 ARG A C     1 
ATOM   1232 O  O     . ARG C 3 87  ? -7.873  19.536  4.462   1.00 54.87  ? 403 ARG A O     1 
ATOM   1233 C  CB    . ARG C 3 87  ? -5.846  17.233  4.771   1.00 84.85  ? 403 ARG A CB    1 
ATOM   1234 C  CG    . ARG C 3 87  ? -5.161  16.140  5.508   1.00 84.85  ? 403 ARG A CG    1 
ATOM   1235 C  CD    . ARG C 3 87  ? -3.678  16.178  5.388   1.00 84.85  ? 403 ARG A CD    1 
ATOM   1236 N  NE    . ARG C 3 87  ? -3.137  15.022  6.093   1.00 84.85  ? 403 ARG A NE    1 
ATOM   1237 C  CZ    . ARG C 3 87  ? -1.844  14.766  6.248   1.00 84.85  ? 403 ARG A CZ    1 
ATOM   1238 N  NH1   . ARG C 3 87  ? -0.935  15.592  5.744   1.00 84.85  ? 403 ARG A NH1   1 
ATOM   1239 N  NH2   . ARG C 3 87  ? -1.465  13.678  6.906   1.00 84.85  ? 403 ARG A NH2   1 
ATOM   1240 N  N     . THR C 3 88  ? -8.906  17.797  3.466   1.00 59.45  ? 404 THR A N     1 
ATOM   1241 C  CA    . THR C 3 88  ? -9.718  18.640  2.617   1.00 59.45  ? 404 THR A CA    1 
ATOM   1242 C  C     . THR C 3 88  ? -10.491 19.530  3.570   1.00 59.45  ? 404 THR A C     1 
ATOM   1243 O  O     . THR C 3 88  ? -10.717 20.700  3.288   1.00 59.45  ? 404 THR A O     1 
ATOM   1244 C  CB    . THR C 3 88  ? -10.683 17.801  1.780   1.00 69.08  ? 404 THR A CB    1 
ATOM   1245 O  OG1   . THR C 3 88  ? -9.970  17.259  0.669   1.00 69.08  ? 404 THR A OG1   1 
ATOM   1246 C  CG2   . THR C 3 88  ? -11.853 18.630  1.275   1.00 69.08  ? 404 THR A CG2   1 
ATOM   1247 N  N     . HIS C 3 89  ? -10.880 18.970  4.711   1.00 64.45  ? 405 HIS A N     1 
ATOM   1248 C  CA    . HIS C 3 89  ? -11.613 19.727  5.714   1.00 64.45  ? 405 HIS A CA    1 
ATOM   1249 C  C     . HIS C 3 89  ? -10.656 20.316  6.744   1.00 64.45  ? 405 HIS A C     1 
ATOM   1250 O  O     . HIS C 3 89  ? -10.632 21.525  6.941   1.00 64.45  ? 405 HIS A O     1 
ATOM   1251 C  CB    . HIS C 3 89  ? -12.624 18.835  6.421   1.00 65.64  ? 405 HIS A CB    1 
ATOM   1252 C  CG    . HIS C 3 89  ? -13.457 18.018  5.489   1.00 65.64  ? 405 HIS A CG    1 
ATOM   1253 N  ND1   . HIS C 3 89  ? -14.131 18.568  4.419   1.00 65.64  ? 405 HIS A ND1   1 
ATOM   1254 C  CD2   . HIS C 3 89  ? -13.735 16.693  5.471   1.00 65.64  ? 405 HIS A CD2   1 
ATOM   1255 C  CE1   . HIS C 3 89  ? -14.789 17.616  3.780   1.00 65.64  ? 405 HIS A CE1   1 
ATOM   1256 N  NE2   . HIS C 3 89  ? -14.565 16.470  4.399   1.00 65.64  ? 405 HIS A NE2   1 
ATOM   1257 N  N     . THR C 3 90  ? -9.857  19.475  7.396   1.00 62.02  ? 406 THR A N     1 
ATOM   1258 C  CA    . THR C 3 90  ? -8.943  19.986  8.410   1.00 62.02  ? 406 THR A CA    1 
ATOM   1259 C  C     . THR C 3 90  ? -8.209  21.213  7.889   1.00 62.02  ? 406 THR A C     1 
ATOM   1260 O  O     . THR C 3 90  ? -7.999  22.177  8.623   1.00 62.02  ? 406 THR A O     1 
ATOM   1261 C  CB    . THR C 3 90  ? -7.893  18.931  8.859   1.00 94.99  ? 406 THR A CB    1 
ATOM   1262 O  OG1   . THR C 3 90  ? -6.867  18.808  7.866   1.00 94.99  ? 406 THR A OG1   1 
ATOM   1263 C  CG2   . THR C 3 90  ? -8.547  17.583  9.071   1.00 94.99  ? 406 THR A CG2   1 
ATOM   1264 N  N     . GLY C 3 91  ? -7.847  21.186  6.611   1.00 84.53  ? 407 GLY A N     1 
ATOM   1265 C  CA    . GLY C 3 91  ? -7.119  22.302  6.039   1.00 84.53  ? 407 GLY A CA    1 
ATOM   1266 C  C     . GLY C 3 91  ? -5.718  22.272  6.609   1.00 84.53  ? 407 GLY A C     1 
ATOM   1267 O  O     . GLY C 3 91  ? -5.168  23.292  7.002   1.00 84.53  ? 407 GLY A O     1 
ATOM   1268 N  N     . GLU C 3 92  ? -5.153  21.077  6.678   1.00 103.81 ? 408 GLU A N     1 
ATOM   1269 C  CA    . GLU C 3 92  ? -3.815  20.884  7.202   1.00 103.81 ? 408 GLU A CA    1 
ATOM   1270 C  C     . GLU C 3 92  ? -2.861  20.818  6.013   1.00 103.81 ? 408 GLU A C     1 
ATOM   1271 O  O     . GLU C 3 92  ? -3.201  20.262  4.970   1.00 103.81 ? 408 GLU A O     1 
ATOM   1272 C  CB    . GLU C 3 92  ? -3.779  19.588  8.016   1.00 85.23  ? 408 GLU A CB    1 
ATOM   1273 C  CG    . GLU C 3 92  ? -2.396  19.060  8.330   1.00 85.23  ? 408 GLU A CG    1 
ATOM   1274 C  CD    . GLU C 3 92  ? -2.434  17.686  8.987   1.00 85.23  ? 408 GLU A CD    1 
ATOM   1275 O  OE1   . GLU C 3 92  ? -3.334  16.895  8.642   1.00 85.23  ? 408 GLU A OE1   1 
ATOM   1276 O  OE2   . GLU C 3 92  ? -1.559  17.384  9.833   1.00 85.23  ? 408 GLU A OE2   1 
ATOM   1277 N  N     . LYS C 3 93  ? -1.677  21.401  6.169   1.00 62.14  ? 409 LYS A N     1 
ATOM   1278 C  CA    . LYS C 3 93  ? -0.667  21.426  5.105   1.00 62.14  ? 409 LYS A CA    1 
ATOM   1279 C  C     . LYS C 3 93  ? 0.746   21.325  5.693   1.00 62.14  ? 409 LYS A C     1 
ATOM   1280 O  O     . LYS C 3 93  ? 1.456   22.323  5.822   1.00 62.14  ? 409 LYS A O     1 
ATOM   1281 C  CB    . LYS C 3 93  ? -0.803  22.719  4.299   1.00 44.31  ? 409 LYS A CB    1 
ATOM   1282 C  CG    . LYS C 3 93  ? -2.197  22.957  3.773   1.00 44.31  ? 409 LYS A CG    1 
ATOM   1283 C  CD    . LYS C 3 93  ? -2.269  24.232  2.993   1.00 44.31  ? 409 LYS A CD    1 
ATOM   1284 C  CE    . LYS C 3 93  ? -3.651  24.407  2.413   1.00 44.31  ? 409 LYS A CE    1 
ATOM   1285 N  NZ    . LYS C 3 93  ? -3.741  25.548  1.437   1.00 44.31  ? 409 LYS A NZ    1 
ATOM   1286 N  N     . PRO C 3 94  ? 1.162   20.108  6.048   1.00 92.58  ? 410 PRO A N     1 
ATOM   1287 C  CA    . PRO C 3 94  ? 2.455   19.747  6.639   1.00 92.58  ? 410 PRO A CA    1 
ATOM   1288 C  C     . PRO C 3 94  ? 3.674   19.945  5.745   1.00 92.58  ? 410 PRO A C     1 
ATOM   1289 O  O     . PRO C 3 94  ? 4.816   19.845  6.214   1.00 92.58  ? 410 PRO A O     1 
ATOM   1290 C  CB    . PRO C 3 94  ? 2.277   18.271  6.994   1.00 39.09  ? 410 PRO A CB    1 
ATOM   1291 C  CG    . PRO C 3 94  ? 0.802   18.095  7.066   1.00 39.09  ? 410 PRO A CG    1 
ATOM   1292 C  CD    . PRO C 3 94  ? 0.295   18.930  5.941   1.00 39.09  ? 410 PRO A CD    1 
ATOM   1293 N  N     . PHE C 3 95  ? 3.438   20.225  4.467   1.00 75.29  ? 411 PHE A N     1 
ATOM   1294 C  CA    . PHE C 3 95  ? 4.539   20.389  3.531   1.00 75.29  ? 411 PHE A CA    1 
ATOM   1295 C  C     . PHE C 3 95  ? 4.732   21.790  3.002   1.00 75.29  ? 411 PHE A C     1 
ATOM   1296 O  O     . PHE C 3 95  ? 3.997   22.236  2.119   1.00 75.29  ? 411 PHE A O     1 
ATOM   1297 C  CB    . PHE C 3 95  ? 4.354   19.437  2.368   1.00 71.95  ? 411 PHE A CB    1 
ATOM   1298 C  CG    . PHE C 3 95  ? 3.977   18.066  2.788   1.00 71.95  ? 411 PHE A CG    1 
ATOM   1299 C  CD1   . PHE C 3 95  ? 2.646   17.731  2.969   1.00 71.95  ? 411 PHE A CD1   1 
ATOM   1300 C  CD2   . PHE C 3 95  ? 4.946   17.112  3.017   1.00 71.95  ? 411 PHE A CD2   1 
ATOM   1301 C  CE1   . PHE C 3 95  ? 2.286   16.458  3.369   1.00 71.95  ? 411 PHE A CE1   1 
ATOM   1302 C  CE2   . PHE C 3 95  ? 4.603   15.835  3.419   1.00 71.95  ? 411 PHE A CE2   1 
ATOM   1303 C  CZ    . PHE C 3 95  ? 3.270   15.503  3.594   1.00 71.95  ? 411 PHE A CZ    1 
ATOM   1304 N  N     . SER C 3 96  ? 5.745   22.464  3.543   1.00 77.93  ? 412 SER A N     1 
ATOM   1305 C  CA    . SER C 3 96  ? 6.067   23.825  3.142   1.00 77.93  ? 412 SER A CA    1 
ATOM   1306 C  C     . SER C 3 96  ? 7.131   23.808  2.058   1.00 77.93  ? 412 SER A C     1 
ATOM   1307 O  O     . SER C 3 96  ? 8.038   22.972  2.072   1.00 77.93  ? 412 SER A O     1 
ATOM   1308 C  CB    . SER C 3 96  ? 6.563   24.630  4.348   1.00 173.64 ? 412 SER A CB    1 
ATOM   1309 O  OG    . SER C 3 96  ? 7.669   23.999  4.969   1.00 173.64 ? 412 SER A OG    1 
ATOM   1310 N  N     . CYS C 3 97  ? 7.006   24.727  1.111   1.00 67.19  ? 413 CYS A N     1 
ATOM   1311 C  CA    . CYS C 3 97  ? 7.958   24.814  0.025   1.00 67.19  ? 413 CYS A CA    1 
ATOM   1312 C  C     . CYS C 3 97  ? 9.310   25.234  0.569   1.00 67.19  ? 413 CYS A C     1 
ATOM   1313 O  O     . CYS C 3 97  ? 9.423   26.243  1.260   1.00 67.19  ? 413 CYS A O     1 
ATOM   1314 C  CB    . CYS C 3 97  ? 7.490   25.821  -1.011  1.00 50.59  ? 413 CYS A CB    1 
ATOM   1315 S  SG    . CYS C 3 97  ? 8.799   26.271  -2.128  1.00 50.59  ? 413 CYS A SG    1 
ATOM   1316 N  N     . ARG C 3 98  ? 10.340  24.468  0.243   1.00 104.97 ? 414 ARG A N     1 
ATOM   1317 C  CA    . ARG C 3 98  ? 11.677  24.755  0.730   1.00 104.97 ? 414 ARG A CA    1 
ATOM   1318 C  C     . ARG C 3 98  ? 12.471  25.797  -0.048  1.00 104.97 ? 414 ARG A C     1 
ATOM   1319 O  O     . ARG C 3 98  ? 13.667  25.959  0.181   1.00 104.97 ? 414 ARG A O     1 
ATOM   1320 C  CB    . ARG C 3 98  ? 12.468  23.454  0.812   1.00 77.82  ? 414 ARG A CB    1 
ATOM   1321 C  CG    . ARG C 3 98  ? 12.029  22.581  1.954   1.00 77.82  ? 414 ARG A CG    1 
ATOM   1322 C  CD    . ARG C 3 98  ? 12.509  23.175  3.251   1.00 77.82  ? 414 ARG A CD    1 
ATOM   1323 N  NE    . ARG C 3 98  ? 13.935  22.927  3.466   1.00 77.82  ? 414 ARG A NE    1 
ATOM   1324 C  CZ    . ARG C 3 98  ? 14.431  21.791  3.958   1.00 77.82  ? 414 ARG A CZ    1 
ATOM   1325 N  NH1   . ARG C 3 98  ? 13.606  20.803  4.285   1.00 77.82  ? 414 ARG A NH1   1 
ATOM   1326 N  NH2   . ARG C 3 98  ? 15.744  21.638  4.131   1.00 77.82  ? 414 ARG A NH2   1 
ATOM   1327 N  N     . TRP C 3 99  ? 11.825  26.509  -0.965  1.00 72.37  ? 415 TRP A N     1 
ATOM   1328 C  CA    . TRP C 3 99  ? 12.527  27.539  -1.735  1.00 72.37  ? 415 TRP A CA    1 
ATOM   1329 C  C     . TRP C 3 99  ? 12.584  28.837  -0.937  1.00 72.37  ? 415 TRP A C     1 
ATOM   1330 O  O     . TRP C 3 99  ? 11.947  28.957  0.115   1.00 72.37  ? 415 TRP A O     1 
ATOM   1331 C  CB    . TRP C 3 99  ? 11.843  27.752  -3.095  1.00 81.52  ? 415 TRP A CB    1 
ATOM   1332 C  CG    . TRP C 3 99  ? 12.145  26.640  -4.060  1.00 81.52  ? 415 TRP A CG    1 
ATOM   1333 C  CD1   . TRP C 3 99  ? 11.995  25.302  -3.834  1.00 81.52  ? 415 TRP A CD1   1 
ATOM   1334 C  CD2   . TRP C 3 99  ? 12.685  26.762  -5.380  1.00 81.52  ? 415 TRP A CD2   1 
ATOM   1335 N  NE1   . TRP C 3 99  ? 12.411  24.585  -4.927  1.00 81.52  ? 415 TRP A NE1   1 
ATOM   1336 C  CE2   . TRP C 3 99  ? 12.838  25.455  -5.891  1.00 81.52  ? 415 TRP A CE2   1 
ATOM   1337 C  CE3   . TRP C 3 99  ? 13.056  27.845  -6.179  1.00 81.52  ? 415 TRP A CE3   1 
ATOM   1338 C  CZ2   . TRP C 3 99  ? 13.344  25.206  -7.164  1.00 81.52  ? 415 TRP A CZ2   1 
ATOM   1339 C  CZ3   . TRP C 3 99  ? 13.562  27.593  -7.450  1.00 81.52  ? 415 TRP A CZ3   1 
ATOM   1340 C  CH2   . TRP C 3 99  ? 13.700  26.284  -7.926  1.00 81.52  ? 415 TRP A CH2   1 
ATOM   1341 N  N     . PRO C 3 100 ? 13.350  29.827  -1.422  1.00 132.28 ? 416 PRO A N     1 
ATOM   1342 C  CA    . PRO C 3 100 ? 13.494  31.119  -0.750  1.00 132.28 ? 416 PRO A CA    1 
ATOM   1343 C  C     . PRO C 3 100 ? 12.189  31.840  -0.443  1.00 132.28 ? 416 PRO A C     1 
ATOM   1344 O  O     . PRO C 3 100 ? 11.588  32.464  -1.323  1.00 132.28 ? 416 PRO A O     1 
ATOM   1345 C  CB    . PRO C 3 100 ? 14.356  31.907  -1.721  1.00 88.13  ? 416 PRO A CB    1 
ATOM   1346 C  CG    . PRO C 3 100 ? 13.903  31.381  -3.034  1.00 88.13  ? 416 PRO A CG    1 
ATOM   1347 C  CD    . PRO C 3 100 ? 13.942  29.897  -2.766  1.00 88.13  ? 416 PRO A CD    1 
ATOM   1348 N  N     . SER C 3 101 ? 11.772  31.743  0.816   1.00 141.83 ? 417 SER A N     1 
ATOM   1349 C  CA    . SER C 3 101 ? 10.563  32.376  1.325   1.00 141.83 ? 417 SER A CA    1 
ATOM   1350 C  C     . SER C 3 101 ? 9.244   32.000  0.662   1.00 141.83 ? 417 SER A C     1 
ATOM   1351 O  O     . SER C 3 101 ? 8.187   32.365  1.171   1.00 141.83 ? 417 SER A O     1 
ATOM   1352 C  CB    . SER C 3 101 ? 10.721  33.901  1.308   1.00 114.49 ? 417 SER A CB    1 
ATOM   1353 O  OG    . SER C 3 101 ? 11.001  34.382  0.007   1.00 114.49 ? 417 SER A OG    1 
ATOM   1354 N  N     . CYS C 3 102 ? 9.286   31.291  -0.463  1.00 102.80 ? 418 CYS A N     1 
ATOM   1355 C  CA    . CYS C 3 102 ? 8.043   30.892  -1.120  1.00 102.80 ? 418 CYS A CA    1 
ATOM   1356 C  C     . CYS C 3 102 ? 7.428   29.916  -0.157  1.00 102.80 ? 418 CYS A C     1 
ATOM   1357 O  O     . CYS C 3 102 ? 7.411   28.709  -0.384  1.00 102.80 ? 418 CYS A O     1 
ATOM   1358 C  CB    . CYS C 3 102 ? 8.295   30.199  -2.465  1.00 95.63  ? 418 CYS A CB    1 
ATOM   1359 S  SG    . CYS C 3 102 ? 6.797   29.935  -3.492  1.00 95.63  ? 418 CYS A SG    1 
ATOM   1360 N  N     . GLN C 3 103 ? 6.935   30.473  0.934   1.00 102.41 ? 419 GLN A N     1 
ATOM   1361 C  CA    . GLN C 3 103 ? 6.327   29.718  2.000   1.00 102.41 ? 419 GLN A CA    1 
ATOM   1362 C  C     . GLN C 3 103 ? 4.922   29.232  1.683   1.00 102.41 ? 419 GLN A C     1 
ATOM   1363 O  O     . GLN C 3 103 ? 3.952   29.664  2.306   1.00 102.41 ? 419 GLN A O     1 
ATOM   1364 C  CB    . GLN C 3 103 ? 6.303   30.581  3.251   1.00 131.88 ? 419 GLN A CB    1 
ATOM   1365 C  CG    . GLN C 3 103 ? 5.699   31.953  3.008   1.00 131.88 ? 419 GLN A CG    1 
ATOM   1366 C  CD    . GLN C 3 103 ? 5.803   32.842  4.220   1.00 131.88 ? 419 GLN A CD    1 
ATOM   1367 O  OE1   . GLN C 3 103 ? 6.901   33.109  4.706   1.00 131.88 ? 419 GLN A OE1   1 
ATOM   1368 N  NE2   . GLN C 3 103 ? 4.661   33.304  4.723   1.00 131.88 ? 419 GLN A NE2   1 
ATOM   1369 N  N     . LYS C 3 104 ? 4.805   28.347  0.702   1.00 85.03  ? 420 LYS A N     1 
ATOM   1370 C  CA    . LYS C 3 104 ? 3.506   27.793  0.369   1.00 85.03  ? 420 LYS A CA    1 
ATOM   1371 C  C     . LYS C 3 104 ? 3.445   26.447  1.058   1.00 85.03  ? 420 LYS A C     1 
ATOM   1372 O  O     . LYS C 3 104 ? 4.468   25.777  1.223   1.00 85.03  ? 420 LYS A O     1 
ATOM   1373 C  CB    . LYS C 3 104 ? 3.336   27.617  -1.137  1.00 60.35  ? 420 LYS A CB    1 
ATOM   1374 C  CG    . LYS C 3 104 ? 3.407   28.912  -1.902  1.00 60.35  ? 420 LYS A CG    1 
ATOM   1375 C  CD    . LYS C 3 104 ? 2.669   28.847  -3.233  1.00 60.35  ? 420 LYS A CD    1 
ATOM   1376 C  CE    . LYS C 3 104 ? 2.915   30.131  -4.035  1.00 60.35  ? 420 LYS A CE    1 
ATOM   1377 N  NZ    . LYS C 3 104 ? 2.153   30.254  -5.317  1.00 60.35  ? 420 LYS A NZ    1 
ATOM   1378 N  N     . LYS C 3 105 ? 2.254   26.062  1.491   1.00 75.11  ? 421 LYS A N     1 
ATOM   1379 C  CA    . LYS C 3 105 ? 2.095   24.789  2.161   1.00 75.11  ? 421 LYS A CA    1 
ATOM   1380 C  C     . LYS C 3 105 ? 1.143   23.918  1.354   1.00 75.11  ? 421 LYS A C     1 
ATOM   1381 O  O     . LYS C 3 105 ? 0.270   24.424  0.644   1.00 75.11  ? 421 LYS A O     1 
ATOM   1382 C  CB    . LYS C 3 105 ? 1.583   24.998  3.591   1.00 90.70  ? 421 LYS A CB    1 
ATOM   1383 C  CG    . LYS C 3 105 ? 2.595   25.667  4.540   1.00 90.70  ? 421 LYS A CG    1 
ATOM   1384 C  CD    . LYS C 3 105 ? 2.781   27.162  4.260   1.00 90.70  ? 421 LYS A CD    1 
ATOM   1385 C  CE    . LYS C 3 105 ? 3.836   27.801  5.170   1.00 90.70  ? 421 LYS A CE    1 
ATOM   1386 N  NZ    . LYS C 3 105 ? 5.238   27.390  4.845   1.00 90.70  ? 421 LYS A NZ    1 
ATOM   1387 N  N     . PHE C 3 106 ? 1.334   22.606  1.456   1.00 75.22  ? 422 PHE A N     1 
ATOM   1388 C  CA    . PHE C 3 106 ? 0.521   21.649  0.725   1.00 75.22  ? 422 PHE A CA    1 
ATOM   1389 C  C     . PHE C 3 106 ? 0.119   20.510  1.632   1.00 75.22  ? 422 PHE A C     1 
ATOM   1390 O  O     . PHE C 3 106 ? 0.884   20.118  2.511   1.00 75.22  ? 422 PHE A O     1 
ATOM   1391 C  CB    . PHE C 3 106 ? 1.318   21.124  -0.459  1.00 64.63  ? 422 PHE A CB    1 
ATOM   1392 C  CG    . PHE C 3 106 ? 1.670   22.188  -1.452  1.00 64.63  ? 422 PHE A CG    1 
ATOM   1393 C  CD1   . PHE C 3 106 ? 0.748   22.586  -2.420  1.00 64.63  ? 422 PHE A CD1   1 
ATOM   1394 C  CD2   . PHE C 3 106 ? 2.898   22.831  -1.386  1.00 64.63  ? 422 PHE A CD2   1 
ATOM   1395 C  CE1   . PHE C 3 106 ? 1.041   23.612  -3.309  1.00 64.63  ? 422 PHE A CE1   1 
ATOM   1396 C  CE2   . PHE C 3 106 ? 3.207   23.858  -2.266  1.00 64.63  ? 422 PHE A CE2   1 
ATOM   1397 C  CZ    . PHE C 3 106 ? 2.274   24.252  -3.233  1.00 64.63  ? 422 PHE A CZ    1 
ATOM   1398 N  N     . ALA C 3 107 ? -1.083  19.984  1.411   1.00 74.92  ? 423 ALA A N     1 
ATOM   1399 C  CA    . ALA C 3 107 ? -1.612  18.890  2.221   1.00 74.92  ? 423 ALA A CA    1 
ATOM   1400 C  C     . ALA C 3 107 ? -0.881  17.569  1.986   1.00 74.92  ? 423 ALA A C     1 
ATOM   1401 O  O     . ALA C 3 107 ? -0.704  16.768  2.908   1.00 74.92  ? 423 ALA A O     1 
ATOM   1402 C  CB    . ALA C 3 107 ? -3.089  18.715  1.935   1.00 87.00  ? 423 ALA A CB    1 
ATOM   1403 N  N     . ARG C 3 108 ? -0.457  17.354  0.745   1.00 62.08  ? 424 ARG A N     1 
ATOM   1404 C  CA    . ARG C 3 108 ? 0.242   16.138  0.360   1.00 62.08  ? 424 ARG A CA    1 
ATOM   1405 C  C     . ARG C 3 108 ? 1.721   16.337  0.058   1.00 62.08  ? 424 ARG A C     1 
ATOM   1406 O  O     . ARG C 3 108 ? 2.125   17.371  -0.467  1.00 62.08  ? 424 ARG A O     1 
ATOM   1407 C  CB    . ARG C 3 108 ? -0.462  15.532  -0.841  1.00 47.87  ? 424 ARG A CB    1 
ATOM   1408 C  CG    . ARG C 3 108 ? -1.609  14.668  -0.433  1.00 47.87  ? 424 ARG A CG    1 
ATOM   1409 C  CD    . ARG C 3 108 ? -2.570  14.464  -1.552  1.00 47.87  ? 424 ARG A CD    1 
ATOM   1410 N  NE    . ARG C 3 108 ? -1.908  14.089  -2.785  1.00 47.87  ? 424 ARG A NE    1 
ATOM   1411 C  CZ    . ARG C 3 108 ? -2.568  13.774  -3.887  1.00 47.87  ? 424 ARG A CZ    1 
ATOM   1412 N  NH1   . ARG C 3 108 ? -3.896  13.789  -3.886  1.00 47.87  ? 424 ARG A NH1   1 
ATOM   1413 N  NH2   . ARG C 3 108 ? -1.905  13.466  -4.991  1.00 47.87  ? 424 ARG A NH2   1 
ATOM   1414 N  N     . SER C 3 109 ? 2.525   15.331  0.384   1.00 65.33  ? 425 SER A N     1 
ATOM   1415 C  CA    . SER C 3 109 ? 3.963   15.409  0.160   1.00 65.33  ? 425 SER A CA    1 
ATOM   1416 C  C     . SER C 3 109 ? 4.315   15.680  -1.295  1.00 65.33  ? 425 SER A C     1 
ATOM   1417 O  O     . SER C 3 109 ? 5.142   16.546  -1.598  1.00 65.33  ? 425 SER A O     1 
ATOM   1418 C  CB    . SER C 3 109 ? 4.631   14.108  0.596   1.00 51.43  ? 425 SER A CB    1 
ATOM   1419 O  OG    . SER C 3 109 ? 4.474   13.096  -0.379  1.00 51.43  ? 425 SER A OG    1 
ATOM   1420 N  N     . ASP C 3 110 ? 3.680   14.920  -2.184  1.00 51.21  ? 426 ASP A N     1 
ATOM   1421 C  CA    . ASP C 3 110 ? 3.904   15.021  -3.615  1.00 51.21  ? 426 ASP A CA    1 
ATOM   1422 C  C     . ASP C 3 110 ? 3.340   16.306  -4.181  1.00 51.21  ? 426 ASP A C     1 
ATOM   1423 O  O     . ASP C 3 110 ? 3.829   16.830  -5.174  1.00 51.21  ? 426 ASP A O     1 
ATOM   1424 C  CB    . ASP C 3 110 ? 3.245   13.849  -4.323  1.00 72.17  ? 426 ASP A CB    1 
ATOM   1425 C  CG    . ASP C 3 110 ? 1.729   13.940  -4.302  1.00 72.17  ? 426 ASP A CG    1 
ATOM   1426 O  OD1   . ASP C 3 110 ? 1.124   13.699  -3.241  1.00 72.17  ? 426 ASP A OD1   1 
ATOM   1427 O  OD2   . ASP C 3 110 ? 1.141   14.264  -5.354  1.00 72.17  ? 426 ASP A OD2   1 
ATOM   1428 N  N     . GLU C 3 111 ? 2.286   16.797  -3.560  1.00 55.22  ? 427 GLU A N     1 
ATOM   1429 C  CA    . GLU C 3 111 ? 1.649   18.029  -3.999  1.00 55.22  ? 427 GLU A CA    1 
ATOM   1430 C  C     . GLU C 3 111 ? 2.694   19.158  -3.972  1.00 55.22  ? 427 GLU A C     1 
ATOM   1431 O  O     . GLU C 3 111 ? 2.667   20.091  -4.792  1.00 55.22  ? 427 GLU A O     1 
ATOM   1432 C  CB    . GLU C 3 111 ? 0.494   18.328  -3.047  1.00 77.85  ? 427 GLU A CB    1 
ATOM   1433 C  CG    . GLU C 3 111 ? -0.607  19.189  -3.591  1.00 77.85  ? 427 GLU A CG    1 
ATOM   1434 C  CD    . GLU C 3 111 ? -1.874  19.003  -2.793  1.00 77.85  ? 427 GLU A CD    1 
ATOM   1435 O  OE1   . GLU C 3 111 ? -1.814  19.150  -1.549  1.00 77.85  ? 427 GLU A OE1   1 
ATOM   1436 O  OE2   . GLU C 3 111 ? -2.920  18.703  -3.410  1.00 77.85  ? 427 GLU A OE2   1 
ATOM   1437 N  N     . LEU C 3 112 ? 3.613   19.045  -3.016  1.00 56.12  ? 428 LEU A N     1 
ATOM   1438 C  CA    . LEU C 3 112 ? 4.695   19.997  -2.810  1.00 56.12  ? 428 LEU A CA    1 
ATOM   1439 C  C     . LEU C 3 112 ? 5.735   19.744  -3.865  1.00 56.12  ? 428 LEU A C     1 
ATOM   1440 O  O     . LEU C 3 112 ? 6.170   20.652  -4.565  1.00 56.12  ? 428 LEU A O     1 
ATOM   1441 C  CB    . LEU C 3 112 ? 5.323   19.774  -1.437  1.00 45.81  ? 428 LEU A CB    1 
ATOM   1442 C  CG    . LEU C 3 112 ? 6.738   20.302  -1.199  1.00 45.81  ? 428 LEU A CG    1 
ATOM   1443 C  CD1   . LEU C 3 112 ? 6.764   21.783  -1.405  1.00 45.81  ? 428 LEU A CD1   1 
ATOM   1444 C  CD2   . LEU C 3 112 ? 7.190   19.977  0.208   1.00 45.81  ? 428 LEU A CD2   1 
ATOM   1445 N  N     . VAL C 3 113 ? 6.143   18.487  -3.954  1.00 48.58  ? 429 VAL A N     1 
ATOM   1446 C  CA    . VAL C 3 113 ? 7.136   18.078  -4.928  1.00 48.58  ? 429 VAL A CA    1 
ATOM   1447 C  C     . VAL C 3 113 ? 6.800   18.674  -6.275  1.00 48.58  ? 429 VAL A C     1 
ATOM   1448 O  O     . VAL C 3 113 ? 7.658   19.224  -6.928  1.00 48.58  ? 429 VAL A O     1 
ATOM   1449 C  CB    . VAL C 3 113 ? 7.197   16.552  -5.055  1.00 39.67  ? 429 VAL A CB    1 
ATOM   1450 C  CG1   . VAL C 3 113 ? 7.950   16.173  -6.319  1.00 39.67  ? 429 VAL A CG1   1 
ATOM   1451 C  CG2   . VAL C 3 113 ? 7.871   15.955  -3.821  1.00 39.67  ? 429 VAL A CG2   1 
ATOM   1452 N  N     . ARG C 3 114 ? 5.552   18.578  -6.699  1.00 54.06  ? 430 ARG A N     1 
ATOM   1453 C  CA    . ARG C 3 114 ? 5.235   19.172  -7.974  1.00 54.06  ? 430 ARG A CA    1 
ATOM   1454 C  C     . ARG C 3 114 ? 5.323   20.700  -7.924  1.00 54.06  ? 430 ARG A C     1 
ATOM   1455 O  O     . ARG C 3 114 ? 5.496   21.347  -8.961  1.00 54.06  ? 430 ARG A O     1 
ATOM   1456 C  CB    . ARG C 3 114 ? 3.855   18.757  -8.476  1.00 81.62  ? 430 ARG A CB    1 
ATOM   1457 C  CG    . ARG C 3 114 ? 3.662   19.150  -9.935  1.00 81.62  ? 430 ARG A CG    1 
ATOM   1458 C  CD    . ARG C 3 114 ? 2.584   18.349  -10.598 1.00 81.62  ? 430 ARG A CD    1 
ATOM   1459 N  NE    . ARG C 3 114 ? 1.290   18.569  -9.977  1.00 81.62  ? 430 ARG A NE    1 
ATOM   1460 C  CZ    . ARG C 3 114 ? 0.138   18.212  -10.530 1.00 81.62  ? 430 ARG A CZ    1 
ATOM   1461 N  NH1   . ARG C 3 114 ? 0.132   17.611  -11.716 1.00 81.62  ? 430 ARG A NH1   1 
ATOM   1462 N  NH2   . ARG C 3 114 ? -1.011  18.455  -9.901  1.00 81.62  ? 430 ARG A NH2   1 
ATOM   1463 N  N     . HIS C 3 115 ? 5.207   21.290  -6.740  1.00 66.17  ? 431 HIS A N     1 
ATOM   1464 C  CA    . HIS C 3 115 ? 5.308   22.741  -6.669  1.00 66.17  ? 431 HIS A CA    1 
ATOM   1465 C  C     . HIS C 3 115 ? 6.737   23.118  -7.001  1.00 66.17  ? 431 HIS A C     1 
ATOM   1466 O  O     . HIS C 3 115 ? 6.987   23.933  -7.894  1.00 66.17  ? 431 HIS A O     1 
ATOM   1467 C  CB    . HIS C 3 115 ? 4.958   23.279  -5.283  1.00 86.58  ? 431 HIS A CB    1 
ATOM   1468 C  CG    . HIS C 3 115 ? 5.206   24.748  -5.147  1.00 86.58  ? 431 HIS A CG    1 
ATOM   1469 N  ND1   . HIS C 3 115 ? 4.733   25.663  -6.064  1.00 86.58  ? 431 HIS A ND1   1 
ATOM   1470 C  CD2   . HIS C 3 115 ? 5.939   25.452  -4.255  1.00 86.58  ? 431 HIS A CD2   1 
ATOM   1471 C  CE1   . HIS C 3 115 ? 5.170   26.868  -5.744  1.00 86.58  ? 431 HIS A CE1   1 
ATOM   1472 N  NE2   . HIS C 3 115 ? 5.904   26.767  -4.652  1.00 86.58  ? 431 HIS A NE2   1 
ATOM   1473 N  N     . HIS C 3 116 ? 7.670   22.526  -6.268  1.00 85.52  ? 432 HIS A N     1 
ATOM   1474 C  CA    . HIS C 3 116 ? 9.077   22.774  -6.495  1.00 85.52  ? 432 HIS A CA    1 
ATOM   1475 C  C     . HIS C 3 116 ? 9.385   22.635  -7.976  1.00 85.52  ? 432 HIS A C     1 
ATOM   1476 O  O     . HIS C 3 116 ? 9.932   23.550  -8.596  1.00 85.52  ? 432 HIS A O     1 
ATOM   1477 C  CB    . HIS C 3 116 ? 9.908   21.766  -5.725  1.00 59.13  ? 432 HIS A CB    1 
ATOM   1478 C  CG    . HIS C 3 116 ? 9.913   21.991  -4.252  1.00 59.13  ? 432 HIS A CG    1 
ATOM   1479 N  ND1   . HIS C 3 116 ? 10.526  21.126  -3.372  1.00 59.13  ? 432 HIS A ND1   1 
ATOM   1480 C  CD2   . HIS C 3 116 ? 9.438   23.014  -3.504  1.00 59.13  ? 432 HIS A CD2   1 
ATOM   1481 C  CE1   . HIS C 3 116 ? 10.432  21.608  -2.145  1.00 59.13  ? 432 HIS A CE1   1 
ATOM   1482 N  NE2   . HIS C 3 116 ? 9.776   22.753  -2.199  1.00 59.13  ? 432 HIS A NE2   1 
ATOM   1483 N  N     . ASN C 3 117 ? 9.022   21.487  -8.542  1.00 61.23  ? 433 ASN A N     1 
ATOM   1484 C  CA    . ASN C 3 117 ? 9.273   21.223  -9.947  1.00 61.23  ? 433 ASN A CA    1 
ATOM   1485 C  C     . ASN C 3 117 ? 8.770   22.324  -10.852 1.00 61.23  ? 433 ASN A C     1 
ATOM   1486 O  O     . ASN C 3 117 ? 9.150   22.401  -12.012 1.00 61.23  ? 433 ASN A O     1 
ATOM   1487 C  CB    . ASN C 3 117 ? 8.661   19.893  -10.356 1.00 75.14  ? 433 ASN A CB    1 
ATOM   1488 C  CG    . ASN C 3 117 ? 9.241   18.738  -9.581  1.00 75.14  ? 433 ASN A CG    1 
ATOM   1489 O  OD1   . ASN C 3 117 ? 10.379  18.801  -9.121  1.00 75.14  ? 433 ASN A OD1   1 
ATOM   1490 N  ND2   . ASN C 3 117 ? 8.470   17.669  -9.437  1.00 75.14  ? 433 ASN A ND2   1 
ATOM   1491 N  N     . MET C 3 118 ? 7.933   23.201  -10.333 1.00 62.64  ? 434 MET A N     1 
ATOM   1492 C  CA    . MET C 3 118 ? 7.449   24.271  -11.170 1.00 62.64  ? 434 MET A CA    1 
ATOM   1493 C  C     . MET C 3 118 ? 8.192   25.576  -10.932 1.00 62.64  ? 434 MET A C     1 
ATOM   1494 O  O     . MET C 3 118 ? 8.046   26.525  -11.708 1.00 62.64  ? 434 MET A O     1 
ATOM   1495 C  CB    . MET C 3 118 ? 5.964   24.435  -10.952 1.00 143.88 ? 434 MET A CB    1 
ATOM   1496 C  CG    . MET C 3 118 ? 5.243   23.161  -11.268 1.00 143.88 ? 434 MET A CG    1 
ATOM   1497 S  SD    . MET C 3 118 ? 3.532   23.328  -10.918 1.00 143.88 ? 434 MET A SD    1 
ATOM   1498 C  CE    . MET C 3 118 ? 3.086   24.464  -12.200 1.00 143.88 ? 434 MET A CE    1 
ATOM   1499 N  N     . HIS C 3 119 ? 8.993   25.614  -9.866  1.00 103.81 ? 435 HIS A N     1 
ATOM   1500 C  CA    . HIS C 3 119 ? 9.778   26.800  -9.532  1.00 103.81 ? 435 HIS A CA    1 
ATOM   1501 C  C     . HIS C 3 119 ? 10.884  26.999  -10.560 1.00 103.81 ? 435 HIS A C     1 
ATOM   1502 O  O     . HIS C 3 119 ? 11.007  26.123  -11.446 1.00 103.81 ? 435 HIS A O     1 
ATOM   1503 C  CB    . HIS C 3 119 ? 10.408  26.670  -8.141  1.00 74.04  ? 435 HIS A CB    1 
ATOM   1504 C  CG    . HIS C 3 119 ? 9.677   27.424  -7.073  1.00 74.04  ? 435 HIS A CG    1 
ATOM   1505 N  ND1   . HIS C 3 119 ? 9.257   28.726  -7.237  1.00 74.04  ? 435 HIS A ND1   1 
ATOM   1506 C  CD2   . HIS C 3 119 ? 9.284   27.057  -5.828  1.00 74.04  ? 435 HIS A CD2   1 
ATOM   1507 C  CE1   . HIS C 3 119 ? 8.633   29.125  -6.144  1.00 74.04  ? 435 HIS A CE1   1 
ATOM   1508 N  NE2   . HIS C 3 119 ? 8.635   28.131  -5.275  1.00 74.04  ? 435 HIS A NE2   1 
ATOM   1509 O  OXT   . HIS C 3 119 ? 11.611  28.016  -10.460 1.00 103.81 ? 435 HIS A OXT   1 
HETATM 1510 ZN ZN    . ZN  D 4 .   ? 9.607   -22.452 1.214   1.00 101.35 ? 201 ZN  A ZN    1 
HETATM 1511 ZN ZN    . ZN  E 4 .   ? -7.216  -7.572  -11.268 1.00 88.71  ? 202 ZN  A ZN    1 
HETATM 1512 ZN ZN    . ZN  F 4 .   ? -14.930 14.758  3.483   1.00 88.71  ? 203 ZN  A ZN    1 
HETATM 1513 ZN ZN    . ZN  G 4 .   ? 7.460   27.571  -3.358  1.00 88.71  ? 204 ZN  A ZN    1 
# 
loop_
_pdbx_poly_seq_scheme.asym_id 
_pdbx_poly_seq_scheme.entity_id 
_pdbx_poly_seq_scheme.seq_id 
_pdbx_poly_seq_scheme.mon_id 
_pdbx_poly_seq_scheme.ndb_seq_num 
_pdbx_poly_seq_scheme.pdb_seq_num 
_pdbx_poly_seq_scheme.auth_seq_num 
_pdbx_poly_seq_scheme.pdb_mon_id 
_pdbx_poly_seq_scheme.auth_mon_id 
_pdbx_poly_seq_scheme.pdb_strand_id 
_pdbx_poly_seq_scheme.pdb_ins_code 
_pdbx_poly_seq_scheme.hetero 
A 1 1   DC  1   1   1   DC  DC  B . n 
A 1 2   DG  2   2   2   DG  DG  B . n 
A 1 3   DC  3   3   3   DC  DC  B . n 
A 1 4   DG  4   4   4   DG  DG  B . n 
A 1 5   DG  5   5   5   DG  DG  B . n 
A 1 6   DG  6   6   6   DG  DG  B . n 
A 1 7   DG  7   7   7   DG  DG  B . n 
A 1 8   DG  8   8   8   DG  DG  B . n 
A 1 9   DC  9   9   9   DC  DC  B . n 
A 1 10  DG  10  10  10  DG  DG  B . n 
A 1 11  DT  11  11  11  DT  DT  B . n 
A 1 12  DC  12  12  12  DC  DC  B . n 
A 1 13  DT  13  13  ?   ?   ?   B . n 
A 1 14  DG  14  14  ?   ?   ?   B . n 
B 2 1   DC  1   49  49  DC  DC  C . n 
B 2 2   DA  2   50  50  DA  DA  C . n 
B 2 3   DG  3   51  51  DG  DG  C . n 
B 2 4   DA  4   52  52  DA  DA  C . n 
B 2 5   DC  5   53  53  DC  DC  C . n 
B 2 6   DG  6   54  54  DG  DG  C . n 
B 2 7   DC  7   55  55  DC  DC  C . n 
B 2 8   DC  8   56  56  DC  DC  C . n 
B 2 9   DC  9   57  57  DC  DC  C . n 
B 2 10  DC  10  58  58  DC  DC  C . n 
B 2 11  DC  11  59  59  DC  DC  C . n 
B 2 12  DG  12  60  60  DG  DG  C . n 
B 2 13  DC  13  61  61  DC  DC  C . n 
B 2 14  DG  14  62  62  DG  DG  C . n 
C 3 1   ALA 1   317 ?   ?   ?   A . n 
C 3 2   SER 2   318 ?   ?   ?   A . n 
C 3 3   GLU 3   319 ?   ?   ?   A . n 
C 3 4   LYS 4   320 ?   ?   ?   A . n 
C 3 5   ARG 5   321 321 ARG ARG A . n 
C 3 6   PRO 6   322 322 PRO PRO A . n 
C 3 7   PHE 7   323 323 PHE PHE A . n 
C 3 8   MET 8   324 324 MET MET A . n 
C 3 9   CYS 9   325 325 CYS CYS A . n 
C 3 10  ALA 10  326 326 ALA ALA A . n 
C 3 11  TYR 11  327 327 TYR TYR A . n 
C 3 12  PRO 12  328 328 PRO PRO A . n 
C 3 13  GLY 13  329 329 GLY GLY A . n 
C 3 14  CYS 14  330 330 CYS CYS A . n 
C 3 15  ASN 15  331 331 ASN ASN A . n 
C 3 16  LYS 16  332 332 LYS LYS A . n 
C 3 17  ARG 17  333 333 ARG ARG A . n 
C 3 18  TYR 18  334 334 TYR TYR A . n 
C 3 19  PHE 19  335 335 PHE PHE A . n 
C 3 20  LYS 20  336 336 LYS LYS A . n 
C 3 21  LEU 21  337 337 LEU LEU A . n 
C 3 22  SER 22  338 338 SER SER A . n 
C 3 23  HIS 23  339 339 HIS HIS A . n 
C 3 24  LEU 24  340 340 LEU LEU A . n 
C 3 25  GLN 25  341 341 GLN GLN A . n 
C 3 26  MET 26  342 342 MET MET A . n 
C 3 27  HIS 27  343 343 HIS HIS A . n 
C 3 28  SER 28  344 344 SER SER A . n 
C 3 29  ARG 29  345 345 ARG ARG A . n 
C 3 30  LYS 30  346 346 LYS LYS A . n 
C 3 31  HIS 31  347 347 HIS HIS A . n 
C 3 32  THR 32  348 348 THR THR A . n 
C 3 33  GLY 33  349 349 GLY GLY A . n 
C 3 34  GLU 34  350 350 GLU GLU A . n 
C 3 35  LYS 35  351 351 LYS LYS A . n 
C 3 36  PRO 36  352 352 PRO PRO A . n 
C 3 37  TYR 37  353 353 TYR TYR A . n 
C 3 38  GLN 38  354 354 GLN GLN A . n 
C 3 39  CYS 39  355 355 CYS CYS A . n 
C 3 40  ASP 40  356 356 ASP ASP A . n 
C 3 41  PHE 41  357 357 PHE PHE A . n 
C 3 42  LYS 42  358 358 LYS LYS A . n 
C 3 43  ASP 43  359 359 ASP ASP A . n 
C 3 44  CYS 44  360 360 CYS CYS A . n 
C 3 45  GLU 45  361 361 GLU GLU A . n 
C 3 46  ARG 46  362 362 ARG ARG A . n 
C 3 47  ARG 47  363 363 ARG ARG A . n 
C 3 48  PHE 48  364 364 PHE PHE A . n 
C 3 49  SER 49  365 365 SER SER A . n 
C 3 50  ARG 50  366 366 ARG ARG A . n 
C 3 51  SER 51  367 367 SER SER A . n 
C 3 52  ASP 52  368 368 ASP ASP A . n 
C 3 53  GLN 53  369 369 GLN GLN A . n 
C 3 54  LEU 54  370 370 LEU LEU A . n 
C 3 55  LYS 55  371 371 LYS LYS A . n 
C 3 56  ARG 56  372 372 ARG ARG A . n 
C 3 57  HIS 57  373 373 HIS HIS A . n 
C 3 58  GLN 58  374 374 GLN GLN A . n 
C 3 59  ARG 59  375 375 ARG ARG A . n 
C 3 60  ARG 60  376 376 ARG ARG A . n 
C 3 61  HIS 61  377 377 HIS HIS A . n 
C 3 62  THR 62  378 378 THR THR A . n 
C 3 63  GLY 63  379 379 GLY GLY A . n 
C 3 64  VAL 64  380 380 VAL VAL A . n 
C 3 65  LYS 65  381 381 LYS LYS A . n 
C 3 66  PRO 66  382 382 PRO PRO A . n 
C 3 67  PHE 67  383 383 PHE PHE A . n 
C 3 68  GLN 68  384 384 GLN GLN A . n 
C 3 69  CYS 69  385 385 CYS CYS A . n 
C 3 70  LYS 70  386 386 LYS LYS A . n 
C 3 71  THR 71  387 387 THR THR A . n 
C 3 72  CYS 72  388 388 CYS CYS A . n 
C 3 73  GLN 73  389 389 GLN GLN A . n 
C 3 74  ARG 74  390 390 ARG ARG A . n 
C 3 75  LYS 75  391 391 LYS LYS A . n 
C 3 76  PHE 76  392 392 PHE PHE A . n 
C 3 77  SER 77  393 393 SER SER A . n 
C 3 78  ARG 78  394 394 ARG ARG A . n 
C 3 79  SER 79  395 395 SER SER A . n 
C 3 80  ASP 80  396 396 ASP ASP A . n 
C 3 81  HIS 81  397 397 HIS HIS A . n 
C 3 82  LEU 82  398 398 LEU LEU A . n 
C 3 83  LYS 83  399 399 LYS LYS A . n 
C 3 84  THR 84  400 400 THR THR A . n 
C 3 85  HIS 85  401 401 HIS HIS A . n 
C 3 86  THR 86  402 402 THR THR A . n 
C 3 87  ARG 87  403 403 ARG ARG A . n 
C 3 88  THR 88  404 404 THR THR A . n 
C 3 89  HIS 89  405 405 HIS HIS A . n 
C 3 90  THR 90  406 406 THR THR A . n 
C 3 91  GLY 91  407 407 GLY GLY A . n 
C 3 92  GLU 92  408 408 GLU GLU A . n 
C 3 93  LYS 93  409 409 LYS LYS A . n 
C 3 94  PRO 94  410 410 PRO PRO A . n 
C 3 95  PHE 95  411 411 PHE PHE A . n 
C 3 96  SER 96  412 412 SER SER A . n 
C 3 97  CYS 97  413 413 CYS CYS A . n 
C 3 98  ARG 98  414 414 ARG ARG A . n 
C 3 99  TRP 99  415 415 TRP TRP A . n 
C 3 100 PRO 100 416 416 PRO PRO A . n 
C 3 101 SER 101 417 417 SER SER A . n 
C 3 102 CYS 102 418 418 CYS CYS A . n 
C 3 103 GLN 103 419 419 GLN GLN A . n 
C 3 104 LYS 104 420 420 LYS LYS A . n 
C 3 105 LYS 105 421 421 LYS LYS A . n 
C 3 106 PHE 106 422 422 PHE PHE A . n 
C 3 107 ALA 107 423 423 ALA ALA A . n 
C 3 108 ARG 108 424 424 ARG ARG A . n 
C 3 109 SER 109 425 425 SER SER A . n 
C 3 110 ASP 110 426 426 ASP ASP A . n 
C 3 111 GLU 111 427 427 GLU GLU A . n 
C 3 112 LEU 112 428 428 LEU LEU A . n 
C 3 113 VAL 113 429 429 VAL VAL A . n 
C 3 114 ARG 114 430 430 ARG ARG A . n 
C 3 115 HIS 115 431 431 HIS HIS A . n 
C 3 116 HIS 116 432 432 HIS HIS A . n 
C 3 117 ASN 117 433 433 ASN ASN A . n 
C 3 118 MET 118 434 434 MET MET A . n 
C 3 119 HIS 119 435 435 HIS HIS A . n 
# 
loop_
_pdbx_nonpoly_scheme.asym_id 
_pdbx_nonpoly_scheme.entity_id 
_pdbx_nonpoly_scheme.mon_id 
_pdbx_nonpoly_scheme.ndb_seq_num 
_pdbx_nonpoly_scheme.pdb_seq_num 
_pdbx_nonpoly_scheme.auth_seq_num 
_pdbx_nonpoly_scheme.pdb_mon_id 
_pdbx_nonpoly_scheme.auth_mon_id 
_pdbx_nonpoly_scheme.pdb_strand_id 
_pdbx_nonpoly_scheme.pdb_ins_code 
D 4 ZN 1 201 201 ZN ZN A . 
E 4 ZN 1 202 202 ZN ZN A . 
F 4 ZN 1 203 203 ZN ZN A . 
G 4 ZN 1 204 204 ZN ZN A . 
# 
_pdbx_struct_assembly.id                   1 
_pdbx_struct_assembly.details              author_and_software_defined_assembly 
_pdbx_struct_assembly.method_details       PISA 
_pdbx_struct_assembly.oligomeric_details   trimeric 
_pdbx_struct_assembly.oligomeric_count     3 
# 
_pdbx_struct_assembly_gen.assembly_id       1 
_pdbx_struct_assembly_gen.oper_expression   1 
_pdbx_struct_assembly_gen.asym_id_list      A,B,C,D,E,F,G 
# 
loop_
_pdbx_struct_assembly_prop.biol_id 
_pdbx_struct_assembly_prop.type 
_pdbx_struct_assembly_prop.value 
_pdbx_struct_assembly_prop.details 
1 'ABSA (A^2)' 4160  ? 
1 MORE         -17.3 ? 
1 'SSA (A^2)'  11430 ? 
# 
_pdbx_struct_oper_list.id                   1 
_pdbx_struct_oper_list.type                 'identity operation' 
_pdbx_struct_oper_list.name                 1_555 
_pdbx_struct_oper_list.symmetry_operation   x,y,z 
_pdbx_struct_oper_list.matrix[1][1]         1.0000000000 
_pdbx_struct_oper_list.matrix[1][2]         0.0000000000 
_pdbx_struct_oper_list.matrix[1][3]         0.0000000000 
_pdbx_struct_oper_list.vector[1]            0.0000000000 
_pdbx_struct_oper_list.matrix[2][1]         0.0000000000 
_pdbx_struct_oper_list.matrix[2][2]         1.0000000000 
_pdbx_struct_oper_list.matrix[2][3]         0.0000000000 
_pdbx_struct_oper_list.vector[2]            0.0000000000 
_pdbx_struct_oper_list.matrix[3][1]         0.0000000000 
_pdbx_struct_oper_list.matrix[3][2]         0.0000000000 
_pdbx_struct_oper_list.matrix[3][3]         1.0000000000 
_pdbx_struct_oper_list.vector[3]            0.0000000000 
# 
loop_
_pdbx_struct_conn_angle.id 
_pdbx_struct_conn_angle.ptnr1_label_atom_id 
_pdbx_struct_conn_angle.ptnr1_label_alt_id 
_pdbx_struct_conn_angle.ptnr1_label_asym_id 
_pdbx_struct_conn_angle.ptnr1_label_comp_id 
_pdbx_struct_conn_angle.ptnr1_label_seq_id 
_pdbx_struct_conn_angle.ptnr1_auth_atom_id 
_pdbx_struct_conn_angle.ptnr1_auth_asym_id 
_pdbx_struct_conn_angle.ptnr1_auth_comp_id 
_pdbx_struct_conn_angle.ptnr1_auth_seq_id 
_pdbx_struct_conn_angle.ptnr1_PDB_ins_code 
_pdbx_struct_conn_angle.ptnr1_symmetry 
_pdbx_struct_conn_angle.ptnr2_label_atom_id 
_pdbx_struct_conn_angle.ptnr2_label_alt_id 
_pdbx_struct_conn_angle.ptnr2_label_asym_id 
_pdbx_struct_conn_angle.ptnr2_label_comp_id 
_pdbx_struct_conn_angle.ptnr2_label_seq_id 
_pdbx_struct_conn_angle.ptnr2_auth_atom_id 
_pdbx_struct_conn_angle.ptnr2_auth_asym_id 
_pdbx_struct_conn_angle.ptnr2_auth_comp_id 
_pdbx_struct_conn_angle.ptnr2_auth_seq_id 
_pdbx_struct_conn_angle.ptnr2_PDB_ins_code 
_pdbx_struct_conn_angle.ptnr2_symmetry 
_pdbx_struct_conn_angle.ptnr3_label_atom_id 
_pdbx_struct_conn_angle.ptnr3_label_alt_id 
_pdbx_struct_conn_angle.ptnr3_label_asym_id 
_pdbx_struct_conn_angle.ptnr3_label_comp_id 
_pdbx_struct_conn_angle.ptnr3_label_seq_id 
_pdbx_struct_conn_angle.ptnr3_auth_atom_id 
_pdbx_struct_conn_angle.ptnr3_auth_asym_id 
_pdbx_struct_conn_angle.ptnr3_auth_comp_id 
_pdbx_struct_conn_angle.ptnr3_auth_seq_id 
_pdbx_struct_conn_angle.ptnr3_PDB_ins_code 
_pdbx_struct_conn_angle.ptnr3_symmetry 
_pdbx_struct_conn_angle.value 
_pdbx_struct_conn_angle.value_esd 
1  SG  ? C CYS 9   ? A CYS 325 ? 1_555 ZN ? D ZN . ? A ZN 201 ? 1_555 SG  ? C CYS 14  ? A CYS 330 ? 1_555 167.6 ? 
2  SG  ? C CYS 9   ? A CYS 325 ? 1_555 ZN ? D ZN . ? A ZN 201 ? 1_555 NE2 ? C HIS 27  ? A HIS 343 ? 1_555 80.3  ? 
3  SG  ? C CYS 14  ? A CYS 330 ? 1_555 ZN ? D ZN . ? A ZN 201 ? 1_555 NE2 ? C HIS 27  ? A HIS 343 ? 1_555 111.2 ? 
4  SG  ? C CYS 9   ? A CYS 325 ? 1_555 ZN ? D ZN . ? A ZN 201 ? 1_555 NE2 ? C HIS 31  ? A HIS 347 ? 1_555 95.2  ? 
5  SG  ? C CYS 14  ? A CYS 330 ? 1_555 ZN ? D ZN . ? A ZN 201 ? 1_555 NE2 ? C HIS 31  ? A HIS 347 ? 1_555 83.4  ? 
6  NE2 ? C HIS 27  ? A HIS 343 ? 1_555 ZN ? D ZN . ? A ZN 201 ? 1_555 NE2 ? C HIS 31  ? A HIS 347 ? 1_555 76.9  ? 
7  SG  ? C CYS 39  ? A CYS 355 ? 1_555 ZN ? E ZN . ? A ZN 202 ? 1_555 SG  ? C CYS 44  ? A CYS 360 ? 1_555 139.0 ? 
8  SG  ? C CYS 39  ? A CYS 355 ? 1_555 ZN ? E ZN . ? A ZN 202 ? 1_555 NE2 ? C HIS 57  ? A HIS 373 ? 1_555 107.8 ? 
9  SG  ? C CYS 44  ? A CYS 360 ? 1_555 ZN ? E ZN . ? A ZN 202 ? 1_555 NE2 ? C HIS 57  ? A HIS 373 ? 1_555 102.2 ? 
10 SG  ? C CYS 39  ? A CYS 355 ? 1_555 ZN ? E ZN . ? A ZN 202 ? 1_555 NE2 ? C HIS 61  ? A HIS 377 ? 1_555 99.9  ? 
11 SG  ? C CYS 44  ? A CYS 360 ? 1_555 ZN ? E ZN . ? A ZN 202 ? 1_555 NE2 ? C HIS 61  ? A HIS 377 ? 1_555 106.3 ? 
12 NE2 ? C HIS 57  ? A HIS 373 ? 1_555 ZN ? E ZN . ? A ZN 202 ? 1_555 NE2 ? C HIS 61  ? A HIS 377 ? 1_555 92.3  ? 
13 SG  ? C CYS 69  ? A CYS 385 ? 1_555 ZN ? F ZN . ? A ZN 203 ? 1_555 SG  ? C CYS 72  ? A CYS 388 ? 1_555 85.8  ? 
14 SG  ? C CYS 69  ? A CYS 385 ? 1_555 ZN ? F ZN . ? A ZN 203 ? 1_555 NE2 ? C HIS 85  ? A HIS 401 ? 1_555 89.2  ? 
15 SG  ? C CYS 72  ? A CYS 388 ? 1_555 ZN ? F ZN . ? A ZN 203 ? 1_555 NE2 ? C HIS 85  ? A HIS 401 ? 1_555 76.3  ? 
16 SG  ? C CYS 69  ? A CYS 385 ? 1_555 ZN ? F ZN . ? A ZN 203 ? 1_555 NE2 ? C HIS 89  ? A HIS 405 ? 1_555 109.7 ? 
17 SG  ? C CYS 72  ? A CYS 388 ? 1_555 ZN ? F ZN . ? A ZN 203 ? 1_555 NE2 ? C HIS 89  ? A HIS 405 ? 1_555 151.4 ? 
18 NE2 ? C HIS 85  ? A HIS 401 ? 1_555 ZN ? F ZN . ? A ZN 203 ? 1_555 NE2 ? C HIS 89  ? A HIS 405 ? 1_555 126.0 ? 
19 SG  ? C CYS 97  ? A CYS 413 ? 1_555 ZN ? G ZN . ? A ZN 204 ? 1_555 SG  ? C CYS 102 ? A CYS 418 ? 1_555 138.6 ? 
20 SG  ? C CYS 97  ? A CYS 413 ? 1_555 ZN ? G ZN . ? A ZN 204 ? 1_555 NE2 ? C HIS 115 ? A HIS 431 ? 1_555 122.7 ? 
21 SG  ? C CYS 102 ? A CYS 418 ? 1_555 ZN ? G ZN . ? A ZN 204 ? 1_555 NE2 ? C HIS 115 ? A HIS 431 ? 1_555 97.5  ? 
22 SG  ? C CYS 97  ? A CYS 413 ? 1_555 ZN ? G ZN . ? A ZN 204 ? 1_555 NE2 ? C HIS 119 ? A HIS 435 ? 1_555 107.0 ? 
23 SG  ? C CYS 102 ? A CYS 418 ? 1_555 ZN ? G ZN . ? A ZN 204 ? 1_555 NE2 ? C HIS 119 ? A HIS 435 ? 1_555 81.9  ? 
24 NE2 ? C HIS 115 ? A HIS 431 ? 1_555 ZN ? G ZN . ? A ZN 204 ? 1_555 NE2 ? C HIS 119 ? A HIS 435 ? 1_555 87.7  ? 
# 
loop_
_pdbx_audit_revision_history.ordinal 
_pdbx_audit_revision_history.data_content_type 
_pdbx_audit_revision_history.major_revision 
_pdbx_audit_revision_history.minor_revision 
_pdbx_audit_revision_history.revision_date 
1 'Structure model' 1 0 2008-03-04 
2 'Structure model' 1 1 2011-07-13 
3 'Structure model' 1 2 2023-08-30 
# 
_pdbx_audit_revision_details.ordinal             1 
_pdbx_audit_revision_details.revision_ordinal    1 
_pdbx_audit_revision_details.data_content_type   'Structure model' 
_pdbx_audit_revision_details.provider            repository 
_pdbx_audit_revision_details.type                'Initial release' 
_pdbx_audit_revision_details.description         ? 
_pdbx_audit_revision_details.details             ? 
# 
loop_
_pdbx_audit_revision_group.ordinal 
_pdbx_audit_revision_group.revision_ordinal 
_pdbx_audit_revision_group.data_content_type 
_pdbx_audit_revision_group.group 
1 2 'Structure model' 'Version format compliance' 
2 3 'Structure model' 'Data collection'           
3 3 'Structure model' 'Database references'       
4 3 'Structure model' 'Derived calculations'      
5 3 'Structure model' 'Refinement description'    
# 
loop_
_pdbx_audit_revision_category.ordinal 
_pdbx_audit_revision_category.revision_ordinal 
_pdbx_audit_revision_category.data_content_type 
_pdbx_audit_revision_category.category 
1 3 'Structure model' chem_comp_atom                
2 3 'Structure model' chem_comp_bond                
3 3 'Structure model' database_2                    
4 3 'Structure model' pdbx_initial_refinement_model 
5 3 'Structure model' struct_conn                   
6 3 'Structure model' struct_ref_seq_dif            
7 3 'Structure model' struct_site                   
# 
loop_
_pdbx_audit_revision_item.ordinal 
_pdbx_audit_revision_item.revision_ordinal 
_pdbx_audit_revision_item.data_content_type 
_pdbx_audit_revision_item.item 
1  3 'Structure model' '_database_2.pdbx_DOI'                
2  3 'Structure model' '_database_2.pdbx_database_accession' 
3  3 'Structure model' '_struct_conn.ptnr1_auth_comp_id'     
4  3 'Structure model' '_struct_conn.ptnr1_auth_seq_id'      
5  3 'Structure model' '_struct_conn.ptnr1_label_asym_id'    
6  3 'Structure model' '_struct_conn.ptnr1_label_atom_id'    
7  3 'Structure model' '_struct_conn.ptnr1_label_comp_id'    
8  3 'Structure model' '_struct_conn.ptnr1_label_seq_id'     
9  3 'Structure model' '_struct_conn.ptnr2_auth_comp_id'     
10 3 'Structure model' '_struct_conn.ptnr2_auth_seq_id'      
11 3 'Structure model' '_struct_conn.ptnr2_label_asym_id'    
12 3 'Structure model' '_struct_conn.ptnr2_label_atom_id'    
13 3 'Structure model' '_struct_conn.ptnr2_label_comp_id'    
14 3 'Structure model' '_struct_conn.ptnr2_label_seq_id'     
15 3 'Structure model' '_struct_ref_seq_dif.details'         
16 3 'Structure model' '_struct_site.pdbx_auth_asym_id'      
17 3 'Structure model' '_struct_site.pdbx_auth_comp_id'      
18 3 'Structure model' '_struct_site.pdbx_auth_seq_id'       
# 
_software.name             CNS 
_software.classification   refinement 
_software.version          . 
_software.citation_id      ? 
_software.pdbx_ordinal     1 
# 
_pdbx_validate_rmsd_angle.id                         1 
_pdbx_validate_rmsd_angle.PDB_model_num              1 
_pdbx_validate_rmsd_angle.auth_atom_id_1             "O4'" 
_pdbx_validate_rmsd_angle.auth_asym_id_1             B 
_pdbx_validate_rmsd_angle.auth_comp_id_1             DC 
_pdbx_validate_rmsd_angle.auth_seq_id_1              3 
_pdbx_validate_rmsd_angle.PDB_ins_code_1             ? 
_pdbx_validate_rmsd_angle.label_alt_id_1             ? 
_pdbx_validate_rmsd_angle.auth_atom_id_2             "C1'" 
_pdbx_validate_rmsd_angle.auth_asym_id_2             B 
_pdbx_validate_rmsd_angle.auth_comp_id_2             DC 
_pdbx_validate_rmsd_angle.auth_seq_id_2              3 
_pdbx_validate_rmsd_angle.PDB_ins_code_2             ? 
_pdbx_validate_rmsd_angle.label_alt_id_2             ? 
_pdbx_validate_rmsd_angle.auth_atom_id_3             N1 
_pdbx_validate_rmsd_angle.auth_asym_id_3             B 
_pdbx_validate_rmsd_angle.auth_comp_id_3             DC 
_pdbx_validate_rmsd_angle.auth_seq_id_3              3 
_pdbx_validate_rmsd_angle.PDB_ins_code_3             ? 
_pdbx_validate_rmsd_angle.label_alt_id_3             ? 
_pdbx_validate_rmsd_angle.angle_value                110.19 
_pdbx_validate_rmsd_angle.angle_target_value         108.30 
_pdbx_validate_rmsd_angle.angle_deviation            1.89 
_pdbx_validate_rmsd_angle.angle_standard_deviation   0.30 
_pdbx_validate_rmsd_angle.linker_flag                N 
# 
loop_
_pdbx_validate_torsion.id 
_pdbx_validate_torsion.PDB_model_num 
_pdbx_validate_torsion.auth_comp_id 
_pdbx_validate_torsion.auth_asym_id 
_pdbx_validate_torsion.auth_seq_id 
_pdbx_validate_torsion.PDB_ins_code 
_pdbx_validate_torsion.label_alt_id 
_pdbx_validate_torsion.phi 
_pdbx_validate_torsion.psi 
1  1 PHE A 335 ? ? -30.95 -74.39 
2  1 ARG A 345 ? ? -48.49 -17.46 
3  1 HIS A 347 ? ? -57.35 -5.38  
4  1 THR A 348 ? ? -19.56 -44.40 
5  1 ASP A 356 ? ? -75.28 43.30  
6  1 ASP A 359 ? ? 55.84  -1.95  
7  1 HIS A 377 ? ? -95.30 -69.49 
8  1 THR A 387 ? ? -96.74 -65.10 
9  1 GLN A 389 ? ? 59.68  15.48  
10 1 PRO A 416 ? ? -54.29 101.14 
11 1 SER A 417 ? ? 59.00  -10.43 
12 1 CYS A 418 ? ? -67.08 72.49  
# 
loop_
_pdbx_validate_planes.id 
_pdbx_validate_planes.PDB_model_num 
_pdbx_validate_planes.auth_comp_id 
_pdbx_validate_planes.auth_asym_id 
_pdbx_validate_planes.auth_seq_id 
_pdbx_validate_planes.PDB_ins_code 
_pdbx_validate_planes.label_alt_id 
_pdbx_validate_planes.rmsd 
_pdbx_validate_planes.type 
1 1 DC B 3 ? ? 0.079 'SIDE CHAIN' 
2 1 DG B 5 ? ? 0.055 'SIDE CHAIN' 
3 1 DG B 6 ? ? 0.079 'SIDE CHAIN' 
# 
loop_
_pdbx_unobs_or_zero_occ_residues.id 
_pdbx_unobs_or_zero_occ_residues.PDB_model_num 
_pdbx_unobs_or_zero_occ_residues.polymer_flag 
_pdbx_unobs_or_zero_occ_residues.occupancy_flag 
_pdbx_unobs_or_zero_occ_residues.auth_asym_id 
_pdbx_unobs_or_zero_occ_residues.auth_comp_id 
_pdbx_unobs_or_zero_occ_residues.auth_seq_id 
_pdbx_unobs_or_zero_occ_residues.PDB_ins_code 
_pdbx_unobs_or_zero_occ_residues.label_asym_id 
_pdbx_unobs_or_zero_occ_residues.label_comp_id 
_pdbx_unobs_or_zero_occ_residues.label_seq_id 
1 1 Y 1 B DT  13  ? A DT  13 
2 1 Y 1 B DG  14  ? A DG  14 
3 1 Y 1 A ALA 317 ? C ALA 1  
4 1 Y 1 A SER 318 ? C SER 2  
5 1 Y 1 A GLU 319 ? C GLU 3  
6 1 Y 1 A LYS 320 ? C LYS 4  
# 
loop_
_chem_comp_atom.comp_id 
_chem_comp_atom.atom_id 
_chem_comp_atom.type_symbol 
_chem_comp_atom.pdbx_aromatic_flag 
_chem_comp_atom.pdbx_stereo_config 
_chem_comp_atom.pdbx_ordinal 
ALA N      N  N N 1   
ALA CA     C  N S 2   
ALA C      C  N N 3   
ALA O      O  N N 4   
ALA CB     C  N N 5   
ALA OXT    O  N N 6   
ALA H      H  N N 7   
ALA H2     H  N N 8   
ALA HA     H  N N 9   
ALA HB1    H  N N 10  
ALA HB2    H  N N 11  
ALA HB3    H  N N 12  
ALA HXT    H  N N 13  
ARG N      N  N N 14  
ARG CA     C  N S 15  
ARG C      C  N N 16  
ARG O      O  N N 17  
ARG CB     C  N N 18  
ARG CG     C  N N 19  
ARG CD     C  N N 20  
ARG NE     N  N N 21  
ARG CZ     C  N N 22  
ARG NH1    N  N N 23  
ARG NH2    N  N N 24  
ARG OXT    O  N N 25  
ARG H      H  N N 26  
ARG H2     H  N N 27  
ARG HA     H  N N 28  
ARG HB2    H  N N 29  
ARG HB3    H  N N 30  
ARG HG2    H  N N 31  
ARG HG3    H  N N 32  
ARG HD2    H  N N 33  
ARG HD3    H  N N 34  
ARG HE     H  N N 35  
ARG HH11   H  N N 36  
ARG HH12   H  N N 37  
ARG HH21   H  N N 38  
ARG HH22   H  N N 39  
ARG HXT    H  N N 40  
ASN N      N  N N 41  
ASN CA     C  N S 42  
ASN C      C  N N 43  
ASN O      O  N N 44  
ASN CB     C  N N 45  
ASN CG     C  N N 46  
ASN OD1    O  N N 47  
ASN ND2    N  N N 48  
ASN OXT    O  N N 49  
ASN H      H  N N 50  
ASN H2     H  N N 51  
ASN HA     H  N N 52  
ASN HB2    H  N N 53  
ASN HB3    H  N N 54  
ASN HD21   H  N N 55  
ASN HD22   H  N N 56  
ASN HXT    H  N N 57  
ASP N      N  N N 58  
ASP CA     C  N S 59  
ASP C      C  N N 60  
ASP O      O  N N 61  
ASP CB     C  N N 62  
ASP CG     C  N N 63  
ASP OD1    O  N N 64  
ASP OD2    O  N N 65  
ASP OXT    O  N N 66  
ASP H      H  N N 67  
ASP H2     H  N N 68  
ASP HA     H  N N 69  
ASP HB2    H  N N 70  
ASP HB3    H  N N 71  
ASP HD2    H  N N 72  
ASP HXT    H  N N 73  
CYS N      N  N N 74  
CYS CA     C  N R 75  
CYS C      C  N N 76  
CYS O      O  N N 77  
CYS CB     C  N N 78  
CYS SG     S  N N 79  
CYS OXT    O  N N 80  
CYS H      H  N N 81  
CYS H2     H  N N 82  
CYS HA     H  N N 83  
CYS HB2    H  N N 84  
CYS HB3    H  N N 85  
CYS HG     H  N N 86  
CYS HXT    H  N N 87  
DA  OP3    O  N N 88  
DA  P      P  N N 89  
DA  OP1    O  N N 90  
DA  OP2    O  N N 91  
DA  "O5'"  O  N N 92  
DA  "C5'"  C  N N 93  
DA  "C4'"  C  N R 94  
DA  "O4'"  O  N N 95  
DA  "C3'"  C  N S 96  
DA  "O3'"  O  N N 97  
DA  "C2'"  C  N N 98  
DA  "C1'"  C  N R 99  
DA  N9     N  Y N 100 
DA  C8     C  Y N 101 
DA  N7     N  Y N 102 
DA  C5     C  Y N 103 
DA  C6     C  Y N 104 
DA  N6     N  N N 105 
DA  N1     N  Y N 106 
DA  C2     C  Y N 107 
DA  N3     N  Y N 108 
DA  C4     C  Y N 109 
DA  HOP3   H  N N 110 
DA  HOP2   H  N N 111 
DA  "H5'"  H  N N 112 
DA  "H5''" H  N N 113 
DA  "H4'"  H  N N 114 
DA  "H3'"  H  N N 115 
DA  "HO3'" H  N N 116 
DA  "H2'"  H  N N 117 
DA  "H2''" H  N N 118 
DA  "H1'"  H  N N 119 
DA  H8     H  N N 120 
DA  H61    H  N N 121 
DA  H62    H  N N 122 
DA  H2     H  N N 123 
DC  OP3    O  N N 124 
DC  P      P  N N 125 
DC  OP1    O  N N 126 
DC  OP2    O  N N 127 
DC  "O5'"  O  N N 128 
DC  "C5'"  C  N N 129 
DC  "C4'"  C  N R 130 
DC  "O4'"  O  N N 131 
DC  "C3'"  C  N S 132 
DC  "O3'"  O  N N 133 
DC  "C2'"  C  N N 134 
DC  "C1'"  C  N R 135 
DC  N1     N  N N 136 
DC  C2     C  N N 137 
DC  O2     O  N N 138 
DC  N3     N  N N 139 
DC  C4     C  N N 140 
DC  N4     N  N N 141 
DC  C5     C  N N 142 
DC  C6     C  N N 143 
DC  HOP3   H  N N 144 
DC  HOP2   H  N N 145 
DC  "H5'"  H  N N 146 
DC  "H5''" H  N N 147 
DC  "H4'"  H  N N 148 
DC  "H3'"  H  N N 149 
DC  "HO3'" H  N N 150 
DC  "H2'"  H  N N 151 
DC  "H2''" H  N N 152 
DC  "H1'"  H  N N 153 
DC  H41    H  N N 154 
DC  H42    H  N N 155 
DC  H5     H  N N 156 
DC  H6     H  N N 157 
DG  OP3    O  N N 158 
DG  P      P  N N 159 
DG  OP1    O  N N 160 
DG  OP2    O  N N 161 
DG  "O5'"  O  N N 162 
DG  "C5'"  C  N N 163 
DG  "C4'"  C  N R 164 
DG  "O4'"  O  N N 165 
DG  "C3'"  C  N S 166 
DG  "O3'"  O  N N 167 
DG  "C2'"  C  N N 168 
DG  "C1'"  C  N R 169 
DG  N9     N  Y N 170 
DG  C8     C  Y N 171 
DG  N7     N  Y N 172 
DG  C5     C  Y N 173 
DG  C6     C  N N 174 
DG  O6     O  N N 175 
DG  N1     N  N N 176 
DG  C2     C  N N 177 
DG  N2     N  N N 178 
DG  N3     N  N N 179 
DG  C4     C  Y N 180 
DG  HOP3   H  N N 181 
DG  HOP2   H  N N 182 
DG  "H5'"  H  N N 183 
DG  "H5''" H  N N 184 
DG  "H4'"  H  N N 185 
DG  "H3'"  H  N N 186 
DG  "HO3'" H  N N 187 
DG  "H2'"  H  N N 188 
DG  "H2''" H  N N 189 
DG  "H1'"  H  N N 190 
DG  H8     H  N N 191 
DG  H1     H  N N 192 
DG  H21    H  N N 193 
DG  H22    H  N N 194 
DT  OP3    O  N N 195 
DT  P      P  N N 196 
DT  OP1    O  N N 197 
DT  OP2    O  N N 198 
DT  "O5'"  O  N N 199 
DT  "C5'"  C  N N 200 
DT  "C4'"  C  N R 201 
DT  "O4'"  O  N N 202 
DT  "C3'"  C  N S 203 
DT  "O3'"  O  N N 204 
DT  "C2'"  C  N N 205 
DT  "C1'"  C  N R 206 
DT  N1     N  N N 207 
DT  C2     C  N N 208 
DT  O2     O  N N 209 
DT  N3     N  N N 210 
DT  C4     C  N N 211 
DT  O4     O  N N 212 
DT  C5     C  N N 213 
DT  C7     C  N N 214 
DT  C6     C  N N 215 
DT  HOP3   H  N N 216 
DT  HOP2   H  N N 217 
DT  "H5'"  H  N N 218 
DT  "H5''" H  N N 219 
DT  "H4'"  H  N N 220 
DT  "H3'"  H  N N 221 
DT  "HO3'" H  N N 222 
DT  "H2'"  H  N N 223 
DT  "H2''" H  N N 224 
DT  "H1'"  H  N N 225 
DT  H3     H  N N 226 
DT  H71    H  N N 227 
DT  H72    H  N N 228 
DT  H73    H  N N 229 
DT  H6     H  N N 230 
GLN N      N  N N 231 
GLN CA     C  N S 232 
GLN C      C  N N 233 
GLN O      O  N N 234 
GLN CB     C  N N 235 
GLN CG     C  N N 236 
GLN CD     C  N N 237 
GLN OE1    O  N N 238 
GLN NE2    N  N N 239 
GLN OXT    O  N N 240 
GLN H      H  N N 241 
GLN H2     H  N N 242 
GLN HA     H  N N 243 
GLN HB2    H  N N 244 
GLN HB3    H  N N 245 
GLN HG2    H  N N 246 
GLN HG3    H  N N 247 
GLN HE21   H  N N 248 
GLN HE22   H  N N 249 
GLN HXT    H  N N 250 
GLU N      N  N N 251 
GLU CA     C  N S 252 
GLU C      C  N N 253 
GLU O      O  N N 254 
GLU CB     C  N N 255 
GLU CG     C  N N 256 
GLU CD     C  N N 257 
GLU OE1    O  N N 258 
GLU OE2    O  N N 259 
GLU OXT    O  N N 260 
GLU H      H  N N 261 
GLU H2     H  N N 262 
GLU HA     H  N N 263 
GLU HB2    H  N N 264 
GLU HB3    H  N N 265 
GLU HG2    H  N N 266 
GLU HG3    H  N N 267 
GLU HE2    H  N N 268 
GLU HXT    H  N N 269 
GLY N      N  N N 270 
GLY CA     C  N N 271 
GLY C      C  N N 272 
GLY O      O  N N 273 
GLY OXT    O  N N 274 
GLY H      H  N N 275 
GLY H2     H  N N 276 
GLY HA2    H  N N 277 
GLY HA3    H  N N 278 
GLY HXT    H  N N 279 
HIS N      N  N N 280 
HIS CA     C  N S 281 
HIS C      C  N N 282 
HIS O      O  N N 283 
HIS CB     C  N N 284 
HIS CG     C  Y N 285 
HIS ND1    N  Y N 286 
HIS CD2    C  Y N 287 
HIS CE1    C  Y N 288 
HIS NE2    N  Y N 289 
HIS OXT    O  N N 290 
HIS H      H  N N 291 
HIS H2     H  N N 292 
HIS HA     H  N N 293 
HIS HB2    H  N N 294 
HIS HB3    H  N N 295 
HIS HD1    H  N N 296 
HIS HD2    H  N N 297 
HIS HE1    H  N N 298 
HIS HE2    H  N N 299 
HIS HXT    H  N N 300 
LEU N      N  N N 301 
LEU CA     C  N S 302 
LEU C      C  N N 303 
LEU O      O  N N 304 
LEU CB     C  N N 305 
LEU CG     C  N N 306 
LEU CD1    C  N N 307 
LEU CD2    C  N N 308 
LEU OXT    O  N N 309 
LEU H      H  N N 310 
LEU H2     H  N N 311 
LEU HA     H  N N 312 
LEU HB2    H  N N 313 
LEU HB3    H  N N 314 
LEU HG     H  N N 315 
LEU HD11   H  N N 316 
LEU HD12   H  N N 317 
LEU HD13   H  N N 318 
LEU HD21   H  N N 319 
LEU HD22   H  N N 320 
LEU HD23   H  N N 321 
LEU HXT    H  N N 322 
LYS N      N  N N 323 
LYS CA     C  N S 324 
LYS C      C  N N 325 
LYS O      O  N N 326 
LYS CB     C  N N 327 
LYS CG     C  N N 328 
LYS CD     C  N N 329 
LYS CE     C  N N 330 
LYS NZ     N  N N 331 
LYS OXT    O  N N 332 
LYS H      H  N N 333 
LYS H2     H  N N 334 
LYS HA     H  N N 335 
LYS HB2    H  N N 336 
LYS HB3    H  N N 337 
LYS HG2    H  N N 338 
LYS HG3    H  N N 339 
LYS HD2    H  N N 340 
LYS HD3    H  N N 341 
LYS HE2    H  N N 342 
LYS HE3    H  N N 343 
LYS HZ1    H  N N 344 
LYS HZ2    H  N N 345 
LYS HZ3    H  N N 346 
LYS HXT    H  N N 347 
MET N      N  N N 348 
MET CA     C  N S 349 
MET C      C  N N 350 
MET O      O  N N 351 
MET CB     C  N N 352 
MET CG     C  N N 353 
MET SD     S  N N 354 
MET CE     C  N N 355 
MET OXT    O  N N 356 
MET H      H  N N 357 
MET H2     H  N N 358 
MET HA     H  N N 359 
MET HB2    H  N N 360 
MET HB3    H  N N 361 
MET HG2    H  N N 362 
MET HG3    H  N N 363 
MET HE1    H  N N 364 
MET HE2    H  N N 365 
MET HE3    H  N N 366 
MET HXT    H  N N 367 
PHE N      N  N N 368 
PHE CA     C  N S 369 
PHE C      C  N N 370 
PHE O      O  N N 371 
PHE CB     C  N N 372 
PHE CG     C  Y N 373 
PHE CD1    C  Y N 374 
PHE CD2    C  Y N 375 
PHE CE1    C  Y N 376 
PHE CE2    C  Y N 377 
PHE CZ     C  Y N 378 
PHE OXT    O  N N 379 
PHE H      H  N N 380 
PHE H2     H  N N 381 
PHE HA     H  N N 382 
PHE HB2    H  N N 383 
PHE HB3    H  N N 384 
PHE HD1    H  N N 385 
PHE HD2    H  N N 386 
PHE HE1    H  N N 387 
PHE HE2    H  N N 388 
PHE HZ     H  N N 389 
PHE HXT    H  N N 390 
PRO N      N  N N 391 
PRO CA     C  N S 392 
PRO C      C  N N 393 
PRO O      O  N N 394 
PRO CB     C  N N 395 
PRO CG     C  N N 396 
PRO CD     C  N N 397 
PRO OXT    O  N N 398 
PRO H      H  N N 399 
PRO HA     H  N N 400 
PRO HB2    H  N N 401 
PRO HB3    H  N N 402 
PRO HG2    H  N N 403 
PRO HG3    H  N N 404 
PRO HD2    H  N N 405 
PRO HD3    H  N N 406 
PRO HXT    H  N N 407 
SER N      N  N N 408 
SER CA     C  N S 409 
SER C      C  N N 410 
SER O      O  N N 411 
SER CB     C  N N 412 
SER OG     O  N N 413 
SER OXT    O  N N 414 
SER H      H  N N 415 
SER H2     H  N N 416 
SER HA     H  N N 417 
SER HB2    H  N N 418 
SER HB3    H  N N 419 
SER HG     H  N N 420 
SER HXT    H  N N 421 
THR N      N  N N 422 
THR CA     C  N S 423 
THR C      C  N N 424 
THR O      O  N N 425 
THR CB     C  N R 426 
THR OG1    O  N N 427 
THR CG2    C  N N 428 
THR OXT    O  N N 429 
THR H      H  N N 430 
THR H2     H  N N 431 
THR HA     H  N N 432 
THR HB     H  N N 433 
THR HG1    H  N N 434 
THR HG21   H  N N 435 
THR HG22   H  N N 436 
THR HG23   H  N N 437 
THR HXT    H  N N 438 
TRP N      N  N N 439 
TRP CA     C  N S 440 
TRP C      C  N N 441 
TRP O      O  N N 442 
TRP CB     C  N N 443 
TRP CG     C  Y N 444 
TRP CD1    C  Y N 445 
TRP CD2    C  Y N 446 
TRP NE1    N  Y N 447 
TRP CE2    C  Y N 448 
TRP CE3    C  Y N 449 
TRP CZ2    C  Y N 450 
TRP CZ3    C  Y N 451 
TRP CH2    C  Y N 452 
TRP OXT    O  N N 453 
TRP H      H  N N 454 
TRP H2     H  N N 455 
TRP HA     H  N N 456 
TRP HB2    H  N N 457 
TRP HB3    H  N N 458 
TRP HD1    H  N N 459 
TRP HE1    H  N N 460 
TRP HE3    H  N N 461 
TRP HZ2    H  N N 462 
TRP HZ3    H  N N 463 
TRP HH2    H  N N 464 
TRP HXT    H  N N 465 
TYR N      N  N N 466 
TYR CA     C  N S 467 
TYR C      C  N N 468 
TYR O      O  N N 469 
TYR CB     C  N N 470 
TYR CG     C  Y N 471 
TYR CD1    C  Y N 472 
TYR CD2    C  Y N 473 
TYR CE1    C  Y N 474 
TYR CE2    C  Y N 475 
TYR CZ     C  Y N 476 
TYR OH     O  N N 477 
TYR OXT    O  N N 478 
TYR H      H  N N 479 
TYR H2     H  N N 480 
TYR HA     H  N N 481 
TYR HB2    H  N N 482 
TYR HB3    H  N N 483 
TYR HD1    H  N N 484 
TYR HD2    H  N N 485 
TYR HE1    H  N N 486 
TYR HE2    H  N N 487 
TYR HH     H  N N 488 
TYR HXT    H  N N 489 
VAL N      N  N N 490 
VAL CA     C  N S 491 
VAL C      C  N N 492 
VAL O      O  N N 493 
VAL CB     C  N N 494 
VAL CG1    C  N N 495 
VAL CG2    C  N N 496 
VAL OXT    O  N N 497 
VAL H      H  N N 498 
VAL H2     H  N N 499 
VAL HA     H  N N 500 
VAL HB     H  N N 501 
VAL HG11   H  N N 502 
VAL HG12   H  N N 503 
VAL HG13   H  N N 504 
VAL HG21   H  N N 505 
VAL HG22   H  N N 506 
VAL HG23   H  N N 507 
VAL HXT    H  N N 508 
ZN  ZN     ZN N N 509 
# 
loop_
_chem_comp_bond.comp_id 
_chem_comp_bond.atom_id_1 
_chem_comp_bond.atom_id_2 
_chem_comp_bond.value_order 
_chem_comp_bond.pdbx_aromatic_flag 
_chem_comp_bond.pdbx_stereo_config 
_chem_comp_bond.pdbx_ordinal 
ALA N     CA     sing N N 1   
ALA N     H      sing N N 2   
ALA N     H2     sing N N 3   
ALA CA    C      sing N N 4   
ALA CA    CB     sing N N 5   
ALA CA    HA     sing N N 6   
ALA C     O      doub N N 7   
ALA C     OXT    sing N N 8   
ALA CB    HB1    sing N N 9   
ALA CB    HB2    sing N N 10  
ALA CB    HB3    sing N N 11  
ALA OXT   HXT    sing N N 12  
ARG N     CA     sing N N 13  
ARG N     H      sing N N 14  
ARG N     H2     sing N N 15  
ARG CA    C      sing N N 16  
ARG CA    CB     sing N N 17  
ARG CA    HA     sing N N 18  
ARG C     O      doub N N 19  
ARG C     OXT    sing N N 20  
ARG CB    CG     sing N N 21  
ARG CB    HB2    sing N N 22  
ARG CB    HB3    sing N N 23  
ARG CG    CD     sing N N 24  
ARG CG    HG2    sing N N 25  
ARG CG    HG3    sing N N 26  
ARG CD    NE     sing N N 27  
ARG CD    HD2    sing N N 28  
ARG CD    HD3    sing N N 29  
ARG NE    CZ     sing N N 30  
ARG NE    HE     sing N N 31  
ARG CZ    NH1    sing N N 32  
ARG CZ    NH2    doub N N 33  
ARG NH1   HH11   sing N N 34  
ARG NH1   HH12   sing N N 35  
ARG NH2   HH21   sing N N 36  
ARG NH2   HH22   sing N N 37  
ARG OXT   HXT    sing N N 38  
ASN N     CA     sing N N 39  
ASN N     H      sing N N 40  
ASN N     H2     sing N N 41  
ASN CA    C      sing N N 42  
ASN CA    CB     sing N N 43  
ASN CA    HA     sing N N 44  
ASN C     O      doub N N 45  
ASN C     OXT    sing N N 46  
ASN CB    CG     sing N N 47  
ASN CB    HB2    sing N N 48  
ASN CB    HB3    sing N N 49  
ASN CG    OD1    doub N N 50  
ASN CG    ND2    sing N N 51  
ASN ND2   HD21   sing N N 52  
ASN ND2   HD22   sing N N 53  
ASN OXT   HXT    sing N N 54  
ASP N     CA     sing N N 55  
ASP N     H      sing N N 56  
ASP N     H2     sing N N 57  
ASP CA    C      sing N N 58  
ASP CA    CB     sing N N 59  
ASP CA    HA     sing N N 60  
ASP C     O      doub N N 61  
ASP C     OXT    sing N N 62  
ASP CB    CG     sing N N 63  
ASP CB    HB2    sing N N 64  
ASP CB    HB3    sing N N 65  
ASP CG    OD1    doub N N 66  
ASP CG    OD2    sing N N 67  
ASP OD2   HD2    sing N N 68  
ASP OXT   HXT    sing N N 69  
CYS N     CA     sing N N 70  
CYS N     H      sing N N 71  
CYS N     H2     sing N N 72  
CYS CA    C      sing N N 73  
CYS CA    CB     sing N N 74  
CYS CA    HA     sing N N 75  
CYS C     O      doub N N 76  
CYS C     OXT    sing N N 77  
CYS CB    SG     sing N N 78  
CYS CB    HB2    sing N N 79  
CYS CB    HB3    sing N N 80  
CYS SG    HG     sing N N 81  
CYS OXT   HXT    sing N N 82  
DA  OP3   P      sing N N 83  
DA  OP3   HOP3   sing N N 84  
DA  P     OP1    doub N N 85  
DA  P     OP2    sing N N 86  
DA  P     "O5'"  sing N N 87  
DA  OP2   HOP2   sing N N 88  
DA  "O5'" "C5'"  sing N N 89  
DA  "C5'" "C4'"  sing N N 90  
DA  "C5'" "H5'"  sing N N 91  
DA  "C5'" "H5''" sing N N 92  
DA  "C4'" "O4'"  sing N N 93  
DA  "C4'" "C3'"  sing N N 94  
DA  "C4'" "H4'"  sing N N 95  
DA  "O4'" "C1'"  sing N N 96  
DA  "C3'" "O3'"  sing N N 97  
DA  "C3'" "C2'"  sing N N 98  
DA  "C3'" "H3'"  sing N N 99  
DA  "O3'" "HO3'" sing N N 100 
DA  "C2'" "C1'"  sing N N 101 
DA  "C2'" "H2'"  sing N N 102 
DA  "C2'" "H2''" sing N N 103 
DA  "C1'" N9     sing N N 104 
DA  "C1'" "H1'"  sing N N 105 
DA  N9    C8     sing Y N 106 
DA  N9    C4     sing Y N 107 
DA  C8    N7     doub Y N 108 
DA  C8    H8     sing N N 109 
DA  N7    C5     sing Y N 110 
DA  C5    C6     sing Y N 111 
DA  C5    C4     doub Y N 112 
DA  C6    N6     sing N N 113 
DA  C6    N1     doub Y N 114 
DA  N6    H61    sing N N 115 
DA  N6    H62    sing N N 116 
DA  N1    C2     sing Y N 117 
DA  C2    N3     doub Y N 118 
DA  C2    H2     sing N N 119 
DA  N3    C4     sing Y N 120 
DC  OP3   P      sing N N 121 
DC  OP3   HOP3   sing N N 122 
DC  P     OP1    doub N N 123 
DC  P     OP2    sing N N 124 
DC  P     "O5'"  sing N N 125 
DC  OP2   HOP2   sing N N 126 
DC  "O5'" "C5'"  sing N N 127 
DC  "C5'" "C4'"  sing N N 128 
DC  "C5'" "H5'"  sing N N 129 
DC  "C5'" "H5''" sing N N 130 
DC  "C4'" "O4'"  sing N N 131 
DC  "C4'" "C3'"  sing N N 132 
DC  "C4'" "H4'"  sing N N 133 
DC  "O4'" "C1'"  sing N N 134 
DC  "C3'" "O3'"  sing N N 135 
DC  "C3'" "C2'"  sing N N 136 
DC  "C3'" "H3'"  sing N N 137 
DC  "O3'" "HO3'" sing N N 138 
DC  "C2'" "C1'"  sing N N 139 
DC  "C2'" "H2'"  sing N N 140 
DC  "C2'" "H2''" sing N N 141 
DC  "C1'" N1     sing N N 142 
DC  "C1'" "H1'"  sing N N 143 
DC  N1    C2     sing N N 144 
DC  N1    C6     sing N N 145 
DC  C2    O2     doub N N 146 
DC  C2    N3     sing N N 147 
DC  N3    C4     doub N N 148 
DC  C4    N4     sing N N 149 
DC  C4    C5     sing N N 150 
DC  N4    H41    sing N N 151 
DC  N4    H42    sing N N 152 
DC  C5    C6     doub N N 153 
DC  C5    H5     sing N N 154 
DC  C6    H6     sing N N 155 
DG  OP3   P      sing N N 156 
DG  OP3   HOP3   sing N N 157 
DG  P     OP1    doub N N 158 
DG  P     OP2    sing N N 159 
DG  P     "O5'"  sing N N 160 
DG  OP2   HOP2   sing N N 161 
DG  "O5'" "C5'"  sing N N 162 
DG  "C5'" "C4'"  sing N N 163 
DG  "C5'" "H5'"  sing N N 164 
DG  "C5'" "H5''" sing N N 165 
DG  "C4'" "O4'"  sing N N 166 
DG  "C4'" "C3'"  sing N N 167 
DG  "C4'" "H4'"  sing N N 168 
DG  "O4'" "C1'"  sing N N 169 
DG  "C3'" "O3'"  sing N N 170 
DG  "C3'" "C2'"  sing N N 171 
DG  "C3'" "H3'"  sing N N 172 
DG  "O3'" "HO3'" sing N N 173 
DG  "C2'" "C1'"  sing N N 174 
DG  "C2'" "H2'"  sing N N 175 
DG  "C2'" "H2''" sing N N 176 
DG  "C1'" N9     sing N N 177 
DG  "C1'" "H1'"  sing N N 178 
DG  N9    C8     sing Y N 179 
DG  N9    C4     sing Y N 180 
DG  C8    N7     doub Y N 181 
DG  C8    H8     sing N N 182 
DG  N7    C5     sing Y N 183 
DG  C5    C6     sing N N 184 
DG  C5    C4     doub Y N 185 
DG  C6    O6     doub N N 186 
DG  C6    N1     sing N N 187 
DG  N1    C2     sing N N 188 
DG  N1    H1     sing N N 189 
DG  C2    N2     sing N N 190 
DG  C2    N3     doub N N 191 
DG  N2    H21    sing N N 192 
DG  N2    H22    sing N N 193 
DG  N3    C4     sing N N 194 
DT  OP3   P      sing N N 195 
DT  OP3   HOP3   sing N N 196 
DT  P     OP1    doub N N 197 
DT  P     OP2    sing N N 198 
DT  P     "O5'"  sing N N 199 
DT  OP2   HOP2   sing N N 200 
DT  "O5'" "C5'"  sing N N 201 
DT  "C5'" "C4'"  sing N N 202 
DT  "C5'" "H5'"  sing N N 203 
DT  "C5'" "H5''" sing N N 204 
DT  "C4'" "O4'"  sing N N 205 
DT  "C4'" "C3'"  sing N N 206 
DT  "C4'" "H4'"  sing N N 207 
DT  "O4'" "C1'"  sing N N 208 
DT  "C3'" "O3'"  sing N N 209 
DT  "C3'" "C2'"  sing N N 210 
DT  "C3'" "H3'"  sing N N 211 
DT  "O3'" "HO3'" sing N N 212 
DT  "C2'" "C1'"  sing N N 213 
DT  "C2'" "H2'"  sing N N 214 
DT  "C2'" "H2''" sing N N 215 
DT  "C1'" N1     sing N N 216 
DT  "C1'" "H1'"  sing N N 217 
DT  N1    C2     sing N N 218 
DT  N1    C6     sing N N 219 
DT  C2    O2     doub N N 220 
DT  C2    N3     sing N N 221 
DT  N3    C4     sing N N 222 
DT  N3    H3     sing N N 223 
DT  C4    O4     doub N N 224 
DT  C4    C5     sing N N 225 
DT  C5    C7     sing N N 226 
DT  C5    C6     doub N N 227 
DT  C7    H71    sing N N 228 
DT  C7    H72    sing N N 229 
DT  C7    H73    sing N N 230 
DT  C6    H6     sing N N 231 
GLN N     CA     sing N N 232 
GLN N     H      sing N N 233 
GLN N     H2     sing N N 234 
GLN CA    C      sing N N 235 
GLN CA    CB     sing N N 236 
GLN CA    HA     sing N N 237 
GLN C     O      doub N N 238 
GLN C     OXT    sing N N 239 
GLN CB    CG     sing N N 240 
GLN CB    HB2    sing N N 241 
GLN CB    HB3    sing N N 242 
GLN CG    CD     sing N N 243 
GLN CG    HG2    sing N N 244 
GLN CG    HG3    sing N N 245 
GLN CD    OE1    doub N N 246 
GLN CD    NE2    sing N N 247 
GLN NE2   HE21   sing N N 248 
GLN NE2   HE22   sing N N 249 
GLN OXT   HXT    sing N N 250 
GLU N     CA     sing N N 251 
GLU N     H      sing N N 252 
GLU N     H2     sing N N 253 
GLU CA    C      sing N N 254 
GLU CA    CB     sing N N 255 
GLU CA    HA     sing N N 256 
GLU C     O      doub N N 257 
GLU C     OXT    sing N N 258 
GLU CB    CG     sing N N 259 
GLU CB    HB2    sing N N 260 
GLU CB    HB3    sing N N 261 
GLU CG    CD     sing N N 262 
GLU CG    HG2    sing N N 263 
GLU CG    HG3    sing N N 264 
GLU CD    OE1    doub N N 265 
GLU CD    OE2    sing N N 266 
GLU OE2   HE2    sing N N 267 
GLU OXT   HXT    sing N N 268 
GLY N     CA     sing N N 269 
GLY N     H      sing N N 270 
GLY N     H2     sing N N 271 
GLY CA    C      sing N N 272 
GLY CA    HA2    sing N N 273 
GLY CA    HA3    sing N N 274 
GLY C     O      doub N N 275 
GLY C     OXT    sing N N 276 
GLY OXT   HXT    sing N N 277 
HIS N     CA     sing N N 278 
HIS N     H      sing N N 279 
HIS N     H2     sing N N 280 
HIS CA    C      sing N N 281 
HIS CA    CB     sing N N 282 
HIS CA    HA     sing N N 283 
HIS C     O      doub N N 284 
HIS C     OXT    sing N N 285 
HIS CB    CG     sing N N 286 
HIS CB    HB2    sing N N 287 
HIS CB    HB3    sing N N 288 
HIS CG    ND1    sing Y N 289 
HIS CG    CD2    doub Y N 290 
HIS ND1   CE1    doub Y N 291 
HIS ND1   HD1    sing N N 292 
HIS CD2   NE2    sing Y N 293 
HIS CD2   HD2    sing N N 294 
HIS CE1   NE2    sing Y N 295 
HIS CE1   HE1    sing N N 296 
HIS NE2   HE2    sing N N 297 
HIS OXT   HXT    sing N N 298 
LEU N     CA     sing N N 299 
LEU N     H      sing N N 300 
LEU N     H2     sing N N 301 
LEU CA    C      sing N N 302 
LEU CA    CB     sing N N 303 
LEU CA    HA     sing N N 304 
LEU C     O      doub N N 305 
LEU C     OXT    sing N N 306 
LEU CB    CG     sing N N 307 
LEU CB    HB2    sing N N 308 
LEU CB    HB3    sing N N 309 
LEU CG    CD1    sing N N 310 
LEU CG    CD2    sing N N 311 
LEU CG    HG     sing N N 312 
LEU CD1   HD11   sing N N 313 
LEU CD1   HD12   sing N N 314 
LEU CD1   HD13   sing N N 315 
LEU CD2   HD21   sing N N 316 
LEU CD2   HD22   sing N N 317 
LEU CD2   HD23   sing N N 318 
LEU OXT   HXT    sing N N 319 
LYS N     CA     sing N N 320 
LYS N     H      sing N N 321 
LYS N     H2     sing N N 322 
LYS CA    C      sing N N 323 
LYS CA    CB     sing N N 324 
LYS CA    HA     sing N N 325 
LYS C     O      doub N N 326 
LYS C     OXT    sing N N 327 
LYS CB    CG     sing N N 328 
LYS CB    HB2    sing N N 329 
LYS CB    HB3    sing N N 330 
LYS CG    CD     sing N N 331 
LYS CG    HG2    sing N N 332 
LYS CG    HG3    sing N N 333 
LYS CD    CE     sing N N 334 
LYS CD    HD2    sing N N 335 
LYS CD    HD3    sing N N 336 
LYS CE    NZ     sing N N 337 
LYS CE    HE2    sing N N 338 
LYS CE    HE3    sing N N 339 
LYS NZ    HZ1    sing N N 340 
LYS NZ    HZ2    sing N N 341 
LYS NZ    HZ3    sing N N 342 
LYS OXT   HXT    sing N N 343 
MET N     CA     sing N N 344 
MET N     H      sing N N 345 
MET N     H2     sing N N 346 
MET CA    C      sing N N 347 
MET CA    CB     sing N N 348 
MET CA    HA     sing N N 349 
MET C     O      doub N N 350 
MET C     OXT    sing N N 351 
MET CB    CG     sing N N 352 
MET CB    HB2    sing N N 353 
MET CB    HB3    sing N N 354 
MET CG    SD     sing N N 355 
MET CG    HG2    sing N N 356 
MET CG    HG3    sing N N 357 
MET SD    CE     sing N N 358 
MET CE    HE1    sing N N 359 
MET CE    HE2    sing N N 360 
MET CE    HE3    sing N N 361 
MET OXT   HXT    sing N N 362 
PHE N     CA     sing N N 363 
PHE N     H      sing N N 364 
PHE N     H2     sing N N 365 
PHE CA    C      sing N N 366 
PHE CA    CB     sing N N 367 
PHE CA    HA     sing N N 368 
PHE C     O      doub N N 369 
PHE C     OXT    sing N N 370 
PHE CB    CG     sing N N 371 
PHE CB    HB2    sing N N 372 
PHE CB    HB3    sing N N 373 
PHE CG    CD1    doub Y N 374 
PHE CG    CD2    sing Y N 375 
PHE CD1   CE1    sing Y N 376 
PHE CD1   HD1    sing N N 377 
PHE CD2   CE2    doub Y N 378 
PHE CD2   HD2    sing N N 379 
PHE CE1   CZ     doub Y N 380 
PHE CE1   HE1    sing N N 381 
PHE CE2   CZ     sing Y N 382 
PHE CE2   HE2    sing N N 383 
PHE CZ    HZ     sing N N 384 
PHE OXT   HXT    sing N N 385 
PRO N     CA     sing N N 386 
PRO N     CD     sing N N 387 
PRO N     H      sing N N 388 
PRO CA    C      sing N N 389 
PRO CA    CB     sing N N 390 
PRO CA    HA     sing N N 391 
PRO C     O      doub N N 392 
PRO C     OXT    sing N N 393 
PRO CB    CG     sing N N 394 
PRO CB    HB2    sing N N 395 
PRO CB    HB3    sing N N 396 
PRO CG    CD     sing N N 397 
PRO CG    HG2    sing N N 398 
PRO CG    HG3    sing N N 399 
PRO CD    HD2    sing N N 400 
PRO CD    HD3    sing N N 401 
PRO OXT   HXT    sing N N 402 
SER N     CA     sing N N 403 
SER N     H      sing N N 404 
SER N     H2     sing N N 405 
SER CA    C      sing N N 406 
SER CA    CB     sing N N 407 
SER CA    HA     sing N N 408 
SER C     O      doub N N 409 
SER C     OXT    sing N N 410 
SER CB    OG     sing N N 411 
SER CB    HB2    sing N N 412 
SER CB    HB3    sing N N 413 
SER OG    HG     sing N N 414 
SER OXT   HXT    sing N N 415 
THR N     CA     sing N N 416 
THR N     H      sing N N 417 
THR N     H2     sing N N 418 
THR CA    C      sing N N 419 
THR CA    CB     sing N N 420 
THR CA    HA     sing N N 421 
THR C     O      doub N N 422 
THR C     OXT    sing N N 423 
THR CB    OG1    sing N N 424 
THR CB    CG2    sing N N 425 
THR CB    HB     sing N N 426 
THR OG1   HG1    sing N N 427 
THR CG2   HG21   sing N N 428 
THR CG2   HG22   sing N N 429 
THR CG2   HG23   sing N N 430 
THR OXT   HXT    sing N N 431 
TRP N     CA     sing N N 432 
TRP N     H      sing N N 433 
TRP N     H2     sing N N 434 
TRP CA    C      sing N N 435 
TRP CA    CB     sing N N 436 
TRP CA    HA     sing N N 437 
TRP C     O      doub N N 438 
TRP C     OXT    sing N N 439 
TRP CB    CG     sing N N 440 
TRP CB    HB2    sing N N 441 
TRP CB    HB3    sing N N 442 
TRP CG    CD1    doub Y N 443 
TRP CG    CD2    sing Y N 444 
TRP CD1   NE1    sing Y N 445 
TRP CD1   HD1    sing N N 446 
TRP CD2   CE2    doub Y N 447 
TRP CD2   CE3    sing Y N 448 
TRP NE1   CE2    sing Y N 449 
TRP NE1   HE1    sing N N 450 
TRP CE2   CZ2    sing Y N 451 
TRP CE3   CZ3    doub Y N 452 
TRP CE3   HE3    sing N N 453 
TRP CZ2   CH2    doub Y N 454 
TRP CZ2   HZ2    sing N N 455 
TRP CZ3   CH2    sing Y N 456 
TRP CZ3   HZ3    sing N N 457 
TRP CH2   HH2    sing N N 458 
TRP OXT   HXT    sing N N 459 
TYR N     CA     sing N N 460 
TYR N     H      sing N N 461 
TYR N     H2     sing N N 462 
TYR CA    C      sing N N 463 
TYR CA    CB     sing N N 464 
TYR CA    HA     sing N N 465 
TYR C     O      doub N N 466 
TYR C     OXT    sing N N 467 
TYR CB    CG     sing N N 468 
TYR CB    HB2    sing N N 469 
TYR CB    HB3    sing N N 470 
TYR CG    CD1    doub Y N 471 
TYR CG    CD2    sing Y N 472 
TYR CD1   CE1    sing Y N 473 
TYR CD1   HD1    sing N N 474 
TYR CD2   CE2    doub Y N 475 
TYR CD2   HD2    sing N N 476 
TYR CE1   CZ     doub Y N 477 
TYR CE1   HE1    sing N N 478 
TYR CE2   CZ     sing Y N 479 
TYR CE2   HE2    sing N N 480 
TYR CZ    OH     sing N N 481 
TYR OH    HH     sing N N 482 
TYR OXT   HXT    sing N N 483 
VAL N     CA     sing N N 484 
VAL N     H      sing N N 485 
VAL N     H2     sing N N 486 
VAL CA    C      sing N N 487 
VAL CA    CB     sing N N 488 
VAL CA    HA     sing N N 489 
VAL C     O      doub N N 490 
VAL C     OXT    sing N N 491 
VAL CB    CG1    sing N N 492 
VAL CB    CG2    sing N N 493 
VAL CB    HB     sing N N 494 
VAL CG1   HG11   sing N N 495 
VAL CG1   HG12   sing N N 496 
VAL CG1   HG13   sing N N 497 
VAL CG2   HG21   sing N N 498 
VAL CG2   HG22   sing N N 499 
VAL CG2   HG23   sing N N 500 
VAL OXT   HXT    sing N N 501 
# 
loop_
_ndb_struct_conf_na.entry_id 
_ndb_struct_conf_na.feature 
2PRT 'double helix'        
2PRT 'b-form double helix' 
# 
loop_
_ndb_struct_na_base_pair.model_number 
_ndb_struct_na_base_pair.i_label_asym_id 
_ndb_struct_na_base_pair.i_label_comp_id 
_ndb_struct_na_base_pair.i_label_seq_id 
_ndb_struct_na_base_pair.i_symmetry 
_ndb_struct_na_base_pair.j_label_asym_id 
_ndb_struct_na_base_pair.j_label_comp_id 
_ndb_struct_na_base_pair.j_label_seq_id 
_ndb_struct_na_base_pair.j_symmetry 
_ndb_struct_na_base_pair.shear 
_ndb_struct_na_base_pair.stretch 
_ndb_struct_na_base_pair.stagger 
_ndb_struct_na_base_pair.buckle 
_ndb_struct_na_base_pair.propeller 
_ndb_struct_na_base_pair.opening 
_ndb_struct_na_base_pair.pair_number 
_ndb_struct_na_base_pair.pair_name 
_ndb_struct_na_base_pair.i_auth_asym_id 
_ndb_struct_na_base_pair.i_auth_seq_id 
_ndb_struct_na_base_pair.i_PDB_ins_code 
_ndb_struct_na_base_pair.j_auth_asym_id 
_ndb_struct_na_base_pair.j_auth_seq_id 
_ndb_struct_na_base_pair.j_PDB_ins_code 
_ndb_struct_na_base_pair.hbond_type_28 
_ndb_struct_na_base_pair.hbond_type_12 
1 A DC 1  1_555 B DG 14 1_555 -0.054 -0.363 -0.169 -0.968 -4.382 -0.798 1  B_DC1:DG62_C  B 1  ? C 62 ? 19 1 
1 A DG 2  1_555 B DC 13 1_555 -0.629 -0.185 0.033  1.196  -9.296 0.694  2  B_DG2:DC61_C  B 2  ? C 61 ? 19 1 
1 A DC 3  1_555 B DG 12 1_555 0.245  -0.024 -0.175 9.561  -3.341 -2.545 3  B_DC3:DG60_C  B 3  ? C 60 ? 19 1 
1 A DG 4  1_555 B DC 11 1_555 -0.561 -0.264 0.646  5.438  1.219  4.474  4  B_DG4:DC59_C  B 4  ? C 59 ? 19 1 
1 A DG 5  1_555 B DC 10 1_555 0.432  0.023  -0.271 -3.459 -5.618 -3.278 5  B_DG5:DC58_C  B 5  ? C 58 ? 19 1 
1 A DG 6  1_555 B DC 9  1_555 -0.423 -0.095 0.070  3.504  7.463  -0.875 6  B_DG6:DC57_C  B 6  ? C 57 ? 19 1 
1 A DG 7  1_555 B DC 8  1_555 -0.264 -0.364 -0.340 -5.457 7.648  -2.234 7  B_DG7:DC56_C  B 7  ? C 56 ? 19 1 
1 A DG 8  1_555 B DC 7  1_555 -0.699 -0.282 -0.786 -9.171 5.830  1.692  8  B_DG8:DC55_C  B 8  ? C 55 ? 19 1 
1 A DC 9  1_555 B DG 6  1_555 -0.076 0.011  -0.582 2.949  -0.979 6.165  9  B_DC9:DG54_C  B 9  ? C 54 ? 19 1 
1 A DG 10 1_555 B DC 5  1_555 -0.199 0.223  -0.212 5.430  1.722  -4.025 10 B_DG10:DC53_C B 10 ? C 53 ? 19 1 
1 A DT 11 1_555 B DA 4  1_555 -0.359 -0.199 -0.061 8.342  -7.923 3.828  11 B_DT11:DA52_C B 11 ? C 52 ? 20 1 
1 A DC 12 1_555 B DG 3  1_555 -0.555 -0.017 -0.158 7.852  -4.498 -1.410 12 B_DC12:DG51_C B 12 ? C 51 ? 19 1 
# 
loop_
_ndb_struct_na_base_pair_step.model_number 
_ndb_struct_na_base_pair_step.i_label_asym_id_1 
_ndb_struct_na_base_pair_step.i_label_comp_id_1 
_ndb_struct_na_base_pair_step.i_label_seq_id_1 
_ndb_struct_na_base_pair_step.i_symmetry_1 
_ndb_struct_na_base_pair_step.j_label_asym_id_1 
_ndb_struct_na_base_pair_step.j_label_comp_id_1 
_ndb_struct_na_base_pair_step.j_label_seq_id_1 
_ndb_struct_na_base_pair_step.j_symmetry_1 
_ndb_struct_na_base_pair_step.i_label_asym_id_2 
_ndb_struct_na_base_pair_step.i_label_comp_id_2 
_ndb_struct_na_base_pair_step.i_label_seq_id_2 
_ndb_struct_na_base_pair_step.i_symmetry_2 
_ndb_struct_na_base_pair_step.j_label_asym_id_2 
_ndb_struct_na_base_pair_step.j_label_comp_id_2 
_ndb_struct_na_base_pair_step.j_label_seq_id_2 
_ndb_struct_na_base_pair_step.j_symmetry_2 
_ndb_struct_na_base_pair_step.shift 
_ndb_struct_na_base_pair_step.slide 
_ndb_struct_na_base_pair_step.rise 
_ndb_struct_na_base_pair_step.tilt 
_ndb_struct_na_base_pair_step.roll 
_ndb_struct_na_base_pair_step.twist 
_ndb_struct_na_base_pair_step.x_displacement 
_ndb_struct_na_base_pair_step.y_displacement 
_ndb_struct_na_base_pair_step.helical_rise 
_ndb_struct_na_base_pair_step.inclination 
_ndb_struct_na_base_pair_step.tip 
_ndb_struct_na_base_pair_step.helical_twist 
_ndb_struct_na_base_pair_step.step_number 
_ndb_struct_na_base_pair_step.step_name 
_ndb_struct_na_base_pair_step.i_auth_asym_id_1 
_ndb_struct_na_base_pair_step.i_auth_seq_id_1 
_ndb_struct_na_base_pair_step.i_PDB_ins_code_1 
_ndb_struct_na_base_pair_step.j_auth_asym_id_1 
_ndb_struct_na_base_pair_step.j_auth_seq_id_1 
_ndb_struct_na_base_pair_step.j_PDB_ins_code_1 
_ndb_struct_na_base_pair_step.i_auth_asym_id_2 
_ndb_struct_na_base_pair_step.i_auth_seq_id_2 
_ndb_struct_na_base_pair_step.i_PDB_ins_code_2 
_ndb_struct_na_base_pair_step.j_auth_asym_id_2 
_ndb_struct_na_base_pair_step.j_auth_seq_id_2 
_ndb_struct_na_base_pair_step.j_PDB_ins_code_2 
1 A DC 1  1_555 B DG 14 1_555 A DG 2  1_555 B DC 13 1_555 0.357  1.489  3.376 -0.376 7.131 35.694 1.317  -0.629 3.594 11.492 0.605 
36.379 1  BB_DC1DG2:DC61DG62_CC   B 1  ? C 62 ? B 2  ? C 61 ? 
1 A DG 2  1_555 B DC 13 1_555 A DC 3  1_555 B DG 12 1_555 0.670  -0.111 3.046 1.071  4.094 32.493 -0.855 -1.015 3.030 7.278  
-1.905  32.760 2  BB_DG2DC3:DG60DC61_CC   B 2  ? C 61 ? B 3  ? C 60 ? 
1 A DC 3  1_555 B DG 12 1_555 A DG 4  1_555 B DC 11 1_555 0.226  -0.206 3.352 -7.209 1.316 35.789 -0.513 -1.374 3.238 2.114  
11.581  36.507 3  BB_DC3DG4:DC59DG60_CC   B 3  ? C 60 ? B 4  ? C 59 ? 
1 A DG 4  1_555 B DC 11 1_555 A DG 5  1_555 B DC 10 1_555 -0.012 -0.408 3.608 10.505 9.707 34.462 -2.046 1.542  3.242 15.578 
-16.861 37.229 4  BB_DG4DG5:DC58DC59_CC   B 4  ? C 59 ? B 5  ? C 58 ? 
1 A DG 5  1_555 B DC 10 1_555 A DG 6  1_555 B DC 9  1_555 -0.512 -0.602 3.038 -7.417 3.401 29.991 -1.737 -0.380 2.992 6.424  
14.010  31.057 5  BB_DG5DG6:DC57DC58_CC   B 5  ? C 58 ? B 6  ? C 57 ? 
1 A DG 6  1_555 B DC 9  1_555 A DG 7  1_555 B DC 8  1_555 -0.727 -1.271 3.477 0.886  7.840 35.662 -3.136 1.285  3.119 12.611 
-1.426  36.496 6  BB_DG6DG7:DC56DC57_CC   B 6  ? C 57 ? B 7  ? C 56 ? 
1 A DG 7  1_555 B DC 8  1_555 A DG 8  1_555 B DC 7  1_555 0.245  -0.580 3.649 2.643  4.414 28.880 -2.199 0.146  3.531 8.762  
-5.247  29.325 7  BB_DG7DG8:DC55DC56_CC   B 7  ? C 56 ? B 8  ? C 55 ? 
1 A DG 8  1_555 B DC 7  1_555 A DC 9  1_555 B DG 6  1_555 0.274  -0.485 2.945 -1.505 8.636 32.272 -2.102 -0.695 2.713 15.189 2.647 
33.411 8  BB_DG8DC9:DG54DC55_CC   B 8  ? C 55 ? B 9  ? C 54 ? 
1 A DC 9  1_555 B DG 6  1_555 A DG 10 1_555 B DC 5  1_555 -1.395 -0.443 3.509 -6.966 0.931 32.815 -0.938 1.141  3.705 1.625  
12.157  33.539 9  BB_DC9DG10:DC53DG54_CC  B 9  ? C 54 ? B 10 ? C 53 ? 
1 A DG 10 1_555 B DC 5  1_555 A DT 11 1_555 B DA 4  1_555 1.095  -0.863 3.259 0.861  3.510 30.913 -2.270 -1.878 3.173 6.556  
-1.609  31.118 10 BB_DG10DT11:DA52DC53_CC B 10 ? C 53 ? B 11 ? C 52 ? 
1 A DT 11 1_555 B DA 4  1_555 A DC 12 1_555 B DG 3  1_555 -1.178 0.263  3.287 -0.221 5.609 32.501 -0.504 2.038  3.293 9.930  0.392 
32.970 11 BB_DT11DC12:DG51DA52_CC B 11 ? C 52 ? B 12 ? C 51 ? 
# 
_pdbx_entity_nonpoly.entity_id   4 
_pdbx_entity_nonpoly.name        'ZINC ION' 
_pdbx_entity_nonpoly.comp_id     ZN 
# 
_pdbx_initial_refinement_model.id               1 
_pdbx_initial_refinement_model.entity_id_list   ? 
_pdbx_initial_refinement_model.type             'experimental model' 
_pdbx_initial_refinement_model.source_name      PDB 
_pdbx_initial_refinement_model.accession_code   1AAY 
_pdbx_initial_refinement_model.details          'PDB entry 1AAY' 
# 
